data_5WZ1
#
_entry.id   5WZ1
#
_cell.length_a   107.549
_cell.length_b   86.847
_cell.length_c   107.556
_cell.angle_alpha   90.00
_cell.angle_beta   97.39
_cell.angle_gamma   90.00
#
_symmetry.space_group_name_H-M   'P 1 21 1'
#
loop_
_entity.id
_entity.type
_entity.pdbx_description
1 polymer 'NS5 methyltransferase'
2 non-polymer S-ADENOSYLMETHIONINE
#
_entity_poly.entity_id   1
_entity_poly.type   'polypeptide(L)'
_entity_poly.pdbx_seq_one_letter_code
;HHHHHHGETLGEKWKARLNQMSALEFYSYKKSGITEVCREEARRALKDGVATGGHAVSRGSAKLRWLVERGYLQPYGKVI
DLGCGRGGWSYYAATIRKVQEVKGYTKGGPGHEEPVLVQSYGWNIVRLKSGVDVFHMAAEPCDTLLCDIGESSSSPEVEE
ARTLRVLSMVGDWLEKRPGAFCIKVLCPYTSTMMETLERLQRRYGGGLVRVPLSRNSTHEMYWVSGAKSNTIKSVSTTSQ
LLLGRMDGPRRPVKYEEDVNLGSGTRAVVSCAEAPN
;
_entity_poly.pdbx_strand_id   A,B,C,D,E,F,G,H
#
loop_
_chem_comp.id
_chem_comp.type
_chem_comp.name
_chem_comp.formula
SAM non-polymer S-ADENOSYLMETHIONINE 'C15 H22 N6 O5 S'
#
# COMPACT_ATOMS: atom_id res chain seq x y z
N GLU A 8 -11.03 -14.21 -13.19
CA GLU A 8 -9.80 -13.94 -12.44
C GLU A 8 -9.18 -15.25 -11.93
N THR A 9 -7.89 -15.43 -12.21
CA THR A 9 -7.18 -16.63 -11.79
C THR A 9 -6.62 -16.46 -10.38
N LEU A 10 -6.16 -17.56 -9.80
CA LEU A 10 -5.63 -17.52 -8.43
C LEU A 10 -4.33 -16.73 -8.34
N GLY A 11 -3.58 -16.73 -9.44
CA GLY A 11 -2.32 -15.99 -9.49
C GLY A 11 -2.55 -14.49 -9.50
N GLU A 12 -3.64 -14.07 -10.13
CA GLU A 12 -4.00 -12.66 -10.18
C GLU A 12 -4.47 -12.18 -8.80
N LYS A 13 -5.20 -13.04 -8.11
CA LYS A 13 -5.62 -12.75 -6.74
C LYS A 13 -4.40 -12.66 -5.85
N TRP A 14 -3.43 -13.54 -6.10
CA TRP A 14 -2.16 -13.51 -5.39
C TRP A 14 -1.43 -12.19 -5.63
N LYS A 15 -1.48 -11.73 -6.87
CA LYS A 15 -0.80 -10.50 -7.26
C LYS A 15 -1.43 -9.28 -6.58
N ALA A 16 -2.76 -9.19 -6.65
CA ALA A 16 -3.50 -8.10 -6.04
C ALA A 16 -3.28 -8.06 -4.53
N ARG A 17 -3.37 -9.23 -3.90
CA ARG A 17 -3.15 -9.34 -2.47
C ARG A 17 -1.73 -8.93 -2.12
N LEU A 18 -0.80 -9.27 -2.99
CA LEU A 18 0.60 -8.91 -2.80
C LEU A 18 0.78 -7.40 -2.83
N ASN A 19 0.12 -6.75 -3.80
CA ASN A 19 0.17 -5.30 -3.90
C ASN A 19 -0.49 -4.62 -2.72
N GLN A 20 -1.47 -5.31 -2.12
CA GLN A 20 -2.20 -4.77 -0.97
C GLN A 20 -1.34 -4.74 0.30
N MET A 21 -0.40 -5.67 0.40
CA MET A 21 0.34 -5.90 1.64
C MET A 21 1.20 -4.72 2.07
N SER A 22 1.41 -4.61 3.38
CA SER A 22 2.26 -3.58 3.95
C SER A 22 3.72 -3.96 3.81
N ALA A 23 4.62 -3.02 4.13
CA ALA A 23 6.05 -3.25 3.99
C ALA A 23 6.54 -4.33 4.96
N LEU A 24 5.97 -4.33 6.17
CA LEU A 24 6.30 -5.33 7.17
C LEU A 24 5.84 -6.71 6.73
N GLU A 25 4.57 -6.80 6.33
CA GLU A 25 3.99 -8.05 5.92
C GLU A 25 4.73 -8.62 4.72
N PHE A 26 5.10 -7.74 3.79
CA PHE A 26 5.84 -8.17 2.61
C PHE A 26 7.21 -8.67 3.00
N TYR A 27 7.86 -7.94 3.90
CA TYR A 27 9.18 -8.32 4.36
C TYR A 27 9.15 -9.73 4.95
N SER A 28 8.08 -10.04 5.68
CA SER A 28 7.94 -11.37 6.28
C SER A 28 7.51 -12.44 5.27
N TYR A 29 6.81 -12.01 4.23
CA TYR A 29 6.20 -12.97 3.31
C TYR A 29 7.14 -13.46 2.22
N LYS A 30 8.01 -12.57 1.73
CA LYS A 30 8.87 -12.88 0.59
C LYS A 30 9.69 -14.14 0.81
N LYS A 31 10.06 -14.43 2.05
CA LYS A 31 10.87 -15.60 2.36
C LYS A 31 10.17 -16.61 3.25
N SER A 32 8.88 -16.40 3.51
CA SER A 32 8.14 -17.28 4.40
C SER A 32 8.00 -18.69 3.82
N GLY A 33 8.71 -19.64 4.43
CA GLY A 33 8.57 -21.04 4.06
C GLY A 33 9.43 -21.50 2.91
N ILE A 34 10.09 -20.55 2.24
CA ILE A 34 10.86 -20.89 1.04
C ILE A 34 12.18 -21.57 1.40
N THR A 35 12.91 -21.98 0.37
CA THR A 35 14.24 -22.57 0.52
C THR A 35 15.27 -21.56 0.03
N GLU A 36 16.34 -21.35 0.78
CA GLU A 36 17.38 -20.45 0.30
C GLU A 36 18.79 -20.94 0.62
N VAL A 37 19.77 -20.23 0.07
CA VAL A 37 21.16 -20.61 0.15
C VAL A 37 21.99 -19.57 0.92
N CYS A 38 22.84 -20.03 1.82
CA CYS A 38 23.70 -19.14 2.58
C CYS A 38 24.83 -18.61 1.69
N ARG A 39 24.69 -17.37 1.26
CA ARG A 39 25.62 -16.78 0.29
C ARG A 39 26.67 -15.89 0.93
N GLU A 40 26.74 -15.91 2.25
CA GLU A 40 27.63 -15.02 2.99
C GLU A 40 29.09 -15.19 2.58
N GLU A 41 29.61 -16.39 2.76
CA GLU A 41 31.02 -16.67 2.49
C GLU A 41 31.36 -16.44 1.02
N ALA A 42 30.43 -16.79 0.14
CA ALA A 42 30.62 -16.59 -1.28
C ALA A 42 30.72 -15.10 -1.59
N ARG A 43 29.87 -14.31 -0.96
CA ARG A 43 29.90 -12.86 -1.11
C ARG A 43 31.23 -12.28 -0.66
N ARG A 44 31.68 -12.66 0.54
CA ARG A 44 32.96 -12.18 1.06
C ARG A 44 34.12 -12.54 0.14
N ALA A 45 34.19 -13.81 -0.24
CA ALA A 45 35.26 -14.29 -1.10
C ALA A 45 35.28 -13.55 -2.43
N LEU A 46 34.12 -13.44 -3.06
CA LEU A 46 34.01 -12.77 -4.36
C LEU A 46 34.38 -11.29 -4.25
N LYS A 47 33.97 -10.66 -3.16
CA LYS A 47 34.31 -9.25 -2.95
C LYS A 47 35.81 -9.08 -2.77
N ASP A 48 36.46 -10.09 -2.18
CA ASP A 48 37.90 -10.05 -1.97
C ASP A 48 38.72 -10.47 -3.19
N GLY A 49 38.03 -10.82 -4.28
CA GLY A 49 38.70 -11.18 -5.51
C GLY A 49 39.23 -12.59 -5.59
N VAL A 50 38.64 -13.50 -4.82
CA VAL A 50 39.03 -14.90 -4.87
C VAL A 50 38.34 -15.62 -6.03
N ALA A 51 39.11 -15.92 -7.07
CA ALA A 51 38.56 -16.56 -8.26
C ALA A 51 38.50 -18.08 -8.10
N THR A 52 39.21 -18.59 -7.09
CA THR A 52 39.15 -20.02 -6.77
C THR A 52 38.21 -20.25 -5.60
N GLY A 53 38.29 -21.43 -5.01
CA GLY A 53 37.46 -21.76 -3.86
C GLY A 53 36.17 -22.43 -4.26
N GLY A 54 35.81 -22.31 -5.54
CA GLY A 54 34.64 -22.96 -6.08
C GLY A 54 33.34 -22.22 -5.80
N HIS A 55 33.46 -20.96 -5.43
CA HIS A 55 32.29 -20.15 -5.09
C HIS A 55 31.40 -19.91 -6.31
N ALA A 56 30.10 -19.84 -6.07
CA ALA A 56 29.14 -19.50 -7.10
C ALA A 56 29.01 -17.98 -7.18
N VAL A 57 28.79 -17.46 -8.37
CA VAL A 57 28.73 -16.01 -8.58
C VAL A 57 27.36 -15.44 -8.24
N SER A 58 26.34 -16.29 -8.26
CA SER A 58 24.99 -15.87 -7.89
C SER A 58 24.20 -17.03 -7.33
N ARG A 59 22.92 -16.81 -7.10
CA ARG A 59 22.07 -17.86 -6.55
C ARG A 59 21.50 -18.75 -7.65
N GLY A 60 21.60 -18.28 -8.89
CA GLY A 60 21.09 -19.02 -10.03
C GLY A 60 21.65 -20.42 -10.12
N SER A 61 22.93 -20.57 -9.79
CA SER A 61 23.59 -21.87 -9.73
C SER A 61 22.81 -22.85 -8.87
N ALA A 62 22.39 -22.39 -7.69
CA ALA A 62 21.60 -23.18 -6.76
C ALA A 62 20.26 -23.55 -7.36
N LYS A 63 19.66 -22.63 -8.11
CA LYS A 63 18.41 -22.89 -8.79
C LYS A 63 18.58 -23.98 -9.85
N LEU A 64 19.47 -23.74 -10.80
CA LEU A 64 19.76 -24.69 -11.87
C LEU A 64 20.07 -26.07 -11.28
N ARG A 65 20.97 -26.09 -10.30
CA ARG A 65 21.29 -27.29 -9.55
C ARG A 65 20.01 -28.02 -9.14
N TRP A 66 19.14 -27.31 -8.41
CA TRP A 66 17.90 -27.89 -7.91
C TRP A 66 17.11 -28.59 -8.99
N LEU A 67 17.13 -28.04 -10.20
CA LEU A 67 16.45 -28.67 -11.34
C LEU A 67 17.23 -29.86 -11.89
N VAL A 68 18.52 -29.65 -12.18
CA VAL A 68 19.32 -30.68 -12.83
C VAL A 68 19.40 -31.94 -11.97
N GLU A 69 19.50 -31.79 -10.65
CA GLU A 69 19.58 -32.94 -9.76
C GLU A 69 18.20 -33.56 -9.48
N ARG A 70 17.25 -33.29 -10.36
CA ARG A 70 15.92 -33.89 -10.27
C ARG A 70 15.43 -34.33 -11.64
N GLY A 71 16.31 -34.19 -12.64
CA GLY A 71 16.04 -34.69 -13.97
C GLY A 71 15.09 -33.84 -14.78
N TYR A 72 14.83 -32.63 -14.30
CA TYR A 72 13.95 -31.70 -14.99
C TYR A 72 14.61 -31.23 -16.29
N LEU A 73 15.94 -31.33 -16.34
CA LEU A 73 16.69 -31.18 -17.58
C LEU A 73 18.08 -31.76 -17.40
N GLN A 74 18.66 -32.23 -18.49
CA GLN A 74 20.01 -32.78 -18.47
C GLN A 74 20.89 -32.05 -19.48
N PRO A 75 21.60 -31.01 -19.02
CA PRO A 75 22.49 -30.20 -19.85
C PRO A 75 23.54 -31.03 -20.59
N TYR A 76 23.71 -30.77 -21.88
CA TYR A 76 24.69 -31.49 -22.68
C TYR A 76 25.11 -30.67 -23.89
N GLY A 77 26.35 -30.85 -24.33
CA GLY A 77 26.84 -30.21 -25.54
C GLY A 77 27.04 -28.71 -25.47
N LYS A 78 26.61 -28.01 -26.52
CA LYS A 78 26.74 -26.56 -26.59
C LYS A 78 25.62 -25.86 -25.82
N VAL A 79 25.99 -25.06 -24.84
CA VAL A 79 25.03 -24.39 -23.98
C VAL A 79 24.96 -22.89 -24.28
N ILE A 80 23.74 -22.36 -24.34
CA ILE A 80 23.53 -20.92 -24.50
C ILE A 80 22.80 -20.35 -23.28
N ASP A 81 23.41 -19.39 -22.61
CA ASP A 81 22.77 -18.76 -21.45
C ASP A 81 22.26 -17.36 -21.78
N LEU A 82 20.95 -17.24 -21.98
CA LEU A 82 20.34 -15.97 -22.32
C LEU A 82 20.02 -15.15 -21.07
N GLY A 83 20.59 -13.96 -20.98
CA GLY A 83 20.46 -13.17 -19.79
C GLY A 83 21.24 -13.84 -18.67
N CYS A 84 22.50 -14.14 -18.94
CA CYS A 84 23.33 -14.89 -18.02
C CYS A 84 23.69 -14.08 -16.78
N GLY A 85 23.55 -12.76 -16.87
CA GLY A 85 23.85 -11.88 -15.76
C GLY A 85 25.27 -12.08 -15.24
N ARG A 86 25.38 -12.42 -13.96
CA ARG A 86 26.68 -12.68 -13.36
C ARG A 86 27.24 -14.01 -13.84
N GLY A 87 26.37 -14.94 -14.21
CA GLY A 87 26.78 -16.14 -14.90
C GLY A 87 26.72 -17.43 -14.10
N GLY A 88 25.84 -17.50 -13.12
CA GLY A 88 25.72 -18.68 -12.28
C GLY A 88 25.37 -19.95 -13.04
N TRP A 89 24.33 -19.85 -13.87
CA TRP A 89 23.90 -20.95 -14.71
C TRP A 89 25.01 -21.45 -15.63
N SER A 90 25.74 -20.51 -16.21
CA SER A 90 26.83 -20.83 -17.13
C SER A 90 27.92 -21.66 -16.47
N TYR A 91 28.34 -21.24 -15.29
CA TYR A 91 29.39 -21.97 -14.57
C TYR A 91 28.89 -23.33 -14.10
N TYR A 92 27.69 -23.35 -13.54
CA TYR A 92 27.11 -24.61 -13.10
C TYR A 92 27.07 -25.61 -14.25
N ALA A 93 26.57 -25.17 -15.40
CA ALA A 93 26.50 -26.01 -16.58
C ALA A 93 27.89 -26.44 -17.05
N ALA A 94 28.86 -25.53 -16.89
CA ALA A 94 30.23 -25.82 -17.28
C ALA A 94 30.86 -26.89 -16.41
N THR A 95 30.31 -27.11 -15.22
CA THR A 95 30.83 -28.18 -14.36
C THR A 95 30.29 -29.55 -14.72
N ILE A 96 29.44 -29.63 -15.75
CA ILE A 96 28.77 -30.88 -16.10
C ILE A 96 29.48 -31.65 -17.21
N ARG A 97 29.65 -32.95 -17.00
CA ARG A 97 30.39 -33.82 -17.92
C ARG A 97 29.94 -33.78 -19.38
N LYS A 98 28.64 -34.00 -19.60
CA LYS A 98 28.11 -34.06 -20.96
C LYS A 98 28.20 -32.70 -21.67
N VAL A 99 28.34 -31.64 -20.88
CA VAL A 99 28.44 -30.30 -21.43
C VAL A 99 29.81 -30.04 -22.05
N GLN A 100 29.81 -29.55 -23.29
CA GLN A 100 31.03 -29.34 -24.05
C GLN A 100 31.40 -27.86 -24.18
N GLU A 101 30.39 -27.00 -24.31
CA GLU A 101 30.63 -25.57 -24.48
C GLU A 101 29.49 -24.71 -23.91
N VAL A 102 29.86 -23.64 -23.21
CA VAL A 102 28.88 -22.74 -22.62
C VAL A 102 29.07 -21.31 -23.12
N LYS A 103 28.05 -20.77 -23.77
CA LYS A 103 28.08 -19.38 -24.25
C LYS A 103 26.95 -18.58 -23.61
N GLY A 104 27.31 -17.64 -22.75
CA GLY A 104 26.33 -16.80 -22.08
C GLY A 104 26.24 -15.41 -22.68
N TYR A 105 25.06 -14.80 -22.59
CA TYR A 105 24.85 -13.46 -23.13
C TYR A 105 23.96 -12.62 -22.22
N THR A 106 24.44 -11.46 -21.80
CA THR A 106 23.66 -10.60 -20.92
C THR A 106 23.67 -9.16 -21.42
N LYS A 107 22.77 -8.35 -20.87
CA LYS A 107 22.61 -6.97 -21.33
C LYS A 107 23.69 -6.05 -20.76
N GLY A 108 23.92 -6.14 -19.45
CA GLY A 108 24.93 -5.33 -18.82
C GLY A 108 24.57 -3.86 -18.81
N GLY A 109 25.56 -3.02 -18.50
CA GLY A 109 25.32 -1.59 -18.40
C GLY A 109 24.68 -1.25 -17.07
N PRO A 110 24.29 0.03 -16.89
CA PRO A 110 23.73 0.51 -15.62
C PRO A 110 22.42 -0.18 -15.24
N GLY A 111 22.35 -0.72 -14.03
CA GLY A 111 21.14 -1.37 -13.56
C GLY A 111 21.09 -2.86 -13.86
N HIS A 112 21.89 -3.29 -14.83
CA HIS A 112 21.94 -4.70 -15.21
C HIS A 112 23.27 -5.32 -14.81
N GLU A 113 23.22 -6.60 -14.48
CA GLU A 113 24.40 -7.32 -14.00
C GLU A 113 25.45 -7.49 -15.08
N GLU A 114 26.71 -7.39 -14.67
CA GLU A 114 27.83 -7.71 -15.53
C GLU A 114 28.35 -9.09 -15.14
N PRO A 115 28.87 -9.85 -16.12
CA PRO A 115 29.45 -11.16 -15.83
C PRO A 115 30.58 -11.11 -14.81
N VAL A 116 30.71 -12.14 -14.00
CA VAL A 116 31.77 -12.21 -13.01
C VAL A 116 32.81 -13.26 -13.40
N LEU A 117 34.06 -12.83 -13.47
CA LEU A 117 35.16 -13.70 -13.90
C LEU A 117 35.69 -14.56 -12.76
N VAL A 118 35.34 -15.84 -12.78
CA VAL A 118 35.72 -16.77 -11.74
C VAL A 118 36.30 -18.03 -12.39
N GLN A 119 37.30 -18.64 -11.77
CA GLN A 119 37.90 -19.84 -12.33
C GLN A 119 37.44 -21.10 -11.60
N SER A 120 36.13 -21.34 -11.61
CA SER A 120 35.58 -22.59 -11.10
C SER A 120 35.79 -23.69 -12.13
N TYR A 121 35.37 -24.90 -11.82
CA TYR A 121 35.64 -26.04 -12.69
C TYR A 121 34.99 -25.89 -14.06
N GLY A 122 35.81 -25.99 -15.10
CA GLY A 122 35.35 -25.83 -16.47
C GLY A 122 35.14 -24.37 -16.85
N TRP A 123 36.01 -23.49 -16.37
CA TRP A 123 35.88 -22.07 -16.63
C TRP A 123 36.45 -21.67 -17.99
N ASN A 124 37.20 -22.59 -18.61
CA ASN A 124 37.80 -22.31 -19.90
C ASN A 124 36.84 -22.62 -21.05
N ILE A 125 35.73 -23.28 -20.73
CA ILE A 125 34.74 -23.61 -21.74
C ILE A 125 33.57 -22.63 -21.68
N VAL A 126 33.61 -21.75 -20.70
CA VAL A 126 32.60 -20.71 -20.55
C VAL A 126 32.97 -19.50 -21.41
N ARG A 127 31.97 -18.77 -21.85
CA ARG A 127 32.18 -17.60 -22.67
C ARG A 127 31.04 -16.60 -22.46
N LEU A 128 31.23 -15.69 -21.50
CA LEU A 128 30.19 -14.73 -21.14
C LEU A 128 30.35 -13.42 -21.87
N LYS A 129 29.33 -13.04 -22.62
CA LYS A 129 29.38 -11.84 -23.43
C LYS A 129 28.33 -10.83 -22.97
N SER A 130 28.80 -9.70 -22.46
CA SER A 130 27.90 -8.64 -21.99
C SER A 130 27.61 -7.65 -23.10
N GLY A 131 26.80 -6.65 -22.80
CA GLY A 131 26.44 -5.63 -23.76
C GLY A 131 25.63 -6.21 -24.91
N VAL A 132 24.85 -7.22 -24.62
CA VAL A 132 24.07 -7.92 -25.64
C VAL A 132 22.59 -7.92 -25.32
N ASP A 133 21.77 -7.46 -26.25
CA ASP A 133 20.32 -7.51 -26.10
C ASP A 133 19.79 -8.67 -26.93
N VAL A 134 19.38 -9.73 -26.25
CA VAL A 134 19.00 -10.97 -26.89
C VAL A 134 17.73 -10.85 -27.72
N PHE A 135 17.00 -9.75 -27.52
CA PHE A 135 15.79 -9.51 -28.29
C PHE A 135 16.13 -9.07 -29.70
N HIS A 136 17.35 -8.62 -29.89
CA HIS A 136 17.81 -8.18 -31.21
C HIS A 136 18.97 -9.06 -31.67
N MET A 137 19.01 -10.27 -31.13
CA MET A 137 20.08 -11.21 -31.42
C MET A 137 19.57 -12.35 -32.26
N ALA A 138 20.36 -12.78 -33.24
CA ALA A 138 19.99 -13.89 -34.10
C ALA A 138 20.26 -15.22 -33.40
N ALA A 139 19.30 -16.13 -33.49
CA ALA A 139 19.44 -17.45 -32.86
C ALA A 139 20.48 -18.28 -33.58
N GLU A 140 21.19 -19.11 -32.83
CA GLU A 140 22.18 -20.03 -33.38
C GLU A 140 21.95 -21.42 -32.79
N PRO A 141 22.14 -22.47 -33.60
CA PRO A 141 21.90 -23.86 -33.17
C PRO A 141 22.70 -24.22 -31.92
N CYS A 142 22.04 -24.92 -31.01
CA CYS A 142 22.68 -25.33 -29.75
C CYS A 142 22.04 -26.60 -29.23
N ASP A 143 22.60 -27.14 -28.17
CA ASP A 143 22.07 -28.37 -27.58
C ASP A 143 21.36 -28.10 -26.26
N THR A 144 21.74 -27.01 -25.60
CA THR A 144 21.14 -26.64 -24.32
C THR A 144 20.73 -25.16 -24.31
N LEU A 145 19.43 -24.91 -24.30
CA LEU A 145 18.90 -23.55 -24.32
C LEU A 145 18.50 -23.09 -22.93
N LEU A 146 19.29 -22.20 -22.36
CA LEU A 146 18.97 -21.62 -21.06
C LEU A 146 18.52 -20.17 -21.22
N CYS A 147 17.54 -19.77 -20.42
CA CYS A 147 17.05 -18.41 -20.44
C CYS A 147 16.50 -18.04 -19.07
N ASP A 148 16.99 -16.95 -18.50
CA ASP A 148 16.54 -16.54 -17.18
C ASP A 148 16.13 -15.06 -17.20
N ILE A 149 15.31 -14.69 -18.18
CA ILE A 149 14.88 -13.31 -18.31
C ILE A 149 13.43 -13.13 -17.85
N GLY A 150 13.18 -12.04 -17.14
CA GLY A 150 11.85 -11.74 -16.63
C GLY A 150 11.93 -10.90 -15.38
N GLU A 151 11.83 -9.59 -15.55
CA GLU A 151 11.90 -8.67 -14.42
C GLU A 151 10.54 -8.46 -13.76
N SER A 152 10.50 -8.53 -12.44
CA SER A 152 9.26 -8.37 -11.69
C SER A 152 8.68 -6.96 -11.80
N SER A 153 7.36 -6.88 -11.89
CA SER A 153 6.65 -5.60 -11.92
C SER A 153 5.39 -5.67 -11.08
N SER A 154 4.97 -4.53 -10.55
CA SER A 154 3.73 -4.45 -9.79
C SER A 154 2.51 -4.66 -10.68
N SER A 155 2.71 -4.50 -11.99
CA SER A 155 1.62 -4.66 -12.94
C SER A 155 1.59 -6.05 -13.55
N PRO A 156 0.48 -6.77 -13.34
CA PRO A 156 0.26 -8.10 -13.92
C PRO A 156 0.28 -8.05 -15.43
N GLU A 157 -0.18 -6.94 -15.99
CA GLU A 157 -0.23 -6.75 -17.44
C GLU A 157 1.17 -6.60 -18.01
N VAL A 158 2.00 -5.84 -17.31
CA VAL A 158 3.39 -5.65 -17.68
C VAL A 158 4.14 -6.97 -17.63
N GLU A 159 3.98 -7.69 -16.52
CA GLU A 159 4.64 -8.98 -16.37
C GLU A 159 4.18 -9.96 -17.44
N GLU A 160 2.91 -9.90 -17.79
CA GLU A 160 2.38 -10.72 -18.86
C GLU A 160 3.03 -10.39 -20.20
N ALA A 161 3.10 -9.09 -20.52
CA ALA A 161 3.68 -8.67 -21.79
C ALA A 161 5.15 -9.05 -21.90
N ARG A 162 5.88 -8.82 -20.81
CA ARG A 162 7.29 -9.20 -20.72
C ARG A 162 7.46 -10.69 -20.95
N THR A 163 6.59 -11.47 -20.33
CA THR A 163 6.64 -12.92 -20.48
C THR A 163 6.35 -13.33 -21.92
N LEU A 164 5.42 -12.64 -22.57
CA LEU A 164 5.06 -12.93 -23.96
C LEU A 164 6.22 -12.66 -24.90
N ARG A 165 6.88 -11.52 -24.70
CA ARG A 165 8.03 -11.12 -25.49
C ARG A 165 9.15 -12.13 -25.33
N VAL A 166 9.39 -12.52 -24.08
CA VAL A 166 10.39 -13.52 -23.78
C VAL A 166 10.08 -14.84 -24.50
N LEU A 167 8.85 -15.32 -24.38
CA LEU A 167 8.44 -16.56 -25.00
C LEU A 167 8.54 -16.55 -26.52
N SER A 168 8.31 -15.40 -27.14
CA SER A 168 8.51 -15.30 -28.59
C SER A 168 9.99 -15.42 -28.92
N MET A 169 10.78 -14.60 -28.24
CA MET A 169 12.22 -14.58 -28.42
C MET A 169 12.83 -15.97 -28.26
N VAL A 170 12.38 -16.73 -27.27
CA VAL A 170 12.89 -18.09 -27.08
C VAL A 170 12.24 -19.03 -28.08
N GLY A 171 11.09 -18.64 -28.62
CA GLY A 171 10.45 -19.44 -29.65
C GLY A 171 11.39 -19.55 -30.85
N ASP A 172 11.95 -18.40 -31.22
CA ASP A 172 12.94 -18.35 -32.30
C ASP A 172 14.08 -19.34 -32.08
N TRP A 173 14.52 -19.48 -30.83
CA TRP A 173 15.63 -20.35 -30.49
C TRP A 173 15.24 -21.83 -30.46
N LEU A 174 14.06 -22.11 -29.92
CA LEU A 174 13.55 -23.47 -29.84
C LEU A 174 13.24 -24.00 -31.22
N GLU A 175 13.07 -23.09 -32.17
CA GLU A 175 12.82 -23.47 -33.55
C GLU A 175 13.99 -24.24 -34.17
N LYS A 176 15.19 -24.00 -33.66
CA LYS A 176 16.39 -24.73 -34.10
C LYS A 176 16.49 -26.06 -33.36
N ARG A 177 15.55 -26.25 -32.43
CA ARG A 177 15.27 -27.54 -31.83
C ARG A 177 16.38 -28.17 -30.99
N PRO A 178 16.60 -27.63 -29.79
CA PRO A 178 17.14 -28.46 -28.71
C PRO A 178 16.01 -29.43 -28.29
N GLY A 179 16.29 -30.49 -27.54
CA GLY A 179 17.56 -30.76 -26.91
C GLY A 179 17.27 -30.81 -25.43
N ALA A 180 17.93 -29.91 -24.69
CA ALA A 180 17.56 -29.63 -23.31
C ALA A 180 17.32 -28.14 -23.19
N PHE A 181 16.36 -27.73 -22.36
CA PHE A 181 16.12 -26.30 -22.18
C PHE A 181 15.50 -25.94 -20.82
N CYS A 182 15.88 -24.77 -20.33
CA CYS A 182 15.33 -24.21 -19.10
C CYS A 182 14.97 -22.75 -19.33
N ILE A 183 13.68 -22.46 -19.41
CA ILE A 183 13.24 -21.10 -19.72
C ILE A 183 12.40 -20.47 -18.61
N LYS A 184 12.87 -19.36 -18.09
CA LYS A 184 12.16 -18.66 -17.02
C LYS A 184 10.85 -18.07 -17.50
N VAL A 185 9.78 -18.38 -16.77
CA VAL A 185 8.46 -17.85 -17.04
C VAL A 185 8.01 -17.04 -15.84
N LEU A 186 8.07 -15.72 -15.98
CA LEU A 186 7.77 -14.81 -14.88
C LEU A 186 6.28 -14.79 -14.52
N CYS A 187 5.45 -14.58 -15.53
CA CYS A 187 4.01 -14.53 -15.30
C CYS A 187 3.30 -15.60 -16.10
N PRO A 188 3.06 -16.76 -15.47
CA PRO A 188 2.30 -17.85 -16.09
C PRO A 188 0.88 -17.95 -15.56
N TYR A 189 0.43 -16.94 -14.82
CA TYR A 189 -0.83 -17.05 -14.08
C TYR A 189 -2.01 -16.29 -14.67
N THR A 190 -1.91 -15.89 -15.93
CA THR A 190 -3.04 -15.27 -16.61
C THR A 190 -3.56 -16.21 -17.69
N SER A 191 -4.82 -16.04 -18.10
CA SER A 191 -5.47 -16.97 -19.01
C SER A 191 -4.73 -17.14 -20.34
N THR A 192 -4.44 -16.03 -20.98
CA THR A 192 -3.70 -16.05 -22.25
C THR A 192 -2.33 -16.70 -22.09
N MET A 193 -1.73 -16.55 -20.92
CA MET A 193 -0.45 -17.15 -20.64
C MET A 193 -0.55 -18.67 -20.53
N MET A 194 -1.58 -19.16 -19.84
CA MET A 194 -1.77 -20.60 -19.72
C MET A 194 -2.13 -21.19 -21.07
N GLU A 195 -2.84 -20.40 -21.88
CA GLU A 195 -3.22 -20.83 -23.22
C GLU A 195 -2.01 -20.98 -24.13
N THR A 196 -1.20 -19.93 -24.20
CA THR A 196 -0.01 -19.93 -25.04
C THR A 196 1.02 -20.93 -24.53
N LEU A 197 1.06 -21.15 -23.22
CA LEU A 197 1.99 -22.13 -22.65
C LEU A 197 1.52 -23.54 -22.95
N GLU A 198 0.20 -23.74 -22.97
CA GLU A 198 -0.36 -25.01 -23.42
C GLU A 198 0.04 -25.25 -24.87
N ARG A 199 -0.13 -24.21 -25.68
CA ARG A 199 0.17 -24.28 -27.11
C ARG A 199 1.64 -24.63 -27.36
N LEU A 200 2.53 -23.90 -26.69
CA LEU A 200 3.97 -24.14 -26.79
C LEU A 200 4.34 -25.52 -26.28
N GLN A 201 3.63 -25.97 -25.24
CA GLN A 201 3.88 -27.29 -24.68
C GLN A 201 3.36 -28.37 -25.62
N ARG A 202 2.52 -27.98 -26.57
CA ARG A 202 2.13 -28.90 -27.63
C ARG A 202 3.19 -28.92 -28.72
N ARG A 203 3.52 -27.75 -29.21
CA ARG A 203 4.52 -27.60 -30.29
C ARG A 203 5.85 -28.19 -29.87
N TYR A 204 6.41 -27.69 -28.77
CA TYR A 204 7.63 -28.24 -28.21
C TYR A 204 7.26 -29.12 -27.02
N GLY A 205 8.27 -29.63 -26.32
CA GLY A 205 8.01 -30.51 -25.19
C GLY A 205 8.13 -29.77 -23.86
N GLY A 206 8.29 -30.54 -22.80
CA GLY A 206 8.59 -29.97 -21.49
C GLY A 206 7.38 -29.72 -20.61
N GLY A 207 7.60 -28.92 -19.57
CA GLY A 207 6.54 -28.59 -18.63
C GLY A 207 6.98 -27.50 -17.67
N LEU A 208 6.07 -27.07 -16.79
CA LEU A 208 6.35 -26.00 -15.86
C LEU A 208 6.68 -26.53 -14.47
N VAL A 209 7.73 -25.96 -13.87
CA VAL A 209 8.18 -26.40 -12.55
C VAL A 209 8.43 -25.22 -11.63
N ARG A 210 7.83 -25.26 -10.44
CA ARG A 210 8.07 -24.21 -9.46
C ARG A 210 9.24 -24.57 -8.54
N VAL A 211 10.34 -23.85 -8.70
CA VAL A 211 11.51 -24.03 -7.85
C VAL A 211 11.28 -23.37 -6.49
N PRO A 212 11.39 -24.14 -5.40
CA PRO A 212 11.19 -23.65 -4.03
C PRO A 212 12.22 -22.62 -3.61
N LEU A 213 13.30 -22.50 -4.38
CA LEU A 213 14.30 -21.47 -4.13
C LEU A 213 13.75 -20.10 -4.52
N SER A 214 12.71 -20.10 -5.35
CA SER A 214 12.05 -18.86 -5.75
C SER A 214 11.30 -18.25 -4.56
N ARG A 215 11.42 -16.94 -4.40
CA ARG A 215 10.78 -16.28 -3.29
C ARG A 215 9.28 -16.11 -3.54
N ASN A 216 8.54 -15.93 -2.46
CA ASN A 216 7.10 -15.79 -2.54
C ASN A 216 6.68 -14.51 -3.27
N SER A 217 7.58 -13.54 -3.34
CA SER A 217 7.27 -12.26 -3.97
C SER A 217 7.15 -12.36 -5.49
N THR A 218 7.60 -13.47 -6.05
CA THR A 218 7.53 -13.69 -7.50
C THR A 218 6.83 -15.03 -7.81
N HIS A 219 6.05 -15.05 -8.89
CA HIS A 219 5.25 -16.22 -9.24
C HIS A 219 5.92 -17.02 -10.35
N GLU A 220 7.23 -16.84 -10.48
CA GLU A 220 8.00 -17.45 -11.56
C GLU A 220 8.00 -18.98 -11.50
N MET A 221 7.80 -19.58 -12.67
CA MET A 221 7.96 -21.02 -12.83
C MET A 221 8.85 -21.24 -14.03
N TYR A 222 9.57 -22.36 -14.05
CA TYR A 222 10.50 -22.61 -15.14
C TYR A 222 10.02 -23.69 -16.07
N TRP A 223 9.92 -23.33 -17.35
CA TRP A 223 9.56 -24.25 -18.41
C TRP A 223 10.79 -25.07 -18.82
N VAL A 224 10.86 -26.31 -18.34
CA VAL A 224 12.02 -27.16 -18.59
C VAL A 224 11.66 -28.39 -19.42
N SER A 225 12.67 -28.99 -20.04
CA SER A 225 12.48 -30.07 -21.01
C SER A 225 12.08 -31.40 -20.38
N GLY A 226 12.88 -31.86 -19.43
CA GLY A 226 12.70 -33.18 -18.84
C GLY A 226 11.51 -33.31 -17.90
N ALA A 227 10.70 -32.25 -17.81
CA ALA A 227 9.49 -32.30 -17.00
C ALA A 227 8.27 -32.61 -17.85
N LYS A 228 7.40 -33.45 -17.32
CA LYS A 228 6.13 -33.78 -17.94
C LYS A 228 4.98 -33.41 -17.02
N SER A 229 4.30 -32.31 -17.31
CA SER A 229 3.27 -31.81 -16.42
C SER A 229 2.12 -31.13 -17.16
N ASN A 230 1.01 -30.93 -16.45
CA ASN A 230 -0.10 -30.13 -16.95
C ASN A 230 0.08 -28.67 -16.54
N THR A 231 -0.07 -27.77 -17.50
CA THR A 231 0.16 -26.35 -17.27
C THR A 231 -0.75 -25.78 -16.17
N ILE A 232 -2.05 -25.80 -16.43
CA ILE A 232 -3.04 -25.22 -15.53
C ILE A 232 -2.91 -25.77 -14.11
N LYS A 233 -2.66 -27.07 -14.00
CA LYS A 233 -2.58 -27.73 -12.69
C LYS A 233 -1.35 -27.27 -11.90
N SER A 234 -0.18 -27.30 -12.53
CA SER A 234 1.06 -26.88 -11.89
C SER A 234 1.00 -25.42 -11.49
N VAL A 235 0.57 -24.58 -12.41
CA VAL A 235 0.45 -23.14 -12.16
C VAL A 235 -0.51 -22.86 -11.01
N SER A 236 -1.67 -23.48 -11.04
CA SER A 236 -2.70 -23.22 -10.03
C SER A 236 -2.29 -23.76 -8.66
N THR A 237 -1.52 -24.85 -8.63
CA THR A 237 -1.01 -25.34 -7.35
C THR A 237 0.01 -24.36 -6.79
N THR A 238 0.87 -23.83 -7.67
CA THR A 238 1.84 -22.81 -7.28
C THR A 238 1.12 -21.60 -6.68
N SER A 239 0.08 -21.16 -7.37
CA SER A 239 -0.75 -20.06 -6.91
C SER A 239 -1.34 -20.36 -5.53
N GLN A 240 -1.85 -21.59 -5.37
CA GLN A 240 -2.42 -22.02 -4.10
C GLN A 240 -1.42 -21.90 -2.97
N LEU A 241 -0.20 -22.37 -3.21
CA LEU A 241 0.86 -22.31 -2.21
C LEU A 241 1.18 -20.86 -1.82
N LEU A 242 1.46 -20.05 -2.83
CA LEU A 242 1.80 -18.64 -2.59
C LEU A 242 0.68 -17.90 -1.89
N LEU A 243 -0.56 -18.30 -2.14
CA LEU A 243 -1.71 -17.71 -1.45
C LEU A 243 -1.74 -18.15 0.01
N GLY A 244 -1.56 -19.44 0.24
CA GLY A 244 -1.60 -20.01 1.58
C GLY A 244 -0.57 -19.40 2.51
N ARG A 245 0.63 -19.15 1.99
CA ARG A 245 1.68 -18.56 2.80
C ARG A 245 1.39 -17.12 3.21
N MET A 246 0.30 -16.56 2.70
CA MET A 246 -0.09 -15.18 3.04
C MET A 246 -1.07 -15.11 4.20
N ASP A 247 -1.34 -16.23 4.85
CA ASP A 247 -2.40 -16.26 5.87
C ASP A 247 -1.93 -16.74 7.24
N GLY A 248 -1.20 -17.84 7.27
CA GLY A 248 -0.76 -18.41 8.54
C GLY A 248 0.33 -17.60 9.22
N PRO A 249 1.04 -18.24 10.16
CA PRO A 249 2.23 -17.61 10.74
C PRO A 249 3.41 -17.72 9.79
N ARG A 250 4.51 -17.03 10.10
CA ARG A 250 5.67 -17.10 9.24
C ARG A 250 6.34 -18.46 9.35
N ARG A 251 6.24 -19.24 8.27
CA ARG A 251 6.94 -20.51 8.18
C ARG A 251 8.44 -20.26 8.05
N PRO A 252 9.26 -21.06 8.75
CA PRO A 252 10.72 -20.86 8.76
C PRO A 252 11.39 -21.27 7.44
N VAL A 253 12.51 -20.62 7.15
CA VAL A 253 13.26 -20.89 5.92
C VAL A 253 14.13 -22.13 6.07
N LYS A 254 14.14 -22.96 5.03
CA LYS A 254 15.00 -24.13 4.97
C LYS A 254 16.35 -23.75 4.38
N TYR A 255 17.31 -23.47 5.24
CA TYR A 255 18.62 -23.02 4.79
C TYR A 255 19.45 -24.16 4.20
N GLU A 256 19.47 -24.21 2.88
CA GLU A 256 20.26 -25.19 2.14
C GLU A 256 21.70 -24.68 2.03
N GLU A 257 22.62 -25.60 1.72
CA GLU A 257 24.02 -25.23 1.55
C GLU A 257 24.24 -24.62 0.17
N ASP A 258 25.20 -23.70 0.08
CA ASP A 258 25.54 -23.12 -1.21
C ASP A 258 26.27 -24.16 -2.06
N VAL A 259 26.14 -24.05 -3.37
CA VAL A 259 26.78 -25.01 -4.26
C VAL A 259 28.24 -24.63 -4.49
N ASN A 260 29.13 -25.61 -4.41
CA ASN A 260 30.54 -25.43 -4.69
C ASN A 260 30.89 -26.04 -6.05
N LEU A 261 31.33 -25.21 -6.98
CA LEU A 261 31.61 -25.66 -8.33
C LEU A 261 33.07 -26.04 -8.52
N GLY A 262 33.83 -26.06 -7.43
CA GLY A 262 35.22 -26.49 -7.46
C GLY A 262 36.09 -25.60 -8.33
N SER A 263 37.21 -26.15 -8.78
CA SER A 263 38.11 -25.39 -9.65
C SER A 263 38.78 -26.30 -10.66
N GLY A 264 39.67 -25.71 -11.45
CA GLY A 264 40.34 -26.47 -12.49
C GLY A 264 39.69 -26.26 -13.82
N THR A 265 40.33 -26.77 -14.86
CA THR A 265 39.87 -26.60 -16.23
C THR A 265 39.38 -27.93 -16.80
N ARG A 266 38.80 -27.89 -18.00
CA ARG A 266 38.33 -29.11 -18.63
C ARG A 266 38.95 -29.33 -20.01
N GLU B 8 -42.75 23.19 9.04
CA GLU B 8 -41.51 23.49 9.76
C GLU B 8 -40.87 22.21 10.31
N THR B 9 -39.64 21.95 9.90
CA THR B 9 -38.91 20.76 10.34
C THR B 9 -38.36 20.94 11.76
N LEU B 10 -37.92 19.84 12.36
CA LEU B 10 -37.37 19.87 13.70
C LEU B 10 -36.07 20.67 13.78
N GLY B 11 -35.32 20.67 12.68
CA GLY B 11 -34.07 21.39 12.61
C GLY B 11 -34.29 22.89 12.61
N GLU B 12 -35.38 23.31 11.98
CA GLU B 12 -35.73 24.73 11.94
C GLU B 12 -36.20 25.21 13.31
N LYS B 13 -36.93 24.35 14.01
CA LYS B 13 -37.36 24.64 15.38
C LYS B 13 -36.14 24.75 16.28
N TRP B 14 -35.18 23.85 16.07
CA TRP B 14 -33.91 23.89 16.78
C TRP B 14 -33.18 25.20 16.54
N LYS B 15 -33.15 25.62 15.27
CA LYS B 15 -32.47 26.83 14.88
C LYS B 15 -33.11 28.06 15.56
N ALA B 16 -34.42 28.13 15.49
CA ALA B 16 -35.17 29.24 16.09
C ALA B 16 -34.96 29.30 17.60
N ARG B 17 -35.09 28.16 18.26
CA ARG B 17 -34.90 28.07 19.70
C ARG B 17 -33.47 28.47 20.06
N LEU B 18 -32.53 28.13 19.18
CA LEU B 18 -31.13 28.49 19.39
C LEU B 18 -30.93 29.99 19.30
N ASN B 19 -31.63 30.62 18.37
CA ASN B 19 -31.59 32.08 18.26
C ASN B 19 -32.23 32.75 19.47
N GLN B 20 -33.25 32.10 20.04
CA GLN B 20 -33.95 32.64 21.20
C GLN B 20 -33.11 32.68 22.48
N MET B 21 -32.16 31.76 22.58
CA MET B 21 -31.41 31.55 23.81
C MET B 21 -30.55 32.73 24.22
N SER B 22 -30.31 32.84 25.52
CA SER B 22 -29.44 33.88 26.07
C SER B 22 -27.98 33.48 25.90
N ALA B 23 -27.08 34.39 26.27
CA ALA B 23 -25.64 34.14 26.14
C ALA B 23 -25.18 33.08 27.13
N LEU B 24 -25.76 33.09 28.32
CA LEU B 24 -25.44 32.09 29.34
C LEU B 24 -25.91 30.71 28.90
N GLU B 25 -27.16 30.64 28.48
CA GLU B 25 -27.75 29.37 28.05
C GLU B 25 -27.00 28.81 26.86
N PHE B 26 -26.63 29.68 25.92
CA PHE B 26 -25.89 29.25 24.75
C PHE B 26 -24.51 28.75 25.13
N TYR B 27 -23.85 29.49 26.02
CA TYR B 27 -22.53 29.09 26.48
C TYR B 27 -22.58 27.70 27.08
N SER B 28 -23.64 27.41 27.83
CA SER B 28 -23.81 26.08 28.43
C SER B 28 -24.16 25.02 27.41
N TYR B 29 -24.95 25.39 26.41
CA TYR B 29 -25.54 24.43 25.50
C TYR B 29 -24.59 23.93 24.42
N LYS B 30 -23.74 24.81 23.92
CA LYS B 30 -22.87 24.51 22.79
C LYS B 30 -22.04 23.26 23.01
N LYS B 31 -21.69 22.98 24.26
CA LYS B 31 -20.87 21.82 24.58
C LYS B 31 -21.56 20.82 25.51
N SER B 32 -22.86 20.97 25.70
CA SER B 32 -23.59 20.11 26.60
C SER B 32 -23.67 18.66 26.09
N GLY B 33 -22.95 17.77 26.75
CA GLY B 33 -23.02 16.35 26.46
C GLY B 33 -22.17 15.90 25.28
N ILE B 34 -21.60 16.84 24.55
CA ILE B 34 -20.85 16.52 23.34
C ILE B 34 -19.53 15.83 23.67
N THR B 35 -18.81 15.41 22.63
CA THR B 35 -17.49 14.82 22.77
C THR B 35 -16.45 15.81 22.27
N GLU B 36 -15.42 16.09 23.07
CA GLU B 36 -14.39 17.00 22.60
C GLU B 36 -12.99 16.51 22.95
N VAL B 37 -12.00 17.17 22.34
CA VAL B 37 -10.61 16.77 22.46
C VAL B 37 -9.80 17.81 23.23
N CYS B 38 -8.97 17.35 24.16
CA CYS B 38 -8.10 18.23 24.91
C CYS B 38 -6.97 18.75 24.01
N ARG B 39 -7.08 20.00 23.59
CA ARG B 39 -6.15 20.57 22.62
C ARG B 39 -5.09 21.46 23.26
N GLU B 40 -5.02 21.46 24.58
CA GLU B 40 -4.14 22.36 25.32
C GLU B 40 -2.68 22.19 24.91
N GLU B 41 -2.16 20.98 25.10
CA GLU B 41 -0.76 20.70 24.83
C GLU B 41 -0.42 20.92 23.36
N ALA B 42 -1.34 20.57 22.48
CA ALA B 42 -1.16 20.78 21.06
C ALA B 42 -1.02 22.26 20.75
N ARG B 43 -1.89 23.06 21.36
CA ARG B 43 -1.83 24.51 21.21
C ARG B 43 -0.50 25.07 21.69
N ARG B 44 -0.07 24.67 22.88
CA ARG B 44 1.21 25.14 23.42
C ARG B 44 2.37 24.78 22.50
N ALA B 45 2.43 23.52 22.10
CA ALA B 45 3.51 23.03 21.25
C ALA B 45 3.55 23.77 19.92
N LEU B 46 2.39 23.89 19.27
CA LEU B 46 2.29 24.56 17.99
C LEU B 46 2.68 26.03 18.09
N LYS B 47 2.28 26.66 19.20
CA LYS B 47 2.65 28.05 19.43
C LYS B 47 4.15 28.15 19.61
N ASP B 48 4.75 27.10 20.16
CA ASP B 48 6.18 27.08 20.42
C ASP B 48 7.00 26.77 19.17
N GLY B 49 6.33 26.38 18.10
CA GLY B 49 6.99 26.10 16.84
C GLY B 49 7.50 24.68 16.72
N VAL B 50 6.93 23.78 17.50
CA VAL B 50 7.31 22.37 17.46
C VAL B 50 6.63 21.66 16.29
N ALA B 51 7.41 21.32 15.27
CA ALA B 51 6.87 20.69 14.07
C ALA B 51 6.81 19.18 14.21
N THR B 52 7.42 18.64 15.25
CA THR B 52 7.33 17.23 15.56
C THR B 52 6.39 17.02 16.74
N GLY B 53 6.49 15.88 17.40
CA GLY B 53 5.68 15.60 18.56
C GLY B 53 4.36 14.94 18.19
N GLY B 54 3.99 15.04 16.92
CA GLY B 54 2.82 14.37 16.41
C GLY B 54 1.52 15.11 16.72
N HIS B 55 1.62 16.40 16.99
CA HIS B 55 0.46 17.20 17.33
C HIS B 55 -0.40 17.47 16.10
N ALA B 56 -1.71 17.49 16.30
CA ALA B 56 -2.64 17.84 15.24
C ALA B 56 -2.76 19.36 15.16
N VAL B 57 -2.95 19.87 13.96
CA VAL B 57 -3.00 21.32 13.75
C VAL B 57 -4.37 21.91 14.09
N SER B 58 -5.39 21.07 14.11
CA SER B 58 -6.73 21.51 14.50
C SER B 58 -7.50 20.36 15.11
N ARG B 59 -8.81 20.54 15.23
CA ARG B 59 -9.67 19.50 15.78
C ARG B 59 -10.24 18.64 14.67
N GLY B 60 -10.11 19.11 13.43
CA GLY B 60 -10.60 18.39 12.27
C GLY B 60 -10.07 16.97 12.20
N SER B 61 -8.79 16.80 12.51
CA SER B 61 -8.15 15.49 12.55
C SER B 61 -8.93 14.52 13.42
N ALA B 62 -9.40 15.01 14.57
CA ALA B 62 -10.16 14.22 15.52
C ALA B 62 -11.53 13.85 14.98
N LYS B 63 -12.11 14.73 14.17
CA LYS B 63 -13.37 14.44 13.50
C LYS B 63 -13.20 13.34 12.46
N LEU B 64 -12.35 13.60 11.48
CA LEU B 64 -12.05 12.64 10.42
C LEU B 64 -11.71 11.28 11.02
N ARG B 65 -10.81 11.27 11.99
CA ARG B 65 -10.47 10.06 12.74
C ARG B 65 -11.74 9.32 13.16
N TRP B 66 -12.59 10.01 13.94
CA TRP B 66 -13.84 9.45 14.42
C TRP B 66 -14.63 8.74 13.33
N LEU B 67 -14.67 9.33 12.13
CA LEU B 67 -15.36 8.71 11.00
C LEU B 67 -14.58 7.52 10.45
N VAL B 68 -13.30 7.73 10.13
CA VAL B 68 -12.50 6.69 9.48
C VAL B 68 -12.47 5.42 10.32
N GLU B 69 -12.31 5.57 11.64
CA GLU B 69 -12.21 4.41 12.53
C GLU B 69 -13.55 3.72 12.77
N ARG B 70 -14.55 4.06 11.95
CA ARG B 70 -15.85 3.43 12.03
C ARG B 70 -16.32 3.00 10.64
N GLY B 71 -15.44 3.12 9.66
CA GLY B 71 -15.70 2.62 8.32
C GLY B 71 -16.68 3.46 7.53
N TYR B 72 -16.94 4.68 7.99
CA TYR B 72 -17.80 5.61 7.28
C TYR B 72 -17.12 6.10 6.01
N LEU B 73 -15.80 5.97 5.98
CA LEU B 73 -15.03 6.14 4.76
C LEU B 73 -13.64 5.55 4.95
N GLN B 74 -13.06 5.08 3.85
CA GLN B 74 -11.72 4.52 3.86
C GLN B 74 -10.85 5.23 2.84
N PRO B 75 -10.19 6.31 3.25
CA PRO B 75 -9.32 7.12 2.40
C PRO B 75 -8.25 6.29 1.68
N TYR B 76 -8.08 6.54 0.39
CA TYR B 76 -7.08 5.83 -0.40
C TYR B 76 -6.65 6.65 -1.62
N GLY B 77 -5.44 6.40 -2.11
CA GLY B 77 -4.95 7.03 -3.33
C GLY B 77 -4.72 8.53 -3.25
N LYS B 78 -5.17 9.24 -4.28
CA LYS B 78 -5.03 10.70 -4.33
C LYS B 78 -6.16 11.40 -3.57
N VAL B 79 -5.78 12.25 -2.62
CA VAL B 79 -6.74 12.90 -1.74
C VAL B 79 -6.82 14.39 -2.01
N ILE B 80 -8.03 14.94 -1.99
CA ILE B 80 -8.25 16.37 -2.14
C ILE B 80 -8.95 16.95 -0.91
N ASP B 81 -8.29 17.89 -0.22
CA ASP B 81 -8.92 18.53 0.93
C ASP B 81 -9.40 19.94 0.60
N LEU B 82 -10.69 20.07 0.34
CA LEU B 82 -11.29 21.36 -0.01
C LEU B 82 -11.57 22.18 1.24
N GLY B 83 -11.07 23.40 1.29
CA GLY B 83 -11.18 24.23 2.47
C GLY B 83 -10.39 23.59 3.60
N CYS B 84 -9.14 23.27 3.31
CA CYS B 84 -8.31 22.51 4.25
C CYS B 84 -7.94 23.31 5.49
N GLY B 85 -8.15 24.62 5.42
CA GLY B 85 -7.88 25.49 6.56
C GLY B 85 -6.47 25.35 7.10
N ARG B 86 -6.36 24.88 8.33
CA ARG B 86 -5.06 24.62 8.95
C ARG B 86 -4.48 23.31 8.45
N GLY B 87 -5.35 22.37 8.09
CA GLY B 87 -4.92 21.15 7.42
C GLY B 87 -4.97 19.88 8.24
N GLY B 88 -5.86 19.82 9.22
CA GLY B 88 -5.99 18.65 10.07
C GLY B 88 -6.37 17.38 9.31
N TRP B 89 -7.39 17.52 8.46
CA TRP B 89 -7.82 16.41 7.62
C TRP B 89 -6.70 15.90 6.72
N SER B 90 -5.95 16.83 6.14
CA SER B 90 -4.88 16.47 5.21
C SER B 90 -3.81 15.63 5.90
N TYR B 91 -3.38 16.06 7.08
CA TYR B 91 -2.35 15.34 7.82
C TYR B 91 -2.86 13.99 8.29
N TYR B 92 -4.07 13.97 8.83
CA TYR B 92 -4.65 12.70 9.26
C TYR B 92 -4.73 11.71 8.11
N ALA B 93 -5.14 12.19 6.93
CA ALA B 93 -5.25 11.35 5.76
C ALA B 93 -3.88 10.86 5.30
N ALA B 94 -2.89 11.74 5.40
CA ALA B 94 -1.53 11.37 5.03
C ALA B 94 -0.98 10.32 5.98
N THR B 95 -1.57 10.21 7.16
CA THR B 95 -1.14 9.16 8.08
C THR B 95 -1.71 7.78 7.74
N ILE B 96 -2.40 7.67 6.62
CA ILE B 96 -3.05 6.42 6.25
C ILE B 96 -2.28 5.67 5.16
N ARG B 97 -2.17 4.35 5.32
CA ARG B 97 -1.40 3.49 4.42
C ARG B 97 -1.84 3.56 2.96
N LYS B 98 -3.12 3.29 2.71
CA LYS B 98 -3.64 3.23 1.34
C LYS B 98 -3.49 4.58 0.62
N VAL B 99 -3.49 5.66 1.40
CA VAL B 99 -3.35 7.00 0.85
C VAL B 99 -1.97 7.20 0.23
N GLN B 100 -1.95 7.71 -1.00
CA GLN B 100 -0.71 7.89 -1.75
C GLN B 100 -0.33 9.38 -1.90
N GLU B 101 -1.34 10.24 -1.96
CA GLU B 101 -1.09 11.68 -2.13
C GLU B 101 -2.24 12.53 -1.59
N VAL B 102 -1.90 13.61 -0.90
CA VAL B 102 -2.89 14.53 -0.37
C VAL B 102 -2.67 15.95 -0.89
N LYS B 103 -3.72 16.52 -1.48
CA LYS B 103 -3.67 17.90 -1.97
C LYS B 103 -4.79 18.72 -1.35
N GLY B 104 -4.42 19.63 -0.45
CA GLY B 104 -5.40 20.49 0.20
C GLY B 104 -5.46 21.88 -0.40
N TYR B 105 -6.62 22.52 -0.29
CA TYR B 105 -6.83 23.85 -0.84
C TYR B 105 -7.70 24.72 0.05
N THR B 106 -7.15 25.83 0.53
CA THR B 106 -7.92 26.73 1.38
C THR B 106 -7.90 28.17 0.86
N LYS B 107 -8.83 28.98 1.36
CA LYS B 107 -9.00 30.35 0.90
C LYS B 107 -7.93 31.28 1.45
N GLY B 108 -7.67 31.19 2.74
CA GLY B 108 -6.66 32.01 3.37
C GLY B 108 -7.02 33.48 3.39
N GLY B 109 -6.05 34.32 3.72
CA GLY B 109 -6.30 35.75 3.83
C GLY B 109 -6.99 36.07 5.13
N PRO B 110 -7.42 37.33 5.32
CA PRO B 110 -8.04 37.80 6.56
C PRO B 110 -9.34 37.07 6.87
N GLY B 111 -9.48 36.63 8.12
CA GLY B 111 -10.69 35.94 8.56
C GLY B 111 -10.68 34.44 8.27
N HIS B 112 -9.80 34.02 7.37
CA HIS B 112 -9.72 32.61 7.00
C HIS B 112 -8.38 32.00 7.43
N GLU B 113 -8.42 30.73 7.80
CA GLU B 113 -7.25 30.03 8.31
C GLU B 113 -6.20 29.82 7.24
N GLU B 114 -4.94 29.98 7.63
CA GLU B 114 -3.83 29.63 6.76
C GLU B 114 -3.35 28.23 7.13
N PRO B 115 -2.76 27.52 6.16
CA PRO B 115 -2.20 26.20 6.44
C PRO B 115 -1.08 26.24 7.47
N VAL B 116 -0.97 25.18 8.27
CA VAL B 116 0.06 25.08 9.28
C VAL B 116 1.10 24.04 8.91
N LEU B 117 2.36 24.46 8.83
CA LEU B 117 3.44 23.57 8.42
C LEU B 117 3.96 22.73 9.58
N VAL B 118 3.56 21.46 9.59
CA VAL B 118 3.92 20.53 10.66
C VAL B 118 4.51 19.25 10.07
N GLN B 119 5.52 18.69 10.73
CA GLN B 119 6.15 17.48 10.22
C GLN B 119 5.69 16.23 10.96
N SER B 120 4.41 15.91 10.79
CA SER B 120 3.88 14.65 11.31
C SER B 120 4.03 13.56 10.25
N TYR B 121 3.65 12.34 10.60
CA TYR B 121 3.89 11.20 9.73
C TYR B 121 3.21 11.34 8.36
N GLY B 122 4.02 11.28 7.31
CA GLY B 122 3.54 11.40 5.95
C GLY B 122 3.39 12.83 5.46
N TRP B 123 4.12 13.75 6.08
CA TRP B 123 3.98 15.18 5.77
C TRP B 123 4.51 15.53 4.38
N ASN B 124 5.36 14.67 3.82
CA ASN B 124 5.97 14.96 2.53
C ASN B 124 5.02 14.68 1.38
N ILE B 125 3.95 13.94 1.64
CA ILE B 125 2.97 13.66 0.60
C ILE B 125 1.82 14.65 0.69
N VAL B 126 1.86 15.50 1.71
CA VAL B 126 0.86 16.55 1.87
C VAL B 126 1.22 17.76 1.05
N ARG B 127 0.23 18.43 0.48
CA ARG B 127 0.46 19.63 -0.32
C ARG B 127 -0.67 20.63 -0.11
N LEU B 128 -0.46 21.56 0.81
CA LEU B 128 -1.48 22.55 1.16
C LEU B 128 -1.30 23.84 0.39
N LYS B 129 -2.33 24.24 -0.33
CA LYS B 129 -2.28 25.44 -1.14
C LYS B 129 -3.32 26.45 -0.69
N SER B 130 -2.87 27.59 -0.21
CA SER B 130 -3.78 28.64 0.22
C SER B 130 -4.04 29.65 -0.88
N GLY B 131 -4.82 30.67 -0.58
CA GLY B 131 -5.16 31.70 -1.55
C GLY B 131 -5.96 31.14 -2.69
N VAL B 132 -6.78 30.13 -2.41
CA VAL B 132 -7.54 29.43 -3.44
C VAL B 132 -9.03 29.44 -3.12
N ASP B 133 -9.84 29.84 -4.09
CA ASP B 133 -11.29 29.78 -3.95
C ASP B 133 -11.81 28.61 -4.76
N VAL B 134 -12.19 27.54 -4.06
CA VAL B 134 -12.56 26.29 -4.70
C VAL B 134 -13.83 26.41 -5.55
N PHE B 135 -14.57 27.49 -5.37
CA PHE B 135 -15.79 27.70 -6.13
C PHE B 135 -15.46 28.13 -7.54
N HIS B 136 -14.27 28.69 -7.73
CA HIS B 136 -13.81 29.12 -9.05
C HIS B 136 -12.66 28.24 -9.50
N MET B 137 -12.58 27.06 -8.92
CA MET B 137 -11.50 26.13 -9.18
C MET B 137 -12.00 24.94 -10.01
N ALA B 138 -11.22 24.54 -10.99
CA ALA B 138 -11.57 23.42 -11.85
C ALA B 138 -11.34 22.10 -11.13
N ALA B 139 -12.28 21.17 -11.26
CA ALA B 139 -12.16 19.88 -10.62
C ALA B 139 -11.11 19.02 -11.33
N GLU B 140 -10.45 18.16 -10.56
CA GLU B 140 -9.48 17.22 -11.12
C GLU B 140 -9.71 15.84 -10.52
N PRO B 141 -9.51 14.79 -11.33
CA PRO B 141 -9.76 13.41 -10.90
C PRO B 141 -9.03 13.04 -9.62
N CYS B 142 -9.76 12.43 -8.68
CA CYS B 142 -9.20 12.04 -7.41
C CYS B 142 -9.84 10.73 -6.94
N ASP B 143 -9.25 10.12 -5.93
CA ASP B 143 -9.79 8.91 -5.35
C ASP B 143 -10.54 9.24 -4.06
N THR B 144 -10.01 10.20 -3.31
CA THR B 144 -10.61 10.62 -2.06
C THR B 144 -11.00 12.10 -2.12
N LEU B 145 -12.29 12.39 -1.95
CA LEU B 145 -12.81 13.74 -2.00
C LEU B 145 -13.24 14.22 -0.62
N LEU B 146 -12.43 15.10 -0.03
CA LEU B 146 -12.75 15.69 1.26
C LEU B 146 -13.18 17.15 1.10
N CYS B 147 -14.19 17.55 1.86
CA CYS B 147 -14.64 18.92 1.86
C CYS B 147 -15.20 19.31 3.22
N ASP B 148 -14.70 20.40 3.77
CA ASP B 148 -15.14 20.84 5.08
C ASP B 148 -15.56 22.30 5.03
N ILE B 149 -16.32 22.67 4.01
CA ILE B 149 -16.76 24.04 3.84
C ILE B 149 -18.21 24.24 4.26
N GLY B 150 -18.46 25.25 5.08
CA GLY B 150 -19.79 25.56 5.55
C GLY B 150 -19.73 26.41 6.80
N GLU B 151 -19.70 27.73 6.61
CA GLU B 151 -19.65 28.66 7.74
C GLU B 151 -21.04 28.89 8.32
N SER B 152 -21.15 28.78 9.65
CA SER B 152 -22.42 28.94 10.35
C SER B 152 -22.98 30.35 10.25
N SER B 153 -24.30 30.45 10.17
CA SER B 153 -24.98 31.74 10.15
C SER B 153 -26.20 31.69 11.06
N SER B 154 -26.69 32.85 11.45
CA SER B 154 -27.90 32.93 12.27
C SER B 154 -29.13 32.67 11.41
N SER B 155 -28.96 32.82 10.10
CA SER B 155 -30.06 32.66 9.17
C SER B 155 -30.11 31.28 8.55
N PRO B 156 -31.20 30.53 8.83
CA PRO B 156 -31.43 29.21 8.25
C PRO B 156 -31.43 29.27 6.72
N GLU B 157 -31.93 30.38 6.18
CA GLU B 157 -31.97 30.59 4.74
C GLU B 157 -30.56 30.70 4.17
N VAL B 158 -29.73 31.50 4.84
CA VAL B 158 -28.34 31.71 4.43
C VAL B 158 -27.55 30.41 4.51
N GLU B 159 -27.67 29.71 5.63
CA GLU B 159 -27.03 28.42 5.79
C GLU B 159 -27.47 27.45 4.69
N GLU B 160 -28.76 27.50 4.36
CA GLU B 160 -29.29 26.65 3.30
C GLU B 160 -28.64 26.98 1.97
N ALA B 161 -28.56 28.27 1.64
CA ALA B 161 -27.99 28.71 0.37
C ALA B 161 -26.52 28.31 0.25
N ARG B 162 -25.77 28.58 1.31
CA ARG B 162 -24.36 28.22 1.39
C ARG B 162 -24.18 26.72 1.18
N THR B 163 -25.06 25.95 1.80
CA THR B 163 -24.98 24.50 1.68
C THR B 163 -25.30 24.05 0.25
N LEU B 164 -26.26 24.68 -0.39
CA LEU B 164 -26.63 24.36 -1.77
C LEU B 164 -25.48 24.64 -2.74
N ARG B 165 -24.82 25.78 -2.52
CA ARG B 165 -23.68 26.20 -3.31
C ARG B 165 -22.54 25.19 -3.18
N VAL B 166 -22.22 24.88 -1.92
CA VAL B 166 -21.21 23.87 -1.63
C VAL B 166 -21.54 22.54 -2.30
N LEU B 167 -22.82 22.15 -2.26
CA LEU B 167 -23.26 20.89 -2.84
C LEU B 167 -23.13 20.85 -4.37
N SER B 168 -23.39 21.98 -5.03
CA SER B 168 -23.16 22.06 -6.46
C SER B 168 -21.67 21.89 -6.77
N MET B 169 -20.88 22.70 -6.06
CA MET B 169 -19.43 22.68 -6.23
C MET B 169 -18.85 21.28 -6.05
N VAL B 170 -19.26 20.57 -5.01
CA VAL B 170 -18.78 19.20 -4.80
C VAL B 170 -19.43 18.26 -5.80
N GLY B 171 -20.55 18.67 -6.38
CA GLY B 171 -21.19 17.89 -7.42
C GLY B 171 -20.24 17.78 -8.60
N ASP B 172 -19.65 18.92 -8.96
CA ASP B 172 -18.65 18.97 -10.03
C ASP B 172 -17.52 17.97 -9.82
N TRP B 173 -17.10 17.81 -8.56
CA TRP B 173 -15.99 16.94 -8.22
C TRP B 173 -16.40 15.46 -8.17
N LEU B 174 -17.58 15.19 -7.62
CA LEU B 174 -18.11 13.84 -7.54
C LEU B 174 -18.42 13.31 -8.93
N GLU B 175 -18.58 14.22 -9.88
CA GLU B 175 -18.84 13.84 -11.26
C GLU B 175 -17.67 13.05 -11.88
N LYS B 176 -16.45 13.30 -11.38
CA LYS B 176 -15.28 12.55 -11.82
C LYS B 176 -15.19 11.22 -11.07
N ARG B 177 -16.14 11.04 -10.17
CA ARG B 177 -16.44 9.74 -9.56
C ARG B 177 -15.33 9.13 -8.69
N PRO B 178 -15.13 9.67 -7.49
CA PRO B 178 -14.58 8.87 -6.40
C PRO B 178 -15.68 7.88 -5.97
N GLY B 179 -15.38 6.82 -5.23
CA GLY B 179 -14.11 6.60 -4.55
C GLY B 179 -14.45 6.57 -3.07
N ALA B 180 -13.72 7.34 -2.29
CA ALA B 180 -14.11 7.63 -0.91
C ALA B 180 -14.36 9.13 -0.81
N PHE B 181 -15.37 9.54 -0.05
CA PHE B 181 -15.62 10.97 0.12
C PHE B 181 -16.24 11.34 1.47
N CYS B 182 -15.89 12.54 1.94
CA CYS B 182 -16.41 13.09 3.18
C CYS B 182 -16.76 14.56 2.96
N ILE B 183 -18.05 14.86 2.85
CA ILE B 183 -18.47 16.22 2.54
C ILE B 183 -19.33 16.84 3.63
N LYS B 184 -18.84 17.94 4.19
CA LYS B 184 -19.54 18.65 5.24
C LYS B 184 -20.87 19.21 4.74
N VAL B 185 -21.92 18.96 5.50
CA VAL B 185 -23.24 19.53 5.22
C VAL B 185 -23.68 20.35 6.43
N LEU B 186 -23.59 21.67 6.28
CA LEU B 186 -23.90 22.59 7.37
C LEU B 186 -25.38 22.58 7.71
N CYS B 187 -26.22 22.79 6.71
CA CYS B 187 -27.66 22.84 6.92
C CYS B 187 -28.36 21.75 6.12
N PRO B 188 -28.62 20.61 6.76
CA PRO B 188 -29.37 19.52 6.14
C PRO B 188 -30.81 19.42 6.62
N TYR B 189 -31.27 20.40 7.40
CA TYR B 189 -32.51 20.26 8.14
C TYR B 189 -33.72 20.99 7.55
N THR B 190 -33.60 21.49 6.32
CA THR B 190 -34.74 22.10 5.65
C THR B 190 -35.27 21.14 4.59
N SER B 191 -36.51 21.36 4.15
CA SER B 191 -37.17 20.44 3.22
C SER B 191 -36.43 20.27 1.89
N THR B 192 -36.09 21.39 1.27
CA THR B 192 -35.37 21.37 -0.01
C THR B 192 -34.01 20.71 0.15
N MET B 193 -33.40 20.88 1.32
CA MET B 193 -32.12 20.25 1.60
C MET B 193 -32.25 18.74 1.68
N MET B 194 -33.27 18.26 2.38
CA MET B 194 -33.49 16.82 2.50
C MET B 194 -33.84 16.22 1.14
N GLU B 195 -34.55 17.00 0.33
CA GLU B 195 -34.92 16.59 -1.01
C GLU B 195 -33.70 16.42 -1.90
N THR B 196 -32.87 17.46 -1.97
CA THR B 196 -31.69 17.44 -2.83
C THR B 196 -30.64 16.46 -2.30
N LEU B 197 -30.66 16.20 -0.99
CA LEU B 197 -29.74 15.23 -0.41
C LEU B 197 -30.19 13.81 -0.70
N GLU B 198 -31.51 13.61 -0.74
CA GLU B 198 -32.07 12.34 -1.20
C GLU B 198 -31.67 12.10 -2.64
N ARG B 199 -31.83 13.15 -3.45
CA ARG B 199 -31.50 13.10 -4.87
C ARG B 199 -30.03 12.76 -5.09
N LEU B 200 -29.15 13.48 -4.40
CA LEU B 200 -27.71 13.27 -4.49
C LEU B 200 -27.31 11.90 -3.98
N GLN B 201 -28.04 11.40 -2.98
CA GLN B 201 -27.76 10.08 -2.45
C GLN B 201 -28.30 9.00 -3.39
N ARG B 202 -29.15 9.41 -4.33
CA ARG B 202 -29.58 8.49 -5.38
C ARG B 202 -28.50 8.45 -6.46
N ARG B 203 -28.15 9.63 -6.97
CA ARG B 203 -27.15 9.75 -8.03
C ARG B 203 -25.81 9.15 -7.61
N TYR B 204 -25.28 9.64 -6.49
CA TYR B 204 -24.06 9.08 -5.92
C TYR B 204 -24.43 8.19 -4.74
N GLY B 205 -23.42 7.66 -4.06
CA GLY B 205 -23.68 6.76 -2.94
C GLY B 205 -23.64 7.47 -1.60
N GLY B 206 -23.39 6.71 -0.54
CA GLY B 206 -23.13 7.28 0.77
C GLY B 206 -24.36 7.55 1.62
N GLY B 207 -24.16 8.32 2.68
CA GLY B 207 -25.22 8.70 3.59
C GLY B 207 -24.79 9.80 4.54
N LEU B 208 -25.69 10.23 5.41
CA LEU B 208 -25.39 11.31 6.34
C LEU B 208 -25.05 10.79 7.72
N VAL B 209 -24.01 11.35 8.33
CA VAL B 209 -23.61 10.92 9.66
C VAL B 209 -23.38 12.11 10.58
N ARG B 210 -23.96 12.08 11.77
CA ARG B 210 -23.72 13.13 12.75
C ARG B 210 -22.57 12.76 13.67
N VAL B 211 -21.48 13.52 13.59
CA VAL B 211 -20.33 13.31 14.44
C VAL B 211 -20.55 13.99 15.79
N PRO B 212 -20.45 13.22 16.88
CA PRO B 212 -20.65 13.71 18.24
C PRO B 212 -19.59 14.73 18.67
N LEU B 213 -18.52 14.85 17.90
CA LEU B 213 -17.51 15.86 18.13
C LEU B 213 -18.03 17.24 17.76
N SER B 214 -19.04 17.26 16.89
CA SER B 214 -19.67 18.52 16.49
C SER B 214 -20.45 19.12 17.65
N ARG B 215 -20.28 20.43 17.85
CA ARG B 215 -20.92 21.12 18.95
C ARG B 215 -22.41 21.28 18.70
N ASN B 216 -23.16 21.50 19.78
CA ASN B 216 -24.60 21.63 19.69
C ASN B 216 -25.03 22.88 18.93
N SER B 217 -24.12 23.85 18.83
CA SER B 217 -24.43 25.12 18.18
C SER B 217 -24.57 24.99 16.67
N THR B 218 -24.11 23.86 16.13
CA THR B 218 -24.17 23.61 14.69
C THR B 218 -24.90 22.30 14.39
N HIS B 219 -25.69 22.31 13.32
CA HIS B 219 -26.48 21.13 12.93
C HIS B 219 -25.78 20.37 11.81
N GLU B 220 -24.46 20.45 11.78
CA GLU B 220 -23.68 19.87 10.69
C GLU B 220 -23.69 18.34 10.71
N MET B 221 -23.91 17.76 9.54
CA MET B 221 -23.78 16.32 9.36
C MET B 221 -22.88 16.07 8.17
N TYR B 222 -22.13 14.99 8.19
CA TYR B 222 -21.18 14.72 7.12
C TYR B 222 -21.68 13.63 6.19
N TRP B 223 -21.79 14.00 4.92
CA TRP B 223 -22.16 13.09 3.85
C TRP B 223 -20.93 12.25 3.46
N VAL B 224 -20.90 11.01 3.93
CA VAL B 224 -19.75 10.14 3.71
C VAL B 224 -20.11 8.89 2.91
N SER B 225 -19.10 8.33 2.25
CA SER B 225 -19.29 7.25 1.29
C SER B 225 -19.67 5.91 1.90
N GLY B 226 -18.88 5.44 2.86
CA GLY B 226 -19.05 4.12 3.45
C GLY B 226 -20.23 4.02 4.39
N ALA B 227 -21.04 5.07 4.44
CA ALA B 227 -22.25 5.07 5.26
C ALA B 227 -23.46 4.73 4.41
N LYS B 228 -24.37 3.94 4.98
CA LYS B 228 -25.62 3.60 4.33
C LYS B 228 -26.77 3.99 5.24
N SER B 229 -27.46 5.09 4.93
CA SER B 229 -28.50 5.59 5.83
C SER B 229 -29.63 6.32 5.09
N ASN B 230 -30.77 6.43 5.77
CA ASN B 230 -31.87 7.25 5.29
C ASN B 230 -31.64 8.71 5.68
N THR B 231 -31.78 9.61 4.72
CA THR B 231 -31.54 11.03 4.97
C THR B 231 -32.46 11.59 6.05
N ILE B 232 -33.75 11.56 5.77
CA ILE B 232 -34.76 12.13 6.67
C ILE B 232 -34.63 11.61 8.09
N LYS B 233 -34.33 10.31 8.22
CA LYS B 233 -34.26 9.68 9.53
C LYS B 233 -33.05 10.15 10.33
N SER B 234 -31.88 10.12 9.71
CA SER B 234 -30.65 10.55 10.38
C SER B 234 -30.72 12.02 10.75
N VAL B 235 -31.19 12.84 9.82
CA VAL B 235 -31.32 14.27 10.06
C VAL B 235 -32.28 14.55 11.21
N SER B 236 -33.46 13.93 11.16
CA SER B 236 -34.48 14.20 12.17
C SER B 236 -34.07 13.69 13.54
N THR B 237 -33.31 12.59 13.58
CA THR B 237 -32.81 12.08 14.85
C THR B 237 -31.77 13.04 15.43
N THR B 238 -30.90 13.55 14.56
CA THR B 238 -29.94 14.59 14.94
C THR B 238 -30.66 15.80 15.56
N SER B 239 -31.66 16.29 14.85
CA SER B 239 -32.50 17.39 15.32
C SER B 239 -33.12 17.07 16.66
N GLN B 240 -33.58 15.84 16.84
CA GLN B 240 -34.18 15.39 18.10
C GLN B 240 -33.19 15.51 19.25
N LEU B 241 -31.97 15.04 19.02
CA LEU B 241 -30.93 15.08 20.04
C LEU B 241 -30.59 16.53 20.43
N LEU B 242 -30.31 17.35 19.41
CA LEU B 242 -29.97 18.74 19.65
C LEU B 242 -31.09 19.48 20.36
N LEU B 243 -32.33 19.13 20.05
CA LEU B 243 -33.48 19.73 20.76
C LEU B 243 -33.49 19.29 22.23
N GLY B 244 -33.30 17.99 22.44
CA GLY B 244 -33.32 17.43 23.77
C GLY B 244 -32.28 18.05 24.69
N ARG B 245 -31.12 18.37 24.15
CA ARG B 245 -30.06 18.98 24.95
C ARG B 245 -30.35 20.44 25.31
N MET B 246 -31.51 20.94 24.92
CA MET B 246 -31.91 22.30 25.25
C MET B 246 -32.93 22.37 26.38
N ASP B 247 -33.17 21.25 27.05
CA ASP B 247 -34.23 21.21 28.06
C ASP B 247 -33.76 20.72 29.42
N GLY B 248 -33.02 19.61 29.44
CA GLY B 248 -32.57 19.03 30.69
C GLY B 248 -31.47 19.83 31.37
N PRO B 249 -30.77 19.21 32.33
CA PRO B 249 -29.59 19.84 32.91
C PRO B 249 -28.40 19.74 31.97
N ARG B 250 -27.30 20.38 32.31
CA ARG B 250 -26.12 20.32 31.45
C ARG B 250 -25.46 18.95 31.56
N ARG B 251 -25.52 18.19 30.48
CA ARG B 251 -24.82 16.92 30.40
C ARG B 251 -23.32 17.17 30.28
N PRO B 252 -22.52 16.38 31.03
CA PRO B 252 -21.05 16.54 31.05
C PRO B 252 -20.38 16.11 29.75
N VAL B 253 -19.30 16.80 29.40
CA VAL B 253 -18.54 16.51 28.19
C VAL B 253 -17.71 15.24 28.34
N LYS B 254 -17.64 14.46 27.28
CA LYS B 254 -16.79 13.27 27.24
C LYS B 254 -15.43 13.63 26.65
N TYR B 255 -14.46 13.93 27.53
CA TYR B 255 -13.15 14.36 27.08
C TYR B 255 -12.35 13.22 26.49
N GLU B 256 -12.28 13.20 25.16
CA GLU B 256 -11.51 12.22 24.42
C GLU B 256 -10.07 12.70 24.28
N GLU B 257 -9.16 11.77 24.05
CA GLU B 257 -7.76 12.12 23.86
C GLU B 257 -7.54 12.73 22.49
N ASP B 258 -6.58 13.64 22.39
CA ASP B 258 -6.24 14.21 21.09
C ASP B 258 -5.53 13.16 20.25
N VAL B 259 -5.72 13.22 18.94
CA VAL B 259 -5.08 12.26 18.06
C VAL B 259 -3.60 12.63 17.87
N ASN B 260 -2.73 11.62 17.97
CA ASN B 260 -1.31 11.81 17.71
C ASN B 260 -0.94 11.22 16.36
N LEU B 261 -0.46 12.07 15.45
CA LEU B 261 -0.18 11.64 14.08
C LEU B 261 1.29 11.26 13.90
N GLY B 262 2.03 11.22 15.01
CA GLY B 262 3.42 10.81 14.96
C GLY B 262 4.27 11.69 14.08
N SER B 263 5.38 11.16 13.61
CA SER B 263 6.26 11.90 12.72
C SER B 263 6.90 10.99 11.68
N GLY B 264 7.83 11.55 10.91
CA GLY B 264 8.49 10.77 9.88
C GLY B 264 7.81 10.88 8.53
N THR B 265 8.56 10.57 7.48
CA THR B 265 8.08 10.69 6.12
C THR B 265 7.63 9.34 5.55
N ARG B 266 7.04 9.37 4.36
CA ARG B 266 6.58 8.13 3.72
C ARG B 266 7.25 7.88 2.38
N GLU C 8 14.74 1.96 -31.73
CA GLU C 8 13.73 2.83 -31.14
C GLU C 8 12.90 3.51 -32.21
N THR C 9 11.58 3.38 -32.12
CA THR C 9 10.68 3.98 -33.09
C THR C 9 10.44 5.46 -32.78
N LEU C 10 9.75 6.14 -33.69
CA LEU C 10 9.47 7.57 -33.54
C LEU C 10 8.49 7.82 -32.39
N GLY C 11 7.52 6.94 -32.24
CA GLY C 11 6.53 7.07 -31.19
C GLY C 11 7.14 6.96 -29.81
N GLU C 12 8.13 6.08 -29.68
CA GLU C 12 8.83 5.90 -28.42
C GLU C 12 9.60 7.16 -28.07
N LYS C 13 10.26 7.74 -29.05
CA LYS C 13 10.97 9.00 -28.87
C LYS C 13 10.01 10.10 -28.44
N TRP C 14 8.82 10.09 -29.04
CA TRP C 14 7.75 11.00 -28.66
C TRP C 14 7.37 10.83 -27.21
N LYS C 15 7.27 9.59 -26.76
CA LYS C 15 6.89 9.31 -25.38
C LYS C 15 7.96 9.78 -24.41
N ALA C 16 9.21 9.50 -24.74
CA ALA C 16 10.35 9.90 -23.93
C ALA C 16 10.42 11.40 -23.79
N ARG C 17 10.29 12.10 -24.92
CA ARG C 17 10.31 13.55 -24.93
C ARG C 17 9.14 14.11 -24.13
N LEU C 18 7.99 13.46 -24.25
CA LEU C 18 6.80 13.85 -23.51
C LEU C 18 7.08 13.80 -22.01
N ASN C 19 7.70 12.71 -21.56
CA ASN C 19 8.04 12.56 -20.14
C ASN C 19 9.17 13.51 -19.73
N GLN C 20 9.87 14.04 -20.72
CA GLN C 20 11.00 14.93 -20.48
C GLN C 20 10.57 16.39 -20.39
N MET C 21 9.29 16.65 -20.62
CA MET C 21 8.79 18.02 -20.66
C MET C 21 8.30 18.50 -19.30
N SER C 22 8.42 19.80 -19.07
CA SER C 22 7.91 20.41 -17.85
C SER C 22 6.39 20.51 -17.96
N ALA C 23 5.73 20.72 -16.82
CA ALA C 23 4.28 20.79 -16.79
C ALA C 23 3.77 21.99 -17.58
N LEU C 24 4.56 23.05 -17.64
CA LEU C 24 4.23 24.22 -18.45
C LEU C 24 4.18 23.83 -19.93
N GLU C 25 5.28 23.23 -20.39
CA GLU C 25 5.40 22.76 -21.77
C GLU C 25 4.34 21.73 -22.11
N PHE C 26 4.05 20.84 -21.16
CA PHE C 26 3.03 19.82 -21.38
C PHE C 26 1.66 20.47 -21.53
N TYR C 27 1.37 21.45 -20.68
CA TYR C 27 0.09 22.16 -20.72
C TYR C 27 -0.07 22.84 -22.08
N SER C 28 1.01 23.42 -22.58
CA SER C 28 1.00 24.06 -23.90
C SER C 28 0.87 23.06 -25.03
N TYR C 29 1.37 21.85 -24.83
CA TYR C 29 1.51 20.90 -25.91
C TYR C 29 0.30 20.00 -26.14
N LYS C 30 -0.35 19.59 -25.05
CA LYS C 30 -1.45 18.62 -25.14
C LYS C 30 -2.53 19.05 -26.14
N LYS C 31 -2.73 20.35 -26.31
CA LYS C 31 -3.75 20.86 -27.22
C LYS C 31 -3.20 21.71 -28.37
N SER C 32 -1.89 21.69 -28.56
CA SER C 32 -1.26 22.53 -29.57
C SER C 32 -1.64 22.13 -30.99
N GLY C 33 -2.59 22.85 -31.58
CA GLY C 33 -2.96 22.65 -32.97
C GLY C 33 -3.99 21.58 -33.20
N ILE C 34 -4.44 20.94 -32.12
CA ILE C 34 -5.44 19.89 -32.23
C ILE C 34 -6.81 20.46 -32.51
N THR C 35 -7.76 19.59 -32.82
CA THR C 35 -9.15 19.99 -33.03
C THR C 35 -9.94 19.63 -31.78
N GLU C 36 -10.75 20.56 -31.30
CA GLU C 36 -11.59 20.23 -30.14
C GLU C 36 -12.97 20.86 -30.24
N VAL C 37 -13.86 20.38 -29.39
CA VAL C 37 -15.26 20.74 -29.42
C VAL C 37 -15.64 21.59 -28.21
N CYS C 38 -16.41 22.65 -28.45
CA CYS C 38 -16.92 23.46 -27.35
C CYS C 38 -17.96 22.65 -26.57
N ARG C 39 -17.66 22.35 -25.32
CA ARG C 39 -18.49 21.49 -24.50
C ARG C 39 -19.19 22.23 -23.36
N GLU C 40 -19.05 23.55 -23.36
CA GLU C 40 -19.51 24.38 -22.23
C GLU C 40 -21.02 24.28 -22.02
N GLU C 41 -21.77 24.56 -23.08
CA GLU C 41 -23.23 24.54 -23.01
C GLU C 41 -23.74 23.14 -22.69
N ALA C 42 -23.09 22.13 -23.25
CA ALA C 42 -23.47 20.74 -23.00
C ALA C 42 -23.26 20.39 -21.54
N ARG C 43 -22.11 20.77 -20.99
CA ARG C 43 -21.82 20.56 -19.57
C ARG C 43 -22.87 21.23 -18.70
N ARG C 44 -23.18 22.49 -19.01
CA ARG C 44 -24.16 23.23 -18.23
C ARG C 44 -25.53 22.57 -18.25
N ALA C 45 -26.02 22.26 -19.45
CA ALA C 45 -27.33 21.66 -19.62
C ALA C 45 -27.42 20.32 -18.90
N LEU C 46 -26.41 19.47 -19.12
CA LEU C 46 -26.35 18.16 -18.49
C LEU C 46 -26.30 18.27 -16.97
N LYS C 47 -25.65 19.34 -16.48
CA LYS C 47 -25.62 19.57 -15.05
C LYS C 47 -27.00 19.96 -14.54
N ASP C 48 -27.73 20.75 -15.33
CA ASP C 48 -29.06 21.19 -14.95
C ASP C 48 -30.09 20.07 -15.04
N GLY C 49 -29.71 18.95 -15.65
CA GLY C 49 -30.59 17.80 -15.75
C GLY C 49 -31.45 17.78 -17.01
N VAL C 50 -31.04 18.54 -18.02
CA VAL C 50 -31.79 18.59 -19.27
C VAL C 50 -31.54 17.34 -20.12
N ALA C 51 -32.54 16.46 -20.18
CA ALA C 51 -32.40 15.21 -20.89
C ALA C 51 -32.60 15.40 -22.40
N THR C 52 -33.21 16.53 -22.77
CA THR C 52 -33.43 16.84 -24.18
C THR C 52 -32.38 17.83 -24.67
N GLY C 53 -32.70 18.57 -25.72
CA GLY C 53 -31.80 19.56 -26.25
C GLY C 53 -30.84 18.97 -27.27
N GLY C 54 -30.56 17.67 -27.13
CA GLY C 54 -29.71 16.97 -28.08
C GLY C 54 -28.24 17.06 -27.74
N HIS C 55 -27.93 17.37 -26.49
CA HIS C 55 -26.54 17.49 -26.05
C HIS C 55 -25.85 16.14 -26.03
N ALA C 56 -24.56 16.15 -26.33
CA ALA C 56 -23.75 14.94 -26.25
C ALA C 56 -23.24 14.74 -24.83
N VAL C 57 -23.26 13.50 -24.35
CA VAL C 57 -22.87 13.19 -22.98
C VAL C 57 -21.36 13.27 -22.79
N SER C 58 -20.61 13.19 -23.88
CA SER C 58 -19.16 13.25 -23.82
C SER C 58 -18.58 13.74 -25.15
N ARG C 59 -17.27 13.69 -25.27
CA ARG C 59 -16.60 14.15 -26.49
C ARG C 59 -16.49 13.02 -27.52
N GLY C 60 -16.63 11.78 -27.06
CA GLY C 60 -16.60 10.63 -27.94
C GLY C 60 -17.53 10.76 -29.15
N SER C 61 -18.73 11.29 -28.91
CA SER C 61 -19.71 11.49 -29.98
C SER C 61 -19.14 12.29 -31.16
N ALA C 62 -18.25 13.22 -30.85
CA ALA C 62 -17.60 14.09 -31.85
C ALA C 62 -16.43 13.39 -32.53
N LYS C 63 -15.78 12.47 -31.81
CA LYS C 63 -14.78 11.59 -32.42
C LYS C 63 -15.44 10.68 -33.44
N LEU C 64 -16.36 9.83 -32.97
CA LEU C 64 -17.07 8.87 -33.79
C LEU C 64 -17.67 9.56 -35.02
N ARG C 65 -18.38 10.66 -34.78
CA ARG C 65 -18.89 11.51 -35.85
C ARG C 65 -17.82 11.72 -36.92
N TRP C 66 -16.70 12.32 -36.52
CA TRP C 66 -15.57 12.60 -37.41
C TRP C 66 -15.19 11.41 -38.28
N LEU C 67 -15.23 10.20 -37.72
CA LEU C 67 -14.94 8.97 -38.47
C LEU C 67 -16.07 8.58 -39.41
N VAL C 68 -17.29 8.52 -38.88
CA VAL C 68 -18.43 8.06 -39.67
C VAL C 68 -18.69 8.99 -40.86
N GLU C 69 -18.53 10.29 -40.65
CA GLU C 69 -18.71 11.28 -41.72
C GLU C 69 -17.54 11.29 -42.70
N ARG C 70 -16.66 10.30 -42.60
CA ARG C 70 -15.54 10.16 -43.53
C ARG C 70 -15.43 8.73 -44.05
N GLY C 71 -16.42 7.91 -43.73
CA GLY C 71 -16.52 6.58 -44.30
C GLY C 71 -15.47 5.59 -43.84
N TYR C 72 -14.85 5.90 -42.70
CA TYR C 72 -13.91 4.98 -42.09
C TYR C 72 -14.67 3.85 -41.41
N LEU C 73 -15.96 4.06 -41.19
CA LEU C 73 -16.88 3.00 -40.79
C LEU C 73 -18.33 3.45 -40.96
N GLN C 74 -19.18 2.51 -41.36
CA GLN C 74 -20.59 2.80 -41.56
C GLN C 74 -21.45 1.90 -40.67
N PRO C 75 -21.73 2.37 -39.45
CA PRO C 75 -22.50 1.61 -38.44
C PRO C 75 -23.86 1.15 -38.95
N TYR C 76 -24.20 -0.10 -38.65
CA TYR C 76 -25.45 -0.70 -39.07
C TYR C 76 -25.86 -1.82 -38.13
N GLY C 77 -27.17 -2.06 -38.03
CA GLY C 77 -27.70 -3.18 -37.27
C GLY C 77 -27.42 -3.16 -35.78
N LYS C 78 -27.02 -4.31 -35.26
CA LYS C 78 -26.75 -4.46 -33.83
C LYS C 78 -25.38 -3.92 -33.49
N VAL C 79 -25.36 -2.95 -32.57
CA VAL C 79 -24.12 -2.30 -32.17
C VAL C 79 -23.73 -2.68 -30.75
N ILE C 80 -22.44 -2.90 -30.52
CA ILE C 80 -21.94 -3.19 -29.18
C ILE C 80 -20.87 -2.18 -28.78
N ASP C 81 -21.14 -1.44 -27.70
CA ASP C 81 -20.18 -0.44 -27.24
C ASP C 81 -19.40 -0.95 -26.02
N LEU C 82 -18.17 -1.38 -26.26
CA LEU C 82 -17.29 -1.86 -25.20
C LEU C 82 -16.59 -0.70 -24.50
N GLY C 83 -16.84 -0.53 -23.21
CA GLY C 83 -16.31 0.60 -22.47
C GLY C 83 -17.02 1.87 -22.88
N CYS C 84 -18.35 1.81 -22.90
CA CYS C 84 -19.15 2.92 -23.38
C CYS C 84 -19.07 4.12 -22.46
N GLY C 85 -18.64 3.90 -21.21
CA GLY C 85 -18.51 4.97 -20.24
C GLY C 85 -19.82 5.72 -20.08
N ARG C 86 -19.78 7.01 -20.40
CA ARG C 86 -20.98 7.83 -20.36
C ARG C 86 -21.90 7.51 -21.53
N GLY C 87 -21.31 7.06 -22.64
CA GLY C 87 -22.09 6.53 -23.74
C GLY C 87 -22.25 7.41 -24.97
N GLY C 88 -21.24 8.25 -25.26
CA GLY C 88 -21.29 9.12 -26.42
C GLY C 88 -21.39 8.36 -27.74
N TRP C 89 -20.56 7.34 -27.86
CA TRP C 89 -20.56 6.49 -29.04
C TRP C 89 -21.90 5.78 -29.22
N SER C 90 -22.49 5.38 -28.10
CA SER C 90 -23.75 4.66 -28.13
C SER C 90 -24.89 5.53 -28.66
N TYR C 91 -25.04 6.74 -28.12
CA TYR C 91 -26.09 7.64 -28.56
C TYR C 91 -25.86 8.08 -30.00
N TYR C 92 -24.62 8.45 -30.32
CA TYR C 92 -24.33 8.86 -31.69
C TYR C 92 -24.66 7.75 -32.67
N ALA C 93 -24.23 6.53 -32.36
CA ALA C 93 -24.49 5.39 -33.23
C ALA C 93 -25.98 5.12 -33.32
N ALA C 94 -26.71 5.42 -32.26
CA ALA C 94 -28.15 5.22 -32.25
C ALA C 94 -28.83 6.20 -33.18
N THR C 95 -28.23 7.38 -33.37
CA THR C 95 -28.80 8.37 -34.27
C THR C 95 -28.66 8.02 -35.75
N ILE C 96 -28.16 6.82 -36.05
CA ILE C 96 -27.91 6.43 -37.43
C ILE C 96 -29.02 5.51 -37.96
N ARG C 97 -29.44 5.76 -39.20
CA ARG C 97 -30.53 5.02 -39.83
C ARG C 97 -30.32 3.51 -39.89
N LYS C 98 -29.17 3.10 -40.43
CA LYS C 98 -28.88 1.69 -40.62
C LYS C 98 -28.75 0.93 -39.29
N VAL C 99 -28.51 1.68 -38.22
CA VAL C 99 -28.36 1.09 -36.89
C VAL C 99 -29.72 0.73 -36.30
N GLN C 100 -29.85 -0.51 -35.84
CA GLN C 100 -31.13 -1.00 -35.34
C GLN C 100 -31.15 -1.13 -33.82
N GLU C 101 -30.01 -1.50 -33.25
CA GLU C 101 -29.92 -1.71 -31.81
C GLU C 101 -28.53 -1.39 -31.28
N VAL C 102 -28.47 -0.73 -30.13
CA VAL C 102 -27.20 -0.38 -29.50
C VAL C 102 -27.13 -0.93 -28.07
N LYS C 103 -26.15 -1.77 -27.81
CA LYS C 103 -25.91 -2.30 -26.47
C LYS C 103 -24.52 -1.91 -25.98
N GLY C 104 -24.45 -1.08 -24.95
CA GLY C 104 -23.18 -0.62 -24.43
C GLY C 104 -22.86 -1.19 -23.06
N TYR C 105 -21.58 -1.38 -22.78
CA TYR C 105 -21.15 -1.90 -21.50
C TYR C 105 -19.91 -1.18 -20.98
N THR C 106 -19.97 -0.70 -19.75
CA THR C 106 -18.83 -0.05 -19.13
C THR C 106 -18.58 -0.65 -17.74
N LYS C 107 -17.39 -0.39 -17.21
CA LYS C 107 -16.96 -0.98 -15.95
C LYS C 107 -17.68 -0.37 -14.76
N GLY C 108 -17.73 0.96 -14.73
CA GLY C 108 -18.37 1.67 -13.63
C GLY C 108 -17.58 1.58 -12.34
N GLY C 109 -18.17 2.09 -11.26
CA GLY C 109 -17.50 2.12 -9.98
C GLY C 109 -16.56 3.30 -9.86
N PRO C 110 -15.84 3.39 -8.73
CA PRO C 110 -14.85 4.44 -8.49
C PRO C 110 -13.85 4.61 -9.62
N GLY C 111 -13.55 5.84 -9.98
CA GLY C 111 -12.60 6.13 -11.04
C GLY C 111 -13.16 5.99 -12.44
N HIS C 112 -14.12 5.09 -12.61
CA HIS C 112 -14.67 4.81 -13.93
C HIS C 112 -16.02 5.49 -14.17
N GLU C 113 -16.25 5.89 -15.41
CA GLU C 113 -17.46 6.63 -15.77
C GLU C 113 -18.71 5.77 -15.76
N GLU C 114 -19.78 6.33 -15.24
CA GLU C 114 -21.09 5.68 -15.29
C GLU C 114 -21.86 6.21 -16.49
N PRO C 115 -22.83 5.43 -16.98
CA PRO C 115 -23.67 5.88 -18.10
C PRO C 115 -24.51 7.08 -17.74
N VAL C 116 -24.71 7.97 -18.71
CA VAL C 116 -25.54 9.15 -18.50
C VAL C 116 -26.85 9.00 -19.26
N LEU C 117 -27.95 9.10 -18.54
CA LEU C 117 -29.28 8.97 -19.14
C LEU C 117 -29.72 10.27 -19.82
N VAL C 118 -29.84 10.20 -21.15
CA VAL C 118 -30.24 11.34 -21.97
C VAL C 118 -31.28 10.88 -23.00
N GLN C 119 -32.23 11.76 -23.33
CA GLN C 119 -33.22 11.48 -24.37
C GLN C 119 -32.93 12.24 -25.66
N SER C 120 -31.80 11.89 -26.29
CA SER C 120 -31.40 12.34 -27.62
C SER C 120 -31.95 11.29 -28.60
N TYR C 121 -32.27 11.73 -29.81
CA TYR C 121 -32.85 10.91 -30.88
C TYR C 121 -32.31 9.48 -30.86
N GLY C 122 -33.22 8.50 -30.77
CA GLY C 122 -32.89 7.11 -31.08
C GLY C 122 -32.36 6.46 -29.83
N TRP C 123 -32.60 7.16 -28.73
CA TRP C 123 -32.06 6.81 -27.44
C TRP C 123 -32.83 5.62 -26.86
N ASN C 124 -34.08 5.41 -27.30
CA ASN C 124 -34.87 4.19 -26.94
C ASN C 124 -34.30 2.84 -27.40
N ILE C 125 -33.40 2.84 -28.37
CA ILE C 125 -32.77 1.59 -28.79
C ILE C 125 -31.41 1.41 -28.12
N VAL C 126 -31.00 2.41 -27.37
CA VAL C 126 -29.77 2.33 -26.59
C VAL C 126 -30.01 1.53 -25.31
N ARG C 127 -29.00 0.76 -24.91
CA ARG C 127 -29.07 -0.03 -23.69
C ARG C 127 -27.70 -0.04 -23.00
N LEU C 128 -27.51 0.91 -22.09
CA LEU C 128 -26.25 1.03 -21.38
C LEU C 128 -26.27 0.20 -20.09
N LYS C 129 -25.28 -0.67 -19.94
CA LYS C 129 -25.20 -1.56 -18.80
C LYS C 129 -23.88 -1.36 -18.06
N SER C 130 -23.94 -0.80 -16.86
CA SER C 130 -22.74 -0.55 -16.09
C SER C 130 -22.38 -1.75 -15.22
N GLY C 131 -21.25 -1.68 -14.54
CA GLY C 131 -20.81 -2.75 -13.66
C GLY C 131 -20.46 -4.00 -14.42
N VAL C 132 -19.80 -3.82 -15.56
CA VAL C 132 -19.46 -4.93 -16.45
C VAL C 132 -17.99 -4.91 -16.84
N ASP C 133 -17.29 -6.02 -16.66
CA ASP C 133 -15.89 -6.13 -17.10
C ASP C 133 -15.81 -6.95 -18.38
N VAL C 134 -15.52 -6.28 -19.48
CA VAL C 134 -15.52 -6.91 -20.79
C VAL C 134 -14.39 -7.92 -20.97
N PHE C 135 -13.36 -7.84 -20.12
CA PHE C 135 -12.29 -8.83 -20.13
C PHE C 135 -12.80 -10.14 -19.54
N HIS C 136 -13.89 -10.05 -18.77
CA HIS C 136 -14.52 -11.21 -18.17
C HIS C 136 -15.94 -11.38 -18.69
N MET C 137 -16.10 -11.13 -19.98
CA MET C 137 -17.41 -11.21 -20.61
C MET C 137 -17.35 -12.00 -21.90
N ALA C 138 -18.28 -12.94 -22.05
CA ALA C 138 -18.38 -13.74 -23.27
C ALA C 138 -18.85 -12.88 -24.44
N ALA C 139 -18.15 -13.02 -25.57
CA ALA C 139 -18.49 -12.29 -26.77
C ALA C 139 -19.81 -12.75 -27.36
N GLU C 140 -20.57 -11.82 -27.90
CA GLU C 140 -21.84 -12.15 -28.56
C GLU C 140 -21.85 -11.55 -29.96
N PRO C 141 -22.53 -12.22 -30.91
CA PRO C 141 -22.54 -11.77 -32.31
C PRO C 141 -23.14 -10.37 -32.47
N CYS C 142 -22.52 -9.58 -33.33
CA CYS C 142 -23.04 -8.25 -33.64
C CYS C 142 -22.58 -7.83 -35.03
N ASP C 143 -23.18 -6.75 -35.53
CA ASP C 143 -22.81 -6.22 -36.84
C ASP C 143 -21.80 -5.09 -36.71
N THR C 144 -21.97 -4.26 -35.69
CA THR C 144 -21.04 -3.16 -35.43
C THR C 144 -20.36 -3.33 -34.08
N LEU C 145 -19.03 -3.43 -34.09
CA LEU C 145 -18.23 -3.67 -32.90
C LEU C 145 -17.43 -2.42 -32.53
N LEU C 146 -17.87 -1.71 -31.51
CA LEU C 146 -17.16 -0.54 -31.02
C LEU C 146 -16.41 -0.86 -29.72
N CYS C 147 -15.21 -0.31 -29.59
CA CYS C 147 -14.41 -0.50 -28.39
C CYS C 147 -13.50 0.69 -28.17
N ASP C 148 -13.60 1.34 -27.01
CA ASP C 148 -12.82 2.54 -26.74
C ASP C 148 -12.06 2.43 -25.41
N ILE C 149 -11.41 1.29 -25.20
CA ILE C 149 -10.70 1.05 -23.96
C ILE C 149 -9.19 1.20 -24.13
N GLY C 150 -8.59 2.00 -23.24
CA GLY C 150 -7.16 2.23 -23.26
C GLY C 150 -6.77 3.43 -22.42
N GLU C 151 -6.41 3.18 -21.17
CA GLU C 151 -6.05 4.23 -20.24
C GLU C 151 -4.59 4.63 -20.39
N SER C 152 -4.32 5.93 -20.45
CA SER C 152 -2.98 6.43 -20.67
C SER C 152 -2.04 6.08 -19.51
N SER C 153 -0.75 6.09 -19.80
CA SER C 153 0.26 5.82 -18.79
C SER C 153 1.56 6.51 -19.15
N SER C 154 2.36 6.82 -18.14
CA SER C 154 3.66 7.43 -18.33
C SER C 154 4.65 6.42 -18.91
N SER C 155 4.35 5.14 -18.73
CA SER C 155 5.23 4.07 -19.17
C SER C 155 4.79 3.47 -20.49
N PRO C 156 5.67 3.48 -21.49
CA PRO C 156 5.36 2.89 -22.80
C PRO C 156 5.04 1.41 -22.67
N GLU C 157 5.74 0.74 -21.75
CA GLU C 157 5.50 -0.68 -21.48
C GLU C 157 4.08 -0.93 -21.01
N VAL C 158 3.61 -0.08 -20.09
CA VAL C 158 2.26 -0.23 -19.53
C VAL C 158 1.20 -0.08 -20.61
N GLU C 159 1.35 0.98 -21.41
CA GLU C 159 0.44 1.25 -22.51
C GLU C 159 0.43 0.12 -23.53
N GLU C 160 1.63 -0.41 -23.81
CA GLU C 160 1.78 -1.54 -24.70
C GLU C 160 1.03 -2.77 -24.18
N ALA C 161 1.22 -3.08 -22.90
CA ALA C 161 0.60 -4.23 -22.27
C ALA C 161 -0.92 -4.12 -22.30
N ARG C 162 -1.42 -2.97 -21.86
CA ARG C 162 -2.84 -2.68 -21.88
C ARG C 162 -3.42 -2.85 -23.28
N THR C 163 -2.72 -2.30 -24.27
CA THR C 163 -3.18 -2.38 -25.64
C THR C 163 -3.22 -3.81 -26.16
N LEU C 164 -2.25 -4.61 -25.75
CA LEU C 164 -2.23 -6.02 -26.14
C LEU C 164 -3.41 -6.76 -25.56
N ARG C 165 -3.61 -6.60 -24.25
CA ARG C 165 -4.74 -7.21 -23.55
C ARG C 165 -6.06 -6.87 -24.23
N VAL C 166 -6.23 -5.58 -24.52
CA VAL C 166 -7.40 -5.10 -25.25
C VAL C 166 -7.53 -5.78 -26.61
N LEU C 167 -6.42 -5.93 -27.31
CA LEU C 167 -6.45 -6.50 -28.66
C LEU C 167 -6.86 -7.97 -28.65
N SER C 168 -6.39 -8.73 -27.68
CA SER C 168 -6.85 -10.12 -27.53
C SER C 168 -8.35 -10.14 -27.25
N MET C 169 -8.74 -9.31 -26.30
CA MET C 169 -10.14 -9.20 -25.90
C MET C 169 -11.06 -8.92 -27.09
N VAL C 170 -10.70 -7.95 -27.92
CA VAL C 170 -11.52 -7.61 -29.08
C VAL C 170 -11.37 -8.65 -30.17
N GLY C 171 -10.28 -9.41 -30.11
CA GLY C 171 -10.06 -10.48 -31.07
C GLY C 171 -11.13 -11.52 -30.91
N ASP C 172 -11.45 -11.83 -29.65
CA ASP C 172 -12.55 -12.76 -29.37
C ASP C 172 -13.87 -12.34 -30.04
N TRP C 173 -14.15 -11.04 -30.01
CA TRP C 173 -15.39 -10.50 -30.56
C TRP C 173 -15.38 -10.48 -32.08
N LEU C 174 -14.26 -10.05 -32.64
CA LEU C 174 -14.08 -9.97 -34.09
C LEU C 174 -14.15 -11.35 -34.70
N GLU C 175 -13.83 -12.37 -33.91
CA GLU C 175 -13.89 -13.75 -34.37
C GLU C 175 -15.31 -14.16 -34.80
N LYS C 176 -16.32 -13.48 -34.26
CA LYS C 176 -17.70 -13.71 -34.66
C LYS C 176 -18.01 -12.94 -35.93
N ARG C 177 -17.03 -12.18 -36.39
CA ARG C 177 -17.01 -11.58 -37.72
C ARG C 177 -18.11 -10.55 -37.97
N PRO C 178 -17.92 -9.32 -37.47
CA PRO C 178 -18.51 -8.14 -38.10
C PRO C 178 -17.67 -7.86 -39.35
N GLY C 179 -18.09 -7.01 -40.29
CA GLY C 179 -19.23 -6.13 -40.16
C GLY C 179 -18.65 -4.74 -40.26
N ALA C 180 -19.08 -3.85 -39.35
CA ALA C 180 -18.38 -2.60 -39.15
C ALA C 180 -17.73 -2.67 -37.77
N PHE C 181 -16.57 -2.05 -37.60
CA PHE C 181 -15.96 -2.00 -36.28
C PHE C 181 -15.03 -0.79 -36.12
N CYS C 182 -14.91 -0.33 -34.88
CA CYS C 182 -14.04 0.77 -34.52
C CYS C 182 -13.37 0.47 -33.18
N ILE C 183 -12.06 0.35 -33.19
CA ILE C 183 -11.33 -0.08 -32.01
C ILE C 183 -10.19 0.86 -31.64
N LYS C 184 -10.23 1.39 -30.43
CA LYS C 184 -9.18 2.25 -29.92
C LYS C 184 -7.90 1.47 -29.67
N VAL C 185 -6.82 1.92 -30.31
CA VAL C 185 -5.49 1.37 -30.08
C VAL C 185 -4.66 2.45 -29.39
N LEU C 186 -4.47 2.30 -28.09
CA LEU C 186 -3.79 3.30 -27.28
C LEU C 186 -2.32 3.44 -27.65
N CYS C 187 -1.61 2.31 -27.73
CA CYS C 187 -0.19 2.32 -28.04
C CYS C 187 0.14 1.48 -29.25
N PRO C 188 0.15 2.12 -30.43
CA PRO C 188 0.51 1.42 -31.66
C PRO C 188 1.90 1.80 -32.17
N TYR C 189 2.76 2.33 -31.31
CA TYR C 189 4.03 2.87 -31.79
C TYR C 189 5.25 2.01 -31.44
N THR C 190 5.06 0.89 -30.78
CA THR C 190 6.16 -0.01 -30.49
C THR C 190 6.21 -1.11 -31.55
N SER C 191 7.38 -1.75 -31.71
CA SER C 191 7.60 -2.71 -32.77
C SER C 191 6.63 -3.89 -32.71
N THR C 192 6.51 -4.50 -31.55
CA THR C 192 5.61 -5.63 -31.36
C THR C 192 4.17 -5.24 -31.66
N MET C 193 3.84 -3.99 -31.36
CA MET C 193 2.50 -3.48 -31.62
C MET C 193 2.24 -3.32 -33.12
N MET C 194 3.20 -2.77 -33.85
CA MET C 194 3.06 -2.65 -35.29
C MET C 194 2.98 -4.03 -35.94
N GLU C 195 3.74 -4.98 -35.41
CA GLU C 195 3.76 -6.34 -35.94
C GLU C 195 2.41 -7.03 -35.74
N THR C 196 1.90 -6.97 -34.51
CA THR C 196 0.63 -7.60 -34.18
C THR C 196 -0.55 -6.89 -34.86
N LEU C 197 -0.39 -5.61 -35.12
CA LEU C 197 -1.43 -4.86 -35.81
C LEU C 197 -1.41 -5.16 -37.30
N GLU C 198 -0.23 -5.45 -37.82
CA GLU C 198 -0.10 -5.92 -39.20
C GLU C 198 -0.77 -7.28 -39.33
N ARG C 199 -0.46 -8.16 -38.39
CA ARG C 199 -1.04 -9.50 -38.37
C ARG C 199 -2.56 -9.45 -38.26
N LEU C 200 -3.05 -8.56 -37.40
CA LEU C 200 -4.49 -8.40 -37.20
C LEU C 200 -5.14 -7.72 -38.40
N GLN C 201 -4.36 -6.97 -39.16
CA GLN C 201 -4.88 -6.35 -40.36
C GLN C 201 -4.84 -7.34 -41.50
N ARG C 202 -4.11 -8.44 -41.30
CA ARG C 202 -4.11 -9.52 -42.28
C ARG C 202 -5.29 -10.45 -42.02
N ARG C 203 -5.53 -10.75 -40.75
CA ARG C 203 -6.62 -11.64 -40.39
C ARG C 203 -7.97 -10.98 -40.60
N TYR C 204 -8.13 -9.76 -40.07
CA TYR C 204 -9.34 -8.99 -40.29
C TYR C 204 -9.03 -7.76 -41.12
N GLY C 205 -10.05 -7.14 -41.68
CA GLY C 205 -9.86 -5.99 -42.55
C GLY C 205 -9.54 -4.72 -41.78
N GLY C 206 -9.77 -3.58 -42.43
CA GLY C 206 -9.63 -2.30 -41.77
C GLY C 206 -8.24 -1.70 -41.77
N GLY C 207 -8.08 -0.59 -41.05
CA GLY C 207 -6.82 0.12 -40.96
C GLY C 207 -6.82 1.14 -39.85
N LEU C 208 -5.65 1.72 -39.58
CA LEU C 208 -5.51 2.69 -38.50
C LEU C 208 -5.77 4.11 -38.98
N VAL C 209 -6.48 4.87 -38.16
CA VAL C 209 -6.76 6.28 -38.46
C VAL C 209 -6.53 7.15 -37.22
N ARG C 210 -5.68 8.15 -37.35
CA ARG C 210 -5.46 9.10 -36.26
C ARG C 210 -6.48 10.22 -36.34
N VAL C 211 -7.25 10.39 -35.28
CA VAL C 211 -8.26 11.44 -35.20
C VAL C 211 -7.65 12.72 -34.64
N PRO C 212 -7.88 13.85 -35.32
CA PRO C 212 -7.35 15.16 -34.90
C PRO C 212 -7.92 15.62 -33.58
N LEU C 213 -9.09 15.10 -33.22
CA LEU C 213 -9.72 15.44 -31.96
C LEU C 213 -8.92 14.87 -30.78
N SER C 214 -8.15 13.82 -31.04
CA SER C 214 -7.26 13.28 -30.03
C SER C 214 -6.21 14.33 -29.68
N ARG C 215 -5.87 14.40 -28.40
CA ARG C 215 -4.89 15.37 -27.94
C ARG C 215 -3.47 14.88 -28.24
N ASN C 216 -2.50 15.77 -28.06
CA ASN C 216 -1.12 15.46 -28.38
C ASN C 216 -0.45 14.64 -27.29
N SER C 217 -1.11 14.55 -26.14
CA SER C 217 -0.58 13.80 -25.01
C SER C 217 -0.84 12.31 -25.16
N THR C 218 -1.65 11.94 -26.13
CA THR C 218 -1.97 10.54 -26.37
C THR C 218 -1.67 10.18 -27.82
N HIS C 219 -1.12 8.99 -28.01
CA HIS C 219 -0.74 8.52 -29.34
C HIS C 219 -1.79 7.55 -29.87
N GLU C 220 -3.00 7.67 -29.33
CA GLU C 220 -4.08 6.76 -29.67
C GLU C 220 -4.50 6.87 -31.14
N MET C 221 -4.69 5.73 -31.77
CA MET C 221 -5.22 5.69 -33.12
C MET C 221 -6.43 4.78 -33.13
N TYR C 222 -7.19 4.77 -34.22
CA TYR C 222 -8.39 3.95 -34.25
C TYR C 222 -8.41 2.99 -35.43
N TRP C 223 -8.38 1.71 -35.09
CA TRP C 223 -8.52 0.63 -36.06
C TRP C 223 -9.97 0.49 -36.49
N VAL C 224 -10.26 1.02 -37.67
CA VAL C 224 -11.62 1.05 -38.19
C VAL C 224 -11.74 0.20 -39.45
N SER C 225 -12.94 -0.28 -39.73
CA SER C 225 -13.17 -1.21 -40.83
C SER C 225 -13.09 -0.57 -42.22
N GLY C 226 -13.82 0.53 -42.41
CA GLY C 226 -13.96 1.14 -43.72
C GLY C 226 -12.72 1.89 -44.16
N ALA C 227 -11.65 1.76 -43.38
CA ALA C 227 -10.37 2.32 -43.80
C ALA C 227 -9.46 1.26 -44.39
N LYS C 228 -8.79 1.61 -45.49
CA LYS C 228 -7.64 0.86 -45.98
C LYS C 228 -6.35 1.61 -45.66
N SER C 229 -5.35 0.94 -45.10
CA SER C 229 -4.10 1.61 -44.78
C SER C 229 -2.95 0.67 -44.44
N ASN C 230 -1.73 1.18 -44.60
CA ASN C 230 -0.51 0.52 -44.13
C ASN C 230 -0.24 0.93 -42.70
N THR C 231 0.00 -0.04 -41.84
CA THR C 231 0.16 0.23 -40.42
C THR C 231 1.34 1.17 -40.14
N ILE C 232 2.54 0.71 -40.48
CA ILE C 232 3.77 1.44 -40.19
C ILE C 232 3.76 2.87 -40.71
N LYS C 233 3.20 3.07 -41.90
CA LYS C 233 3.17 4.39 -42.52
C LYS C 233 2.28 5.36 -41.73
N SER C 234 1.07 4.93 -41.42
CA SER C 234 0.16 5.76 -40.63
C SER C 234 0.72 6.05 -39.25
N VAL C 235 1.24 5.03 -38.58
CA VAL C 235 1.77 5.21 -37.24
C VAL C 235 2.97 6.16 -37.24
N SER C 236 3.87 5.99 -38.21
CA SER C 236 5.06 6.83 -38.30
C SER C 236 4.72 8.27 -38.67
N THR C 237 3.68 8.46 -39.49
CA THR C 237 3.26 9.81 -39.84
C THR C 237 2.61 10.49 -38.63
N THR C 238 1.86 9.71 -37.86
CA THR C 238 1.27 10.20 -36.62
C THR C 238 2.36 10.66 -35.66
N SER C 239 3.30 9.76 -35.40
CA SER C 239 4.45 10.06 -34.55
C SER C 239 5.20 11.30 -35.07
N GLN C 240 5.31 11.41 -36.38
CA GLN C 240 5.97 12.56 -37.00
C GLN C 240 5.26 13.85 -36.64
N LEU C 241 3.93 13.84 -36.74
CA LEU C 241 3.13 15.01 -36.40
C LEU C 241 3.28 15.40 -34.92
N LEU C 242 3.09 14.42 -34.05
CA LEU C 242 3.18 14.66 -32.61
C LEU C 242 4.57 15.17 -32.22
N LEU C 243 5.60 14.65 -32.88
CA LEU C 243 6.97 15.12 -32.67
C LEU C 243 7.12 16.55 -33.15
N GLY C 244 6.48 16.85 -34.28
CA GLY C 244 6.57 18.17 -34.88
C GLY C 244 5.99 19.25 -33.99
N ARG C 245 4.84 18.97 -33.40
CA ARG C 245 4.17 19.95 -32.56
C ARG C 245 4.86 20.18 -31.20
N MET C 246 6.03 19.60 -31.03
CA MET C 246 6.78 19.75 -29.77
C MET C 246 7.87 20.80 -29.90
N ASP C 247 8.05 21.34 -31.10
CA ASP C 247 9.19 22.21 -31.37
C ASP C 247 8.81 23.65 -31.69
N GLY C 248 7.85 23.84 -32.58
CA GLY C 248 7.48 25.18 -33.00
C GLY C 248 6.78 25.97 -31.92
N PRO C 249 6.15 27.08 -32.30
CA PRO C 249 5.29 27.81 -31.36
C PRO C 249 4.00 27.03 -31.14
N ARG C 250 3.18 27.44 -30.18
CA ARG C 250 1.92 26.75 -29.97
C ARG C 250 0.95 27.07 -31.09
N ARG C 251 0.60 26.04 -31.85
CA ARG C 251 -0.40 26.18 -32.90
C ARG C 251 -1.78 26.33 -32.26
N PRO C 252 -2.63 27.18 -32.85
CA PRO C 252 -3.95 27.46 -32.27
C PRO C 252 -4.93 26.30 -32.44
N VAL C 253 -5.87 26.18 -31.51
CA VAL C 253 -6.85 25.11 -31.53
C VAL C 253 -7.99 25.42 -32.51
N LYS C 254 -8.33 24.42 -33.34
CA LYS C 254 -9.42 24.57 -34.28
C LYS C 254 -10.74 24.19 -33.62
N TYR C 255 -11.42 25.19 -33.04
CA TYR C 255 -12.63 24.96 -32.27
C TYR C 255 -13.81 24.55 -33.15
N GLU C 256 -14.07 23.25 -33.19
CA GLU C 256 -15.19 22.71 -33.91
C GLU C 256 -16.45 22.78 -33.03
N GLU C 257 -17.62 22.82 -33.67
CA GLU C 257 -18.91 22.85 -32.97
C GLU C 257 -19.18 21.49 -32.35
N ASP C 258 -19.91 21.49 -31.24
CA ASP C 258 -20.31 20.23 -30.63
C ASP C 258 -21.43 19.59 -31.44
N VAL C 259 -21.47 18.27 -31.44
CA VAL C 259 -22.49 17.55 -32.17
C VAL C 259 -23.81 17.55 -31.41
N ASN C 260 -24.89 17.88 -32.11
CA ASN C 260 -26.23 17.80 -31.56
C ASN C 260 -26.89 16.52 -32.05
N LEU C 261 -27.45 15.74 -31.13
CA LEU C 261 -28.04 14.46 -31.48
C LEU C 261 -29.57 14.51 -31.44
N GLY C 262 -30.12 15.72 -31.43
CA GLY C 262 -31.56 15.92 -31.44
C GLY C 262 -32.27 15.21 -30.31
N SER C 263 -33.53 14.85 -30.54
CA SER C 263 -34.30 14.14 -29.53
C SER C 263 -35.38 13.29 -30.20
N GLY C 264 -36.04 12.45 -29.40
CA GLY C 264 -37.11 11.61 -29.91
C GLY C 264 -36.75 10.14 -29.99
N THR C 265 -37.74 9.32 -30.29
CA THR C 265 -37.56 7.89 -30.37
C THR C 265 -37.55 7.41 -31.82
N ARG C 266 -37.28 6.13 -32.01
CA ARG C 266 -37.29 5.55 -33.35
C ARG C 266 -38.16 4.29 -33.38
N GLU D 8 -53.29 -4.49 0.94
CA GLU D 8 -52.33 -5.42 0.34
C GLU D 8 -51.05 -4.70 -0.06
N THR D 9 -49.92 -5.21 0.43
CA THR D 9 -48.62 -4.62 0.12
C THR D 9 -48.10 -5.12 -1.22
N LEU D 10 -47.01 -4.53 -1.69
CA LEU D 10 -46.42 -4.92 -2.97
C LEU D 10 -45.86 -6.33 -2.93
N GLY D 11 -45.24 -6.69 -1.82
CA GLY D 11 -44.67 -8.01 -1.63
C GLY D 11 -45.71 -9.10 -1.73
N GLU D 12 -46.90 -8.84 -1.18
CA GLU D 12 -48.01 -9.78 -1.24
C GLU D 12 -48.47 -10.00 -2.67
N LYS D 13 -48.50 -8.93 -3.45
CA LYS D 13 -48.84 -9.02 -4.86
C LYS D 13 -47.81 -9.85 -5.61
N TRP D 14 -46.54 -9.61 -5.30
CA TRP D 14 -45.45 -10.40 -5.84
C TRP D 14 -45.65 -11.89 -5.51
N LYS D 15 -46.08 -12.17 -4.29
CA LYS D 15 -46.25 -13.54 -3.84
C LYS D 15 -47.39 -14.24 -4.59
N ALA D 16 -48.51 -13.54 -4.72
CA ALA D 16 -49.67 -14.09 -5.42
C ALA D 16 -49.37 -14.32 -6.90
N ARG D 17 -48.73 -13.34 -7.53
CA ARG D 17 -48.33 -13.45 -8.92
C ARG D 17 -47.34 -14.61 -9.09
N LEU D 18 -46.47 -14.78 -8.09
CA LEU D 18 -45.48 -15.84 -8.10
C LEU D 18 -46.17 -17.19 -8.07
N ASN D 19 -47.17 -17.32 -7.21
CA ASN D 19 -47.95 -18.54 -7.12
C ASN D 19 -48.79 -18.78 -8.37
N GLN D 20 -49.09 -17.69 -9.10
CA GLN D 20 -49.85 -17.78 -10.32
C GLN D 20 -49.05 -18.35 -11.49
N MET D 21 -47.76 -18.00 -11.54
CA MET D 21 -46.90 -18.32 -12.67
C MET D 21 -46.84 -19.81 -12.99
N SER D 22 -46.47 -20.12 -14.22
CA SER D 22 -46.29 -21.49 -14.64
C SER D 22 -44.92 -21.99 -14.19
N ALA D 23 -44.65 -23.26 -14.44
CA ALA D 23 -43.37 -23.84 -14.08
C ALA D 23 -42.26 -23.24 -14.95
N LEU D 24 -42.59 -22.96 -16.20
CA LEU D 24 -41.64 -22.38 -17.14
C LEU D 24 -41.24 -20.96 -16.72
N GLU D 25 -42.26 -20.12 -16.55
CA GLU D 25 -42.07 -18.75 -16.14
C GLU D 25 -41.27 -18.68 -14.86
N PHE D 26 -41.58 -19.57 -13.92
CA PHE D 26 -40.90 -19.61 -12.63
C PHE D 26 -39.44 -20.02 -12.80
N TYR D 27 -39.23 -21.12 -13.53
CA TYR D 27 -37.89 -21.64 -13.78
C TYR D 27 -36.98 -20.55 -14.30
N SER D 28 -37.53 -19.72 -15.17
CA SER D 28 -36.71 -18.65 -15.75
C SER D 28 -36.64 -17.39 -14.87
N TYR D 29 -37.62 -17.20 -14.02
CA TYR D 29 -37.71 -15.98 -13.22
C TYR D 29 -36.85 -16.03 -11.97
N LYS D 30 -36.68 -17.22 -11.40
CA LYS D 30 -35.97 -17.40 -10.14
C LYS D 30 -34.57 -16.79 -10.17
N LYS D 31 -33.94 -16.81 -11.35
CA LYS D 31 -32.58 -16.30 -11.48
C LYS D 31 -32.45 -15.12 -12.44
N SER D 32 -33.58 -14.60 -12.91
CA SER D 32 -33.56 -13.51 -13.88
C SER D 32 -32.93 -12.24 -13.33
N GLY D 33 -31.68 -12.00 -13.72
CA GLY D 33 -31.01 -10.75 -13.41
C GLY D 33 -30.30 -10.74 -12.07
N ILE D 34 -30.39 -11.85 -11.35
CA ILE D 34 -29.74 -11.95 -10.04
C ILE D 34 -28.25 -12.18 -10.21
N THR D 35 -27.52 -12.03 -9.11
CA THR D 35 -26.09 -12.31 -9.08
C THR D 35 -25.89 -13.68 -8.47
N GLU D 36 -25.04 -14.50 -9.07
CA GLU D 36 -24.77 -15.81 -8.48
C GLU D 36 -23.32 -16.22 -8.63
N VAL D 37 -22.94 -17.24 -7.88
CA VAL D 37 -21.57 -17.70 -7.81
C VAL D 37 -21.40 -19.03 -8.54
N CYS D 38 -20.33 -19.15 -9.33
CA CYS D 38 -20.00 -20.41 -9.97
C CYS D 38 -19.52 -21.41 -8.93
N ARG D 39 -20.28 -22.48 -8.75
CA ARG D 39 -20.02 -23.43 -7.68
C ARG D 39 -19.60 -24.80 -8.17
N GLU D 40 -19.37 -24.92 -9.47
CA GLU D 40 -19.05 -26.20 -10.10
C GLU D 40 -17.80 -26.83 -9.50
N GLU D 41 -16.69 -26.11 -9.58
CA GLU D 41 -15.40 -26.61 -9.11
C GLU D 41 -15.44 -26.93 -7.62
N ALA D 42 -16.12 -26.08 -6.86
CA ALA D 42 -16.25 -26.28 -5.42
C ALA D 42 -17.03 -27.56 -5.13
N ARG D 43 -18.10 -27.78 -5.90
CA ARG D 43 -18.90 -29.00 -5.78
C ARG D 43 -18.06 -30.23 -6.06
N ARG D 44 -17.34 -30.23 -7.18
CA ARG D 44 -16.49 -31.37 -7.53
C ARG D 44 -15.44 -31.64 -6.46
N ALA D 45 -14.79 -30.57 -5.99
CA ALA D 45 -13.75 -30.70 -4.98
C ALA D 45 -14.29 -31.29 -3.69
N LEU D 46 -15.39 -30.74 -3.20
CA LEU D 46 -16.01 -31.20 -1.96
C LEU D 46 -16.50 -32.64 -2.08
N LYS D 47 -17.05 -32.97 -3.25
CA LYS D 47 -17.47 -34.35 -3.51
C LYS D 47 -16.26 -35.26 -3.46
N ASP D 48 -15.14 -34.75 -3.96
CA ASP D 48 -13.92 -35.54 -4.04
C ASP D 48 -13.28 -35.74 -2.66
N GLY D 49 -13.64 -34.88 -1.72
CA GLY D 49 -13.15 -35.00 -0.37
C GLY D 49 -11.99 -34.08 -0.07
N VAL D 50 -11.82 -33.06 -0.89
CA VAL D 50 -10.74 -32.09 -0.71
C VAL D 50 -11.06 -31.11 0.42
N ALA D 51 -10.34 -31.23 1.52
CA ALA D 51 -10.56 -30.36 2.68
C ALA D 51 -9.77 -29.06 2.56
N THR D 52 -8.88 -29.00 1.58
CA THR D 52 -8.11 -27.77 1.33
C THR D 52 -8.62 -27.07 0.08
N GLY D 53 -7.76 -26.26 -0.53
CA GLY D 53 -8.11 -25.59 -1.76
C GLY D 53 -8.79 -24.25 -1.57
N GLY D 54 -9.35 -24.03 -0.39
CA GLY D 54 -9.99 -22.77 -0.05
C GLY D 54 -11.44 -22.68 -0.51
N HIS D 55 -12.02 -23.82 -0.87
CA HIS D 55 -13.40 -23.86 -1.34
C HIS D 55 -14.39 -23.51 -0.25
N ALA D 56 -15.52 -22.95 -0.66
CA ALA D 56 -16.63 -22.69 0.25
C ALA D 56 -17.56 -23.89 0.29
N VAL D 57 -18.09 -24.21 1.47
CA VAL D 57 -18.97 -25.36 1.62
C VAL D 57 -20.37 -25.09 1.09
N SER D 58 -20.70 -23.81 0.95
CA SER D 58 -22.02 -23.40 0.47
C SER D 58 -21.97 -22.00 -0.12
N ARG D 59 -23.09 -21.54 -0.66
CA ARG D 59 -23.18 -20.21 -1.26
C ARG D 59 -23.30 -19.11 -0.20
N GLY D 60 -23.66 -19.50 1.01
CA GLY D 60 -23.81 -18.55 2.10
C GLY D 60 -22.59 -17.67 2.33
N SER D 61 -21.40 -18.26 2.17
CA SER D 61 -20.15 -17.51 2.31
C SER D 61 -20.08 -16.34 1.35
N ALA D 62 -20.59 -16.54 0.13
CA ALA D 62 -20.63 -15.51 -0.89
C ALA D 62 -21.62 -14.42 -0.51
N LYS D 63 -22.68 -14.79 0.21
CA LYS D 63 -23.65 -13.84 0.72
C LYS D 63 -23.05 -12.96 1.81
N LEU D 64 -22.63 -13.60 2.91
CA LEU D 64 -22.02 -12.90 4.03
C LEU D 64 -20.88 -11.98 3.57
N ARG D 65 -20.01 -12.51 2.72
CA ARG D 65 -18.96 -11.74 2.08
C ARG D 65 -19.52 -10.43 1.53
N TRP D 66 -20.49 -10.56 0.62
CA TRP D 66 -21.15 -9.41 0.00
C TRP D 66 -21.57 -8.37 1.02
N LEU D 67 -22.07 -8.81 2.17
CA LEU D 67 -22.44 -7.88 3.25
C LEU D 67 -21.20 -7.32 3.95
N VAL D 68 -20.32 -8.20 4.40
CA VAL D 68 -19.15 -7.78 5.17
C VAL D 68 -18.29 -6.79 4.36
N GLU D 69 -18.16 -7.03 3.05
CA GLU D 69 -17.35 -6.15 2.20
C GLU D 69 -18.06 -4.86 1.81
N ARG D 70 -19.16 -4.53 2.48
CA ARG D 70 -19.86 -3.28 2.22
C ARG D 70 -20.24 -2.58 3.51
N GLY D 71 -19.65 -3.05 4.61
CA GLY D 71 -19.83 -2.42 5.90
C GLY D 71 -21.19 -2.63 6.52
N TYR D 72 -21.96 -3.55 5.97
CA TYR D 72 -23.28 -3.85 6.51
C TYR D 72 -23.18 -4.57 7.85
N LEU D 73 -22.04 -5.20 8.10
CA LEU D 73 -21.69 -5.67 9.44
C LEU D 73 -20.21 -5.98 9.53
N GLN D 74 -19.67 -5.84 10.73
CA GLN D 74 -18.25 -6.02 10.96
C GLN D 74 -18.02 -7.07 12.05
N PRO D 75 -17.97 -8.35 11.64
CA PRO D 75 -17.82 -9.47 12.57
C PRO D 75 -16.56 -9.36 13.44
N TYR D 76 -16.71 -9.62 14.73
CA TYR D 76 -15.61 -9.52 15.68
C TYR D 76 -15.86 -10.41 16.89
N GLY D 77 -14.79 -10.86 17.53
CA GLY D 77 -14.89 -11.64 18.76
C GLY D 77 -15.59 -12.98 18.61
N LYS D 78 -16.43 -13.31 19.61
CA LYS D 78 -17.16 -14.56 19.61
C LYS D 78 -18.34 -14.48 18.64
N VAL D 79 -18.43 -15.46 17.75
CA VAL D 79 -19.48 -15.49 16.74
C VAL D 79 -20.40 -16.69 16.93
N ILE D 80 -21.70 -16.47 16.76
CA ILE D 80 -22.68 -17.55 16.86
C ILE D 80 -23.43 -17.71 15.55
N ASP D 81 -23.42 -18.91 14.97
CA ASP D 81 -24.12 -19.14 13.72
C ASP D 81 -25.36 -20.00 13.94
N LEU D 82 -26.52 -19.35 14.01
CA LEU D 82 -27.78 -20.06 14.19
C LEU D 82 -28.26 -20.63 12.87
N GLY D 83 -28.52 -21.94 12.84
CA GLY D 83 -28.93 -22.61 11.61
C GLY D 83 -27.80 -22.57 10.61
N CYS D 84 -26.61 -22.93 11.07
CA CYS D 84 -25.39 -22.82 10.26
C CYS D 84 -25.35 -23.77 9.08
N GLY D 85 -26.21 -24.80 9.09
CA GLY D 85 -26.24 -25.77 8.02
C GLY D 85 -24.88 -26.38 7.73
N ARG D 86 -24.45 -26.29 6.48
CA ARG D 86 -23.14 -26.79 6.09
C ARG D 86 -22.03 -25.95 6.72
N GLY D 87 -22.32 -24.68 6.96
CA GLY D 87 -21.44 -23.83 7.75
C GLY D 87 -20.67 -22.76 7.01
N GLY D 88 -21.16 -22.34 5.85
CA GLY D 88 -20.48 -21.34 5.04
C GLY D 88 -20.22 -20.04 5.77
N TRP D 89 -21.25 -19.55 6.45
CA TRP D 89 -21.14 -18.35 7.25
C TRP D 89 -20.08 -18.49 8.32
N SER D 90 -20.01 -19.66 8.94
CA SER D 90 -19.05 -19.90 10.02
C SER D 90 -17.62 -19.81 9.52
N TYR D 91 -17.30 -20.51 8.43
CA TYR D 91 -15.95 -20.51 7.90
C TYR D 91 -15.56 -19.13 7.39
N TYR D 92 -16.47 -18.48 6.67
CA TYR D 92 -16.17 -17.13 6.19
C TYR D 92 -15.92 -16.19 7.36
N ALA D 93 -16.72 -16.33 8.41
CA ALA D 93 -16.58 -15.47 9.59
C ALA D 93 -15.26 -15.77 10.29
N ALA D 94 -14.83 -17.02 10.21
CA ALA D 94 -13.56 -17.43 10.80
C ALA D 94 -12.39 -16.85 10.03
N THR D 95 -12.59 -16.57 8.75
CA THR D 95 -11.53 -15.96 7.95
C THR D 95 -11.31 -14.47 8.23
N ILE D 96 -11.93 -13.95 9.28
CA ILE D 96 -11.83 -12.52 9.58
C ILE D 96 -10.90 -12.27 10.78
N ARG D 97 -10.13 -11.19 10.69
CA ARG D 97 -9.19 -10.81 11.74
C ARG D 97 -9.84 -10.60 13.09
N LYS D 98 -10.84 -9.73 13.14
CA LYS D 98 -11.46 -9.34 14.40
C LYS D 98 -12.18 -10.50 15.07
N VAL D 99 -12.48 -11.55 14.31
CA VAL D 99 -13.17 -12.72 14.86
C VAL D 99 -12.20 -13.60 15.64
N GLN D 100 -12.63 -14.04 16.81
CA GLN D 100 -11.77 -14.82 17.70
C GLN D 100 -12.29 -16.24 17.91
N GLU D 101 -13.58 -16.44 17.67
CA GLU D 101 -14.20 -17.75 17.87
C GLU D 101 -15.55 -17.82 17.16
N VAL D 102 -15.82 -18.97 16.55
CA VAL D 102 -17.10 -19.17 15.86
C VAL D 102 -17.76 -20.46 16.32
N LYS D 103 -18.98 -20.33 16.84
CA LYS D 103 -19.77 -21.48 17.28
C LYS D 103 -21.06 -21.58 16.48
N GLY D 104 -21.18 -22.62 15.66
CA GLY D 104 -22.35 -22.78 14.80
C GLY D 104 -23.27 -23.89 15.26
N TYR D 105 -24.57 -23.69 15.07
CA TYR D 105 -25.54 -24.70 15.47
C TYR D 105 -26.57 -24.91 14.37
N THR D 106 -26.78 -26.17 13.99
CA THR D 106 -27.76 -26.49 12.98
C THR D 106 -28.63 -27.65 13.42
N LYS D 107 -29.73 -27.86 12.71
CA LYS D 107 -30.70 -28.89 13.07
C LYS D 107 -30.20 -30.27 12.66
N GLY D 108 -29.83 -30.41 11.39
CA GLY D 108 -29.35 -31.69 10.88
C GLY D 108 -30.45 -32.71 10.71
N GLY D 109 -30.06 -33.98 10.58
CA GLY D 109 -31.03 -35.04 10.37
C GLY D 109 -31.51 -35.08 8.94
N PRO D 110 -32.56 -35.87 8.67
CA PRO D 110 -33.12 -36.02 7.32
C PRO D 110 -33.69 -34.70 6.80
N GLY D 111 -33.35 -34.34 5.56
CA GLY D 111 -33.92 -33.16 4.93
C GLY D 111 -33.22 -31.86 5.29
N HIS D 112 -32.49 -31.86 6.40
CA HIS D 112 -31.74 -30.68 6.83
C HIS D 112 -30.26 -30.89 6.62
N GLU D 113 -29.53 -29.80 6.38
CA GLU D 113 -28.12 -29.88 6.07
C GLU D 113 -27.29 -30.23 7.29
N GLU D 114 -26.30 -31.09 7.08
CA GLU D 114 -25.31 -31.39 8.09
C GLU D 114 -24.07 -30.56 7.82
N PRO D 115 -23.38 -30.14 8.90
CA PRO D 115 -22.12 -29.39 8.77
C PRO D 115 -21.08 -30.17 7.96
N VAL D 116 -20.32 -29.44 7.15
CA VAL D 116 -19.26 -30.06 6.35
C VAL D 116 -17.92 -29.68 6.94
N LEU D 117 -17.01 -30.65 7.02
CA LEU D 117 -15.72 -30.44 7.66
C LEU D 117 -14.63 -30.15 6.64
N VAL D 118 -14.17 -28.91 6.67
CA VAL D 118 -13.18 -28.41 5.73
C VAL D 118 -12.08 -27.67 6.50
N GLN D 119 -10.85 -27.72 6.00
CA GLN D 119 -9.74 -27.05 6.66
C GLN D 119 -9.35 -25.75 5.96
N SER D 120 -10.32 -24.86 5.79
CA SER D 120 -10.07 -23.53 5.24
C SER D 120 -9.49 -22.65 6.33
N TYR D 121 -9.03 -21.45 5.95
CA TYR D 121 -8.28 -20.60 6.88
C TYR D 121 -9.05 -20.23 8.13
N GLY D 122 -8.55 -20.67 9.28
CA GLY D 122 -9.17 -20.39 10.56
C GLY D 122 -10.15 -21.46 10.98
N TRP D 123 -10.05 -22.62 10.33
CA TRP D 123 -10.98 -23.73 10.57
C TRP D 123 -10.95 -24.23 12.02
N ASN D 124 -9.85 -23.96 12.71
CA ASN D 124 -9.67 -24.46 14.07
C ASN D 124 -10.45 -23.65 15.10
N ILE D 125 -10.82 -22.41 14.77
CA ILE D 125 -11.64 -21.61 15.66
C ILE D 125 -13.11 -21.79 15.35
N VAL D 126 -13.40 -22.66 14.38
CA VAL D 126 -14.78 -22.99 14.05
C VAL D 126 -15.22 -24.16 14.92
N ARG D 127 -16.50 -24.20 15.24
CA ARG D 127 -17.05 -25.22 16.10
C ARG D 127 -18.51 -25.45 15.74
N LEU D 128 -18.73 -26.32 14.76
CA LEU D 128 -20.07 -26.63 14.28
C LEU D 128 -20.69 -27.78 15.06
N LYS D 129 -21.96 -27.63 15.43
CA LYS D 129 -22.66 -28.62 16.22
C LYS D 129 -24.02 -28.91 15.61
N SER D 130 -24.20 -30.15 15.15
CA SER D 130 -25.47 -30.55 14.55
C SER D 130 -26.39 -31.20 15.58
N GLY D 131 -27.61 -31.50 15.15
CA GLY D 131 -28.59 -32.09 16.04
C GLY D 131 -29.00 -31.12 17.13
N VAL D 132 -29.15 -29.86 16.76
CA VAL D 132 -29.49 -28.81 17.71
C VAL D 132 -30.64 -27.94 17.21
N ASP D 133 -31.70 -27.84 18.00
CA ASP D 133 -32.81 -26.93 17.69
C ASP D 133 -32.59 -25.64 18.47
N VAL D 134 -32.44 -24.54 17.76
CA VAL D 134 -32.16 -23.26 18.38
C VAL D 134 -33.41 -22.66 19.03
N PHE D 135 -34.57 -23.16 18.63
CA PHE D 135 -35.84 -22.71 19.20
C PHE D 135 -36.04 -23.28 20.61
N HIS D 136 -35.25 -24.28 20.95
CA HIS D 136 -35.28 -24.85 22.29
C HIS D 136 -33.90 -24.78 22.89
N MET D 137 -33.16 -23.73 22.54
CA MET D 137 -31.80 -23.56 23.00
C MET D 137 -31.63 -22.28 23.80
N ALA D 138 -30.90 -22.39 24.91
CA ALA D 138 -30.65 -21.23 25.77
C ALA D 138 -29.62 -20.29 25.15
N ALA D 139 -29.96 -19.02 25.06
CA ALA D 139 -29.07 -18.01 24.51
C ALA D 139 -27.84 -17.83 25.40
N GLU D 140 -26.72 -17.46 24.77
CA GLU D 140 -25.48 -17.23 25.51
C GLU D 140 -24.77 -16.02 24.94
N PRO D 141 -24.03 -15.29 25.80
CA PRO D 141 -23.39 -14.03 25.40
C PRO D 141 -22.42 -14.20 24.22
N CYS D 142 -22.54 -13.31 23.24
CA CYS D 142 -21.64 -13.31 22.10
C CYS D 142 -21.45 -11.90 21.58
N ASP D 143 -20.46 -11.72 20.70
CA ASP D 143 -20.19 -10.43 20.10
C ASP D 143 -20.89 -10.30 18.76
N THR D 144 -20.93 -11.38 18.00
CA THR D 144 -21.57 -11.37 16.69
C THR D 144 -22.64 -12.44 16.58
N LEU D 145 -23.85 -12.01 16.25
CA LEU D 145 -24.99 -12.90 16.16
C LEU D 145 -25.44 -13.10 14.71
N LEU D 146 -25.18 -14.29 14.18
CA LEU D 146 -25.63 -14.64 12.84
C LEU D 146 -26.81 -15.61 12.90
N CYS D 147 -27.71 -15.47 11.94
CA CYS D 147 -28.86 -16.36 11.84
C CYS D 147 -29.35 -16.39 10.40
N ASP D 148 -29.49 -17.60 9.85
CA ASP D 148 -29.95 -17.74 8.47
C ASP D 148 -31.11 -18.73 8.40
N ILE D 149 -32.07 -18.57 9.30
CA ILE D 149 -33.23 -19.45 9.35
C ILE D 149 -34.43 -18.82 8.66
N GLY D 150 -35.14 -19.63 7.88
CA GLY D 150 -36.31 -19.17 7.16
C GLY D 150 -36.49 -20.00 5.91
N GLU D 151 -37.25 -21.09 6.01
CA GLU D 151 -37.54 -21.93 4.87
C GLU D 151 -38.77 -21.42 4.13
N SER D 152 -38.63 -21.22 2.82
CA SER D 152 -39.70 -20.64 2.01
C SER D 152 -40.99 -21.46 2.05
N SER D 153 -42.07 -20.83 1.62
CA SER D 153 -43.39 -21.47 1.61
C SER D 153 -44.31 -20.77 0.62
N SER D 154 -45.19 -21.54 -0.01
CA SER D 154 -46.12 -20.99 -0.98
C SER D 154 -47.16 -20.11 -0.28
N SER D 155 -47.34 -20.35 1.02
CA SER D 155 -48.29 -19.60 1.82
C SER D 155 -47.62 -18.44 2.53
N PRO D 156 -48.05 -17.20 2.22
CA PRO D 156 -47.54 -15.98 2.85
C PRO D 156 -47.75 -15.97 4.36
N GLU D 157 -48.84 -16.57 4.82
CA GLU D 157 -49.15 -16.61 6.26
C GLU D 157 -48.12 -17.46 6.97
N VAL D 158 -47.80 -18.61 6.38
CA VAL D 158 -46.81 -19.52 6.90
C VAL D 158 -45.44 -18.86 7.00
N GLU D 159 -45.03 -18.18 5.93
CA GLU D 159 -43.76 -17.47 5.92
C GLU D 159 -43.76 -16.38 6.98
N GLU D 160 -44.92 -15.77 7.19
CA GLU D 160 -45.05 -14.72 8.19
C GLU D 160 -44.83 -15.25 9.60
N ALA D 161 -45.58 -16.30 9.96
CA ALA D 161 -45.48 -16.89 11.29
C ALA D 161 -44.08 -17.46 11.52
N ARG D 162 -43.52 -18.09 10.49
CA ARG D 162 -42.15 -18.60 10.55
C ARG D 162 -41.18 -17.48 10.90
N THR D 163 -41.21 -16.42 10.11
CA THR D 163 -40.34 -15.27 10.32
C THR D 163 -40.52 -14.70 11.73
N LEU D 164 -41.77 -14.60 12.18
CA LEU D 164 -42.07 -14.10 13.53
C LEU D 164 -41.40 -14.97 14.59
N ARG D 165 -41.54 -16.28 14.45
CA ARG D 165 -40.94 -17.24 15.37
C ARG D 165 -39.43 -17.02 15.46
N VAL D 166 -38.80 -16.96 14.30
CA VAL D 166 -37.36 -16.69 14.24
C VAL D 166 -37.02 -15.38 14.91
N LEU D 167 -37.87 -14.37 14.74
CA LEU D 167 -37.60 -13.04 15.29
C LEU D 167 -37.69 -13.02 16.82
N SER D 168 -38.65 -13.74 17.38
CA SER D 168 -38.72 -13.88 18.84
C SER D 168 -37.48 -14.59 19.36
N MET D 169 -37.18 -15.72 18.72
CA MET D 169 -36.02 -16.52 19.09
C MET D 169 -34.73 -15.69 19.10
N VAL D 170 -34.53 -14.89 18.06
CA VAL D 170 -33.32 -14.07 17.97
C VAL D 170 -33.43 -12.88 18.89
N GLY D 171 -34.65 -12.53 19.27
CA GLY D 171 -34.86 -11.48 20.24
C GLY D 171 -34.20 -11.89 21.54
N ASP D 172 -34.44 -13.14 21.92
CA ASP D 172 -33.79 -13.69 23.11
C ASP D 172 -32.28 -13.51 23.10
N TRP D 173 -31.67 -13.65 21.93
CA TRP D 173 -30.22 -13.56 21.78
C TRP D 173 -29.73 -12.11 21.77
N LEU D 174 -30.49 -11.24 21.11
CA LEU D 174 -30.15 -9.82 21.02
C LEU D 174 -30.27 -9.16 22.38
N GLU D 175 -31.06 -9.77 23.26
CA GLU D 175 -31.22 -9.24 24.61
C GLU D 175 -29.90 -9.24 25.38
N LYS D 176 -29.00 -10.15 25.03
CA LYS D 176 -27.67 -10.20 25.65
C LYS D 176 -26.76 -9.17 25.03
N ARG D 177 -27.27 -8.51 23.99
CA ARG D 177 -26.70 -7.31 23.43
C ARG D 177 -25.34 -7.48 22.73
N PRO D 178 -25.36 -8.05 21.52
CA PRO D 178 -24.34 -7.71 20.53
C PRO D 178 -24.75 -6.35 19.96
N GLY D 179 -23.87 -5.59 19.33
CA GLY D 179 -22.56 -6.01 18.89
C GLY D 179 -22.59 -5.88 17.38
N ALA D 180 -22.36 -6.99 16.70
CA ALA D 180 -22.66 -7.09 15.28
C ALA D 180 -23.69 -8.19 15.10
N PHE D 181 -24.56 -8.06 14.10
CA PHE D 181 -25.47 -9.15 13.81
C PHE D 181 -25.92 -9.17 12.36
N CYS D 182 -26.35 -10.34 11.91
CA CYS D 182 -26.92 -10.53 10.59
C CYS D 182 -28.00 -11.57 10.68
N ILE D 183 -29.26 -11.14 10.54
CA ILE D 183 -30.39 -12.04 10.75
C ILE D 183 -31.27 -12.12 9.51
N LYS D 184 -31.54 -13.34 9.05
CA LYS D 184 -32.37 -13.55 7.88
C LYS D 184 -33.84 -13.27 8.19
N VAL D 185 -34.46 -12.50 7.31
CA VAL D 185 -35.88 -12.20 7.38
C VAL D 185 -36.55 -12.67 6.10
N LEU D 186 -37.20 -13.83 6.19
CA LEU D 186 -37.79 -14.50 5.04
C LEU D 186 -38.98 -13.74 4.48
N CYS D 187 -39.91 -13.35 5.35
CA CYS D 187 -41.09 -12.62 4.93
C CYS D 187 -41.18 -11.27 5.63
N PRO D 188 -40.61 -10.23 5.01
CA PRO D 188 -40.66 -8.87 5.56
C PRO D 188 -41.71 -7.99 4.89
N TYR D 189 -42.59 -8.58 4.09
CA TYR D 189 -43.44 -7.78 3.20
C TYR D 189 -44.90 -7.64 3.62
N THR D 190 -45.25 -8.12 4.81
CA THR D 190 -46.60 -7.89 5.30
C THR D 190 -46.58 -6.76 6.32
N SER D 191 -47.76 -6.19 6.60
CA SER D 191 -47.87 -5.00 7.43
C SER D 191 -47.40 -5.26 8.86
N THR D 192 -47.84 -6.37 9.44
CA THR D 192 -47.44 -6.73 10.79
C THR D 192 -45.93 -6.92 10.86
N MET D 193 -45.37 -7.43 9.76
CA MET D 193 -43.93 -7.63 9.65
C MET D 193 -43.18 -6.31 9.65
N MET D 194 -43.59 -5.38 8.80
CA MET D 194 -42.94 -4.07 8.74
C MET D 194 -43.10 -3.33 10.07
N GLU D 195 -44.23 -3.55 10.73
CA GLU D 195 -44.51 -2.92 12.02
C GLU D 195 -43.58 -3.43 13.11
N THR D 196 -43.50 -4.76 13.23
CA THR D 196 -42.65 -5.39 14.23
C THR D 196 -41.17 -5.18 13.92
N LEU D 197 -40.88 -4.95 12.64
CA LEU D 197 -39.51 -4.70 12.21
C LEU D 197 -39.11 -3.27 12.52
N GLU D 198 -40.05 -2.35 12.38
CA GLU D 198 -39.86 -0.98 12.84
C GLU D 198 -39.60 -1.00 14.34
N ARG D 199 -40.44 -1.73 15.05
CA ARG D 199 -40.35 -1.84 16.50
C ARG D 199 -38.99 -2.37 16.94
N LEU D 200 -38.58 -3.49 16.34
CA LEU D 200 -37.29 -4.11 16.63
C LEU D 200 -36.12 -3.23 16.22
N GLN D 201 -36.33 -2.43 15.18
CA GLN D 201 -35.31 -1.52 14.69
C GLN D 201 -35.21 -0.31 15.60
N ARG D 202 -36.22 -0.12 16.44
CA ARG D 202 -36.16 0.93 17.43
C ARG D 202 -35.52 0.42 18.71
N ARG D 203 -35.89 -0.79 19.12
CA ARG D 203 -35.33 -1.37 20.33
C ARG D 203 -33.87 -1.73 20.17
N TYR D 204 -33.53 -2.34 19.02
CA TYR D 204 -32.13 -2.62 18.69
C TYR D 204 -31.73 -1.80 17.47
N GLY D 205 -30.46 -1.89 17.08
CA GLY D 205 -29.99 -1.11 15.95
C GLY D 205 -30.32 -1.76 14.62
N GLY D 206 -29.56 -1.40 13.59
CA GLY D 206 -29.59 -2.10 12.33
C GLY D 206 -30.62 -1.67 11.29
N GLY D 207 -30.65 -2.41 10.19
CA GLY D 207 -31.55 -2.16 9.09
C GLY D 207 -31.57 -3.32 8.11
N LEU D 208 -32.56 -3.34 7.22
CA LEU D 208 -32.69 -4.43 6.26
C LEU D 208 -31.87 -4.18 5.00
N VAL D 209 -31.33 -5.26 4.44
CA VAL D 209 -30.56 -5.18 3.20
C VAL D 209 -30.93 -6.33 2.26
N ARG D 210 -31.25 -6.00 1.02
CA ARG D 210 -31.51 -7.03 0.03
C ARG D 210 -30.23 -7.44 -0.69
N VAL D 211 -29.80 -8.67 -0.47
CA VAL D 211 -28.63 -9.21 -1.13
C VAL D 211 -28.99 -9.73 -2.52
N PRO D 212 -28.31 -9.23 -3.56
CA PRO D 212 -28.57 -9.55 -4.96
C PRO D 212 -28.29 -11.01 -5.29
N LEU D 213 -27.63 -11.72 -4.39
CA LEU D 213 -27.35 -13.13 -4.58
C LEU D 213 -28.62 -13.95 -4.36
N SER D 214 -29.54 -13.41 -3.57
CA SER D 214 -30.82 -14.06 -3.32
C SER D 214 -31.59 -14.22 -4.64
N ARG D 215 -32.34 -15.30 -4.74
CA ARG D 215 -33.09 -15.57 -5.95
C ARG D 215 -34.42 -14.84 -5.93
N ASN D 216 -35.02 -14.66 -7.11
CA ASN D 216 -36.25 -13.89 -7.22
C ASN D 216 -37.45 -14.65 -6.67
N SER D 217 -37.30 -15.95 -6.50
CA SER D 217 -38.40 -16.77 -5.99
C SER D 217 -38.61 -16.55 -4.50
N THR D 218 -37.65 -15.90 -3.85
CA THR D 218 -37.75 -15.59 -2.43
C THR D 218 -37.60 -14.09 -2.19
N HIS D 219 -38.30 -13.58 -1.18
CA HIS D 219 -38.32 -12.15 -0.91
C HIS D 219 -37.46 -11.81 0.31
N GLU D 220 -36.50 -12.69 0.58
CA GLU D 220 -35.69 -12.59 1.80
C GLU D 220 -34.85 -11.32 1.84
N MET D 221 -34.76 -10.74 3.03
CA MET D 221 -33.88 -9.59 3.25
C MET D 221 -33.16 -9.78 4.57
N TYR D 222 -32.02 -9.13 4.75
CA TYR D 222 -31.20 -9.39 5.92
C TYR D 222 -31.11 -8.19 6.86
N TRP D 223 -31.65 -8.37 8.06
CA TRP D 223 -31.55 -7.39 9.14
C TRP D 223 -30.14 -7.43 9.73
N VAL D 224 -29.31 -6.47 9.32
CA VAL D 224 -27.92 -6.42 9.77
C VAL D 224 -27.64 -5.16 10.58
N SER D 225 -26.63 -5.22 11.43
CA SER D 225 -26.35 -4.15 12.38
C SER D 225 -25.83 -2.86 11.73
N GLY D 226 -24.85 -3.00 10.85
CA GLY D 226 -24.15 -1.86 10.29
C GLY D 226 -24.94 -1.06 9.29
N ALA D 227 -26.10 -1.57 8.91
CA ALA D 227 -26.97 -0.85 7.97
C ALA D 227 -27.97 0.02 8.70
N LYS D 228 -28.14 1.23 8.19
CA LYS D 228 -29.16 2.16 8.66
C LYS D 228 -30.15 2.38 7.53
N SER D 229 -31.42 2.11 7.78
CA SER D 229 -32.41 2.28 6.71
C SER D 229 -33.84 2.33 7.22
N ASN D 230 -34.73 2.74 6.32
CA ASN D 230 -36.16 2.70 6.59
C ASN D 230 -36.70 1.33 6.19
N THR D 231 -37.47 0.72 7.09
CA THR D 231 -38.01 -0.60 6.82
C THR D 231 -38.90 -0.61 5.58
N ILE D 232 -40.00 0.12 5.67
CA ILE D 232 -40.99 0.20 4.60
C ILE D 232 -40.38 0.53 3.24
N LYS D 233 -39.47 1.49 3.22
CA LYS D 233 -38.84 1.92 1.98
C LYS D 233 -38.05 0.78 1.35
N SER D 234 -37.15 0.18 2.12
CA SER D 234 -36.31 -0.89 1.62
C SER D 234 -37.13 -2.08 1.14
N VAL D 235 -38.09 -2.49 1.96
CA VAL D 235 -38.93 -3.63 1.62
C VAL D 235 -39.73 -3.38 0.34
N SER D 236 -40.32 -2.19 0.26
CA SER D 236 -41.14 -1.84 -0.90
C SER D 236 -40.32 -1.69 -2.17
N THR D 237 -39.10 -1.18 -2.05
CA THR D 237 -38.20 -1.08 -3.21
C THR D 237 -37.80 -2.47 -3.69
N THR D 238 -37.51 -3.36 -2.75
CA THR D 238 -37.21 -4.75 -3.07
C THR D 238 -38.39 -5.39 -3.79
N SER D 239 -39.59 -5.15 -3.27
CA SER D 239 -40.82 -5.65 -3.87
C SER D 239 -41.00 -5.09 -5.27
N GLN D 240 -40.58 -3.84 -5.45
CA GLN D 240 -40.64 -3.18 -6.75
C GLN D 240 -39.72 -3.87 -7.74
N LEU D 241 -38.55 -4.26 -7.26
CA LEU D 241 -37.58 -4.92 -8.12
C LEU D 241 -38.09 -6.30 -8.53
N LEU D 242 -38.52 -7.08 -7.55
CA LEU D 242 -39.00 -8.43 -7.82
C LEU D 242 -40.25 -8.42 -8.71
N LEU D 243 -41.13 -7.44 -8.50
CA LEU D 243 -42.28 -7.27 -9.37
C LEU D 243 -41.84 -6.87 -10.77
N GLY D 244 -40.79 -6.07 -10.85
CA GLY D 244 -40.29 -5.60 -12.12
C GLY D 244 -39.73 -6.71 -12.97
N ARG D 245 -39.03 -7.64 -12.33
CA ARG D 245 -38.39 -8.74 -13.06
C ARG D 245 -39.38 -9.81 -13.52
N MET D 246 -40.67 -9.57 -13.31
CA MET D 246 -41.70 -10.51 -13.71
C MET D 246 -42.42 -10.12 -15.00
N ASP D 247 -41.96 -9.06 -15.65
CA ASP D 247 -42.68 -8.52 -16.80
C ASP D 247 -41.82 -8.41 -18.05
N GLY D 248 -40.59 -7.95 -17.88
CA GLY D 248 -39.71 -7.74 -19.02
C GLY D 248 -39.11 -9.02 -19.58
N PRO D 249 -38.06 -8.89 -20.37
CA PRO D 249 -37.34 -10.08 -20.84
C PRO D 249 -36.50 -10.68 -19.73
N ARG D 250 -35.95 -11.87 -19.94
CA ARG D 250 -35.08 -12.47 -18.94
C ARG D 250 -33.75 -11.73 -18.88
N ARG D 251 -33.50 -11.07 -17.76
CA ARG D 251 -32.24 -10.37 -17.57
C ARG D 251 -31.14 -11.39 -17.27
N PRO D 252 -29.98 -11.23 -17.91
CA PRO D 252 -28.87 -12.16 -17.75
C PRO D 252 -28.29 -12.15 -16.33
N VAL D 253 -27.82 -13.31 -15.89
CA VAL D 253 -27.22 -13.46 -14.56
C VAL D 253 -25.79 -12.92 -14.55
N LYS D 254 -25.48 -12.11 -13.53
CA LYS D 254 -24.13 -11.59 -13.36
C LYS D 254 -23.28 -12.59 -12.59
N TYR D 255 -22.58 -13.45 -13.31
CA TYR D 255 -21.81 -14.51 -12.67
C TYR D 255 -20.59 -13.96 -11.94
N GLU D 256 -20.62 -14.08 -10.62
CA GLU D 256 -19.53 -13.64 -9.76
C GLU D 256 -18.61 -14.82 -9.46
N GLU D 257 -17.39 -14.52 -9.04
CA GLU D 257 -16.43 -15.54 -8.65
C GLU D 257 -16.78 -16.10 -7.28
N ASP D 258 -16.53 -17.40 -7.08
CA ASP D 258 -16.74 -18.02 -5.78
C ASP D 258 -15.70 -17.50 -4.81
N VAL D 259 -16.05 -17.42 -3.53
CA VAL D 259 -15.10 -16.92 -2.55
C VAL D 259 -14.10 -18.01 -2.18
N ASN D 260 -12.83 -17.62 -2.13
CA ASN D 260 -11.77 -18.54 -1.69
C ASN D 260 -11.36 -18.22 -0.26
N LEU D 261 -11.55 -19.19 0.63
CA LEU D 261 -11.33 -18.97 2.05
C LEU D 261 -9.93 -19.39 2.49
N GLY D 262 -9.11 -19.79 1.53
CA GLY D 262 -7.73 -20.17 1.80
C GLY D 262 -7.61 -21.41 2.65
N SER D 263 -6.48 -21.54 3.34
CA SER D 263 -6.23 -22.70 4.18
C SER D 263 -5.27 -22.34 5.32
N GLY D 264 -5.30 -23.15 6.37
CA GLY D 264 -4.41 -22.92 7.50
C GLY D 264 -5.12 -22.51 8.77
N THR D 265 -4.40 -22.58 9.88
CA THR D 265 -4.97 -22.31 11.19
C THR D 265 -4.72 -20.87 11.64
N ARG D 266 -5.30 -20.52 12.78
CA ARG D 266 -5.09 -19.21 13.38
C ARG D 266 -4.56 -19.36 14.81
N GLU E 8 -8.03 7.08 26.13
CA GLU E 8 -7.11 6.03 25.72
C GLU E 8 -5.72 6.60 25.48
N THR E 9 -4.71 6.03 26.13
CA THR E 9 -3.34 6.50 25.97
C THR E 9 -2.70 5.95 24.69
N LEU E 10 -1.48 6.39 24.43
CA LEU E 10 -0.76 5.97 23.23
C LEU E 10 -0.33 4.51 23.32
N GLY E 11 0.08 4.09 24.51
CA GLY E 11 0.49 2.72 24.74
C GLY E 11 -0.64 1.73 24.54
N GLU E 12 -1.84 2.14 24.92
CA GLU E 12 -3.01 1.30 24.74
C GLU E 12 -3.30 1.10 23.26
N LYS E 13 -3.20 2.18 22.49
CA LYS E 13 -3.38 2.11 21.04
C LYS E 13 -2.32 1.23 20.42
N TRP E 14 -1.10 1.33 20.94
CA TRP E 14 0.00 0.46 20.53
C TRP E 14 -0.35 -1.00 20.77
N LYS E 15 -0.95 -1.29 21.92
CA LYS E 15 -1.29 -2.66 22.27
C LYS E 15 -2.38 -3.20 21.37
N ALA E 16 -3.39 -2.37 21.12
CA ALA E 16 -4.51 -2.74 20.26
C ALA E 16 -4.03 -3.04 18.85
N ARG E 17 -3.20 -2.14 18.32
CA ARG E 17 -2.64 -2.31 16.99
C ARG E 17 -1.78 -3.57 16.94
N LEU E 18 -1.02 -3.80 17.99
CA LEU E 18 -0.19 -4.99 18.11
C LEU E 18 -1.04 -6.25 17.99
N ASN E 19 -2.18 -6.26 18.68
CA ASN E 19 -3.09 -7.40 18.61
C ASN E 19 -3.80 -7.47 17.26
N GLN E 20 -3.75 -6.36 16.54
CA GLN E 20 -4.45 -6.28 15.26
C GLN E 20 -3.54 -6.64 14.08
N MET E 21 -2.32 -7.04 14.38
CA MET E 21 -1.34 -7.36 13.34
C MET E 21 -1.32 -8.86 13.05
N SER E 22 -0.98 -9.20 11.81
CA SER E 22 -0.83 -10.60 11.43
C SER E 22 0.52 -11.10 11.92
N ALA E 23 0.67 -12.41 12.00
CA ALA E 23 1.89 -13.03 12.50
C ALA E 23 3.10 -12.68 11.62
N LEU E 24 2.85 -12.46 10.35
CA LEU E 24 3.90 -11.99 9.43
C LEU E 24 4.38 -10.61 9.89
N GLU E 25 3.42 -9.69 10.02
CA GLU E 25 3.69 -8.33 10.45
C GLU E 25 4.31 -8.30 11.85
N PHE E 26 3.81 -9.15 12.74
CA PHE E 26 4.34 -9.22 14.08
C PHE E 26 5.79 -9.69 14.06
N TYR E 27 6.08 -10.70 13.25
CA TYR E 27 7.42 -11.23 13.13
C TYR E 27 8.37 -10.15 12.65
N SER E 28 7.90 -9.36 11.67
CA SER E 28 8.68 -8.25 11.14
C SER E 28 8.89 -7.13 12.16
N TYR E 29 7.92 -6.96 13.05
CA TYR E 29 7.89 -5.79 13.91
C TYR E 29 8.65 -5.95 15.22
N LYS E 30 8.57 -7.13 15.84
CA LYS E 30 9.14 -7.35 17.16
C LYS E 30 10.60 -6.92 17.26
N LYS E 31 11.35 -7.02 16.17
CA LYS E 31 12.76 -6.65 16.16
C LYS E 31 13.08 -5.51 15.20
N SER E 32 12.06 -4.85 14.67
CA SER E 32 12.27 -3.77 13.71
C SER E 32 13.01 -2.59 14.32
N GLY E 33 14.30 -2.48 14.04
CA GLY E 33 15.10 -1.34 14.44
C GLY E 33 15.67 -1.40 15.83
N ILE E 34 15.36 -2.47 16.56
CA ILE E 34 15.83 -2.61 17.93
C ILE E 34 17.31 -2.95 17.97
N THR E 35 17.87 -2.92 19.19
CA THR E 35 19.26 -3.30 19.41
C THR E 35 19.31 -4.68 20.04
N GLU E 36 20.04 -5.60 19.44
CA GLU E 36 20.15 -6.93 20.04
C GLU E 36 21.57 -7.44 20.05
N VAL E 37 21.78 -8.52 20.80
CA VAL E 37 23.10 -9.06 21.04
C VAL E 37 23.27 -10.44 20.39
N CYS E 38 24.40 -10.65 19.75
CA CYS E 38 24.71 -11.95 19.15
C CYS E 38 24.94 -12.97 20.26
N ARG E 39 24.03 -13.93 20.36
CA ARG E 39 24.05 -14.90 21.46
C ARG E 39 24.46 -16.30 21.01
N GLU E 40 24.85 -16.44 19.75
CA GLU E 40 25.11 -17.73 19.15
C GLU E 40 26.23 -18.50 19.86
N GLU E 41 27.39 -17.86 19.95
CA GLU E 41 28.56 -18.49 20.56
C GLU E 41 28.33 -18.81 22.03
N ALA E 42 27.64 -17.91 22.73
CA ALA E 42 27.33 -18.11 24.12
C ALA E 42 26.42 -19.32 24.31
N ARG E 43 25.39 -19.42 23.47
CA ARG E 43 24.50 -20.57 23.46
C ARG E 43 25.27 -21.86 23.23
N ARG E 44 26.14 -21.87 22.24
CA ARG E 44 26.92 -23.06 21.92
C ARG E 44 27.81 -23.48 23.08
N ALA E 45 28.57 -22.53 23.62
CA ALA E 45 29.48 -22.80 24.72
C ALA E 45 28.73 -23.32 25.95
N LEU E 46 27.64 -22.64 26.31
CA LEU E 46 26.84 -23.04 27.45
C LEU E 46 26.23 -24.42 27.23
N LYS E 47 25.92 -24.75 25.98
CA LYS E 47 25.40 -26.07 25.67
C LYS E 47 26.49 -27.12 25.82
N ASP E 48 27.72 -26.74 25.51
CA ASP E 48 28.86 -27.65 25.63
C ASP E 48 29.29 -27.83 27.08
N GLY E 49 28.77 -26.99 27.97
CA GLY E 49 29.07 -27.09 29.38
C GLY E 49 30.29 -26.29 29.81
N VAL E 50 30.68 -25.31 29.00
CA VAL E 50 31.84 -24.48 29.31
C VAL E 50 31.49 -23.44 30.37
N ALA E 51 31.99 -23.64 31.58
CA ALA E 51 31.69 -22.75 32.69
C ALA E 51 32.53 -21.48 32.62
N THR E 52 33.66 -21.56 31.92
CA THR E 52 34.53 -20.40 31.73
C THR E 52 34.20 -19.69 30.41
N GLY E 53 35.18 -18.97 29.88
CA GLY E 53 35.01 -18.28 28.62
C GLY E 53 34.35 -16.92 28.79
N GLY E 54 33.70 -16.72 29.94
CA GLY E 54 33.09 -15.45 30.27
C GLY E 54 31.79 -15.17 29.55
N HIS E 55 31.06 -16.24 29.21
CA HIS E 55 29.81 -16.09 28.51
C HIS E 55 28.69 -15.64 29.44
N ALA E 56 27.76 -14.87 28.92
CA ALA E 56 26.58 -14.46 29.68
C ALA E 56 25.49 -15.52 29.58
N VAL E 57 24.84 -15.80 30.70
CA VAL E 57 23.84 -16.87 30.76
C VAL E 57 22.53 -16.48 30.08
N SER E 58 22.36 -15.19 29.84
CA SER E 58 21.16 -14.69 29.17
C SER E 58 21.40 -13.32 28.58
N ARG E 59 20.34 -12.70 28.07
CA ARG E 59 20.45 -11.38 27.45
C ARG E 59 20.33 -10.26 28.47
N GLY E 60 19.76 -10.57 29.64
CA GLY E 60 19.65 -9.61 30.72
C GLY E 60 20.96 -8.89 31.04
N SER E 61 22.06 -9.64 31.04
CA SER E 61 23.39 -9.09 31.28
C SER E 61 23.69 -7.87 30.41
N ALA E 62 23.23 -7.94 29.16
CA ALA E 62 23.43 -6.89 28.18
C ALA E 62 22.49 -5.70 28.42
N LYS E 63 21.27 -5.98 28.90
CA LYS E 63 20.37 -4.92 29.34
C LYS E 63 20.99 -4.13 30.49
N LEU E 64 21.22 -4.83 31.60
CA LEU E 64 21.81 -4.24 32.80
C LEU E 64 23.08 -3.44 32.47
N ARG E 65 23.97 -4.07 31.72
CA ARG E 65 25.15 -3.41 31.19
C ARG E 65 24.78 -2.04 30.62
N TRP E 66 23.92 -2.05 29.60
CA TRP E 66 23.46 -0.84 28.93
C TRP E 66 23.01 0.25 29.90
N LEU E 67 22.39 -0.13 31.02
CA LEU E 67 21.98 0.84 32.05
C LEU E 67 23.14 1.28 32.93
N VAL E 68 23.90 0.32 33.46
CA VAL E 68 24.99 0.65 34.37
C VAL E 68 26.07 1.47 33.67
N GLU E 69 26.31 1.19 32.38
CA GLU E 69 27.26 1.94 31.59
C GLU E 69 26.69 3.29 31.13
N ARG E 70 25.61 3.73 31.75
CA ARG E 70 25.01 5.03 31.44
C ARG E 70 24.56 5.75 32.70
N GLY E 71 24.92 5.22 33.86
CA GLY E 71 24.70 5.89 35.13
C GLY E 71 23.25 5.97 35.56
N TYR E 72 22.42 5.11 35.00
CA TYR E 72 21.03 5.01 35.41
C TYR E 72 20.93 4.27 36.73
N LEU E 73 22.00 3.56 37.09
CA LEU E 73 22.16 2.97 38.42
C LEU E 73 23.61 2.52 38.61
N GLN E 74 24.09 2.63 39.85
CA GLN E 74 25.46 2.25 40.19
C GLN E 74 25.49 1.22 41.30
N PRO E 75 25.38 -0.07 40.93
CA PRO E 75 25.33 -1.20 41.85
C PRO E 75 26.49 -1.24 42.85
N TYR E 76 26.17 -1.49 44.11
CA TYR E 76 27.15 -1.52 45.18
C TYR E 76 26.69 -2.38 46.34
N GLY E 77 27.63 -2.97 47.06
CA GLY E 77 27.33 -3.72 48.26
C GLY E 77 26.49 -4.96 48.07
N LYS E 78 25.49 -5.12 48.93
CA LYS E 78 24.63 -6.29 48.88
C LYS E 78 23.57 -6.14 47.80
N VAL E 79 23.51 -7.11 46.90
CA VAL E 79 22.60 -7.06 45.78
C VAL E 79 21.56 -8.17 45.87
N ILE E 80 20.30 -7.80 45.61
CA ILE E 80 19.22 -8.78 45.56
C ILE E 80 18.60 -8.86 44.18
N ASP E 81 18.63 -10.03 43.57
CA ASP E 81 18.04 -10.22 42.25
C ASP E 81 16.70 -10.95 42.35
N LEU E 82 15.61 -10.19 42.28
CA LEU E 82 14.27 -10.76 42.35
C LEU E 82 13.81 -11.27 40.99
N GLY E 83 13.70 -12.59 40.86
CA GLY E 83 13.38 -13.19 39.57
C GLY E 83 14.62 -13.24 38.72
N CYS E 84 15.71 -13.74 39.30
CA CYS E 84 17.01 -13.77 38.64
C CYS E 84 17.03 -14.73 37.46
N GLY E 85 16.07 -15.65 37.43
CA GLY E 85 15.99 -16.63 36.37
C GLY E 85 17.30 -17.37 36.20
N ARG E 86 17.87 -17.31 35.00
CA ARG E 86 19.17 -17.90 34.73
C ARG E 86 20.28 -17.17 35.49
N GLY E 87 20.11 -15.87 35.67
CA GLY E 87 21.00 -15.09 36.52
C GLY E 87 21.94 -14.11 35.84
N GLY E 88 21.55 -13.59 34.69
CA GLY E 88 22.37 -12.63 33.97
C GLY E 88 22.70 -11.38 34.76
N TRP E 89 21.66 -10.80 35.37
CA TRP E 89 21.83 -9.62 36.21
C TRP E 89 22.73 -9.91 37.40
N SER E 90 22.61 -11.12 37.95
CA SER E 90 23.38 -11.51 39.11
C SER E 90 24.88 -11.57 38.80
N TYR E 91 25.24 -12.27 37.73
CA TYR E 91 26.65 -12.38 37.35
C TYR E 91 27.20 -11.02 36.93
N TYR E 92 26.46 -10.29 36.09
CA TYR E 92 26.94 -8.99 35.66
C TYR E 92 27.18 -8.09 36.85
N ALA E 93 26.23 -8.05 37.79
CA ALA E 93 26.39 -7.26 39.00
C ALA E 93 27.60 -7.73 39.80
N ALA E 94 27.83 -9.04 39.79
CA ALA E 94 28.95 -9.62 40.52
C ALA E 94 30.29 -9.20 39.93
N THR E 95 30.29 -8.79 38.66
CA THR E 95 31.52 -8.33 38.04
C THR E 95 31.89 -6.88 38.41
N ILE E 96 31.09 -6.25 39.26
CA ILE E 96 31.33 -4.84 39.58
C ILE E 96 32.13 -4.69 40.88
N ARG E 97 33.04 -3.73 40.90
CA ARG E 97 33.91 -3.47 42.05
C ARG E 97 33.15 -3.16 43.33
N LYS E 98 32.26 -2.17 43.26
CA LYS E 98 31.53 -1.71 44.44
C LYS E 98 30.62 -2.79 45.02
N VAL E 99 30.27 -3.77 44.18
CA VAL E 99 29.40 -4.87 44.60
C VAL E 99 30.14 -5.85 45.48
N GLN E 100 29.57 -6.17 46.64
CA GLN E 100 30.22 -7.03 47.62
C GLN E 100 29.58 -8.41 47.70
N GLU E 101 28.28 -8.48 47.44
CA GLU E 101 27.54 -9.74 47.54
C GLU E 101 26.28 -9.74 46.68
N VAL E 102 26.04 -10.84 45.99
CA VAL E 102 24.86 -10.97 45.14
C VAL E 102 23.99 -12.16 45.56
N LYS E 103 22.74 -11.88 45.89
CA LYS E 103 21.76 -12.92 46.24
C LYS E 103 20.57 -12.84 45.29
N GLY E 104 20.42 -13.86 44.46
CA GLY E 104 19.31 -13.89 43.52
C GLY E 104 18.28 -14.95 43.88
N TYR E 105 17.04 -14.70 43.50
CA TYR E 105 15.96 -15.65 43.75
C TYR E 105 15.03 -15.76 42.56
N THR E 106 14.75 -16.98 42.12
CA THR E 106 13.80 -17.20 41.04
C THR E 106 12.81 -18.28 41.42
N LYS E 107 11.70 -18.34 40.69
CA LYS E 107 10.60 -19.24 41.01
C LYS E 107 10.93 -20.69 40.69
N GLY E 108 11.56 -20.91 39.54
CA GLY E 108 11.91 -22.25 39.12
C GLY E 108 10.69 -23.08 38.78
N GLY E 109 10.91 -24.36 38.52
CA GLY E 109 9.84 -25.26 38.14
C GLY E 109 9.46 -25.12 36.67
N PRO E 110 8.45 -25.87 36.23
CA PRO E 110 7.94 -25.87 34.85
C PRO E 110 7.62 -24.47 34.35
N GLY E 111 8.04 -24.17 33.12
CA GLY E 111 7.78 -22.88 32.52
C GLY E 111 8.71 -21.78 32.98
N HIS E 112 9.27 -21.91 34.18
CA HIS E 112 10.14 -20.88 34.74
C HIS E 112 11.61 -21.29 34.67
N GLU E 113 12.47 -20.31 34.42
CA GLU E 113 13.91 -20.55 34.24
C GLU E 113 14.61 -20.94 35.54
N GLU E 114 15.51 -21.90 35.44
CA GLU E 114 16.36 -22.27 36.55
C GLU E 114 17.69 -21.55 36.42
N PRO E 115 18.38 -21.35 37.55
CA PRO E 115 19.70 -20.71 37.53
C PRO E 115 20.74 -21.51 36.76
N VAL E 116 21.65 -20.82 36.08
CA VAL E 116 22.71 -21.47 35.34
C VAL E 116 24.05 -21.27 36.04
N LEU E 117 24.73 -22.37 36.34
CA LEU E 117 26.00 -22.33 37.04
C LEU E 117 27.16 -22.05 36.10
N VAL E 118 27.75 -20.86 36.23
CA VAL E 118 28.85 -20.44 35.39
C VAL E 118 29.96 -19.87 36.27
N GLN E 119 31.21 -20.07 35.87
CA GLN E 119 32.33 -19.57 36.64
C GLN E 119 32.98 -18.35 35.99
N SER E 120 32.18 -17.33 35.71
CA SER E 120 32.67 -16.05 35.25
C SER E 120 33.23 -15.25 36.42
N TYR E 121 33.72 -14.04 36.16
CA TYR E 121 34.35 -13.24 37.20
C TYR E 121 33.38 -12.93 38.34
N GLY E 122 33.81 -13.22 39.57
CA GLY E 122 33.03 -12.92 40.76
C GLY E 122 31.86 -13.87 40.97
N TRP E 123 32.04 -15.13 40.59
CA TRP E 123 30.97 -16.13 40.66
C TRP E 123 30.94 -16.72 42.05
N ASN E 124 31.92 -16.37 42.88
CA ASN E 124 31.98 -16.87 44.25
C ASN E 124 31.18 -16.01 45.23
N ILE E 125 30.79 -14.81 44.78
CA ILE E 125 29.95 -13.95 45.59
C ILE E 125 28.51 -14.01 45.09
N VAL E 126 28.28 -14.84 44.08
CA VAL E 126 26.93 -15.04 43.56
C VAL E 126 26.23 -16.14 44.34
N ARG E 127 24.94 -15.96 44.59
CA ARG E 127 24.15 -16.96 45.31
C ARG E 127 22.75 -17.03 44.75
N LEU E 128 22.54 -17.92 43.78
CA LEU E 128 21.24 -18.09 43.15
C LEU E 128 20.42 -19.16 43.85
N LYS E 129 19.22 -18.79 44.28
CA LYS E 129 18.36 -19.70 45.00
C LYS E 129 17.04 -19.89 44.25
N SER E 130 16.82 -21.07 43.70
CA SER E 130 15.60 -21.33 42.94
C SER E 130 14.47 -21.78 43.87
N GLY E 131 13.31 -22.04 43.29
CA GLY E 131 12.17 -22.54 44.05
C GLY E 131 11.68 -21.56 45.08
N VAL E 132 11.66 -20.28 44.71
CA VAL E 132 11.30 -19.21 45.64
C VAL E 132 10.26 -18.28 45.03
N ASP E 133 9.14 -18.10 45.73
CA ASP E 133 8.15 -17.11 45.30
C ASP E 133 8.35 -15.82 46.08
N VAL E 134 8.75 -14.77 45.37
CA VAL E 134 9.07 -13.50 46.01
C VAL E 134 7.81 -12.77 46.47
N PHE E 135 6.65 -13.18 45.96
CA PHE E 135 5.39 -12.62 46.42
C PHE E 135 5.04 -13.18 47.79
N HIS E 136 5.68 -14.30 48.14
CA HIS E 136 5.49 -14.93 49.44
C HIS E 136 6.81 -14.96 50.19
N MET E 137 7.61 -13.91 50.01
CA MET E 137 8.91 -13.84 50.64
C MET E 137 9.09 -12.54 51.41
N ALA E 138 9.53 -12.66 52.66
CA ALA E 138 9.77 -11.49 53.48
C ALA E 138 10.97 -10.70 52.96
N ALA E 139 10.81 -9.38 52.93
CA ALA E 139 11.86 -8.50 52.44
C ALA E 139 13.02 -8.42 53.44
N GLU E 140 14.23 -8.31 52.91
CA GLU E 140 15.43 -8.15 53.73
C GLU E 140 16.21 -6.95 53.24
N PRO E 141 16.91 -6.26 54.15
CA PRO E 141 17.66 -5.05 53.80
C PRO E 141 18.78 -5.32 52.80
N CYS E 142 18.91 -4.45 51.81
CA CYS E 142 20.01 -4.54 50.86
C CYS E 142 20.35 -3.16 50.31
N ASP E 143 21.44 -3.08 49.54
CA ASP E 143 21.90 -1.82 49.00
C ASP E 143 21.48 -1.65 47.54
N THR E 144 21.46 -2.77 46.82
CA THR E 144 21.03 -2.77 45.42
C THR E 144 19.84 -3.71 45.23
N LEU E 145 18.70 -3.13 44.89
CA LEU E 145 17.46 -3.88 44.71
C LEU E 145 17.15 -4.03 43.22
N LEU E 146 17.37 -5.24 42.70
CA LEU E 146 17.04 -5.54 41.31
C LEU E 146 15.79 -6.41 41.24
N CYS E 147 14.92 -6.12 40.27
CA CYS E 147 13.72 -6.90 40.06
C CYS E 147 13.36 -6.91 38.58
N ASP E 148 13.25 -8.10 38.00
CA ASP E 148 12.97 -8.22 36.58
C ASP E 148 11.79 -9.16 36.33
N ILE E 149 10.68 -8.90 37.01
CA ILE E 149 9.49 -9.74 36.91
C ILE E 149 8.38 -9.04 36.14
N GLY E 150 7.72 -9.79 35.26
CA GLY E 150 6.63 -9.26 34.47
C GLY E 150 6.47 -10.04 33.17
N GLU E 151 5.48 -10.92 33.13
CA GLU E 151 5.25 -11.77 31.96
C GLU E 151 4.25 -11.13 30.98
N SER E 152 4.64 -11.04 29.72
CA SER E 152 3.82 -10.39 28.71
C SER E 152 2.49 -11.11 28.45
N SER E 153 1.47 -10.32 28.12
CA SER E 153 0.16 -10.86 27.80
C SER E 153 -0.46 -10.11 26.62
N SER E 154 -1.46 -10.73 26.01
CA SER E 154 -2.20 -10.09 24.93
C SER E 154 -3.15 -9.04 25.48
N SER E 155 -3.58 -9.25 26.72
CA SER E 155 -4.52 -8.34 27.37
C SER E 155 -3.78 -7.26 28.14
N PRO E 156 -4.14 -6.00 27.90
CA PRO E 156 -3.55 -4.88 28.62
C PRO E 156 -3.92 -4.92 30.09
N GLU E 157 -5.14 -5.35 30.38
CA GLU E 157 -5.60 -5.47 31.76
C GLU E 157 -4.74 -6.44 32.57
N VAL E 158 -4.41 -7.57 31.96
CA VAL E 158 -3.56 -8.58 32.60
C VAL E 158 -2.17 -8.03 32.92
N GLU E 159 -1.58 -7.36 31.95
CA GLU E 159 -0.27 -6.75 32.10
C GLU E 159 -0.29 -5.67 33.18
N GLU E 160 -1.39 -4.94 33.24
CA GLU E 160 -1.58 -3.90 34.23
C GLU E 160 -1.64 -4.51 35.63
N ALA E 161 -2.45 -5.56 35.78
CA ALA E 161 -2.60 -6.25 37.06
C ALA E 161 -1.27 -6.81 37.55
N ARG E 162 -0.59 -7.53 36.66
CA ARG E 162 0.72 -8.08 36.97
C ARG E 162 1.69 -7.00 37.40
N THR E 163 1.71 -5.90 36.67
CA THR E 163 2.60 -4.79 36.99
C THR E 163 2.30 -4.19 38.36
N LEU E 164 1.01 -4.10 38.68
CA LEU E 164 0.59 -3.57 39.97
C LEU E 164 1.07 -4.47 41.11
N ARG E 165 0.82 -5.77 40.98
CA ARG E 165 1.23 -6.74 41.98
C ARG E 165 2.75 -6.67 42.22
N VAL E 166 3.50 -6.67 41.11
CA VAL E 166 4.95 -6.51 41.18
C VAL E 166 5.35 -5.22 41.91
N LEU E 167 4.64 -4.13 41.62
CA LEU E 167 4.94 -2.84 42.22
C LEU E 167 4.73 -2.83 43.73
N SER E 168 3.64 -3.43 44.20
CA SER E 168 3.42 -3.55 45.64
C SER E 168 4.54 -4.39 46.29
N MET E 169 4.81 -5.53 45.65
CA MET E 169 5.85 -6.43 46.12
C MET E 169 7.20 -5.72 46.29
N VAL E 170 7.63 -5.00 45.27
CA VAL E 170 8.91 -4.29 45.33
C VAL E 170 8.82 -3.11 46.27
N GLY E 171 7.60 -2.65 46.52
CA GLY E 171 7.38 -1.56 47.46
C GLY E 171 7.80 -1.97 48.84
N ASP E 172 7.41 -3.19 49.23
CA ASP E 172 7.82 -3.74 50.52
C ASP E 172 9.34 -3.72 50.71
N TRP E 173 10.07 -3.97 49.63
CA TRP E 173 11.52 -4.03 49.65
C TRP E 173 12.15 -2.65 49.67
N LEU E 174 11.58 -1.74 48.90
CA LEU E 174 12.07 -0.37 48.81
C LEU E 174 11.86 0.36 50.12
N GLU E 175 10.88 -0.11 50.89
CA GLU E 175 10.59 0.47 52.20
C GLU E 175 11.78 0.36 53.16
N LYS E 176 12.64 -0.64 52.93
CA LYS E 176 13.87 -0.78 53.71
C LYS E 176 14.95 0.15 53.20
N ARG E 177 14.61 0.85 52.12
CA ARG E 177 15.38 1.99 51.63
C ARG E 177 16.80 1.65 51.14
N PRO E 178 16.90 1.14 49.92
CA PRO E 178 18.09 1.33 49.09
C PRO E 178 18.01 2.77 48.54
N GLY E 179 19.04 3.34 47.95
CA GLY E 179 20.26 2.66 47.57
C GLY E 179 20.32 2.76 46.06
N ALA E 180 20.77 1.69 45.40
CA ALA E 180 20.59 1.59 43.96
C ALA E 180 19.47 0.60 43.71
N PHE E 181 18.69 0.81 42.67
CA PHE E 181 17.68 -0.16 42.29
C PHE E 181 17.34 -0.13 40.81
N CYS E 182 16.81 -1.25 40.32
CA CYS E 182 16.42 -1.40 38.93
C CYS E 182 15.20 -2.31 38.84
N ILE E 183 14.05 -1.72 38.50
CA ILE E 183 12.80 -2.46 38.57
C ILE E 183 12.05 -2.47 37.24
N LYS E 184 11.86 -3.66 36.69
CA LYS E 184 11.10 -3.85 35.47
C LYS E 184 9.64 -3.46 35.67
N VAL E 185 9.16 -2.58 34.80
CA VAL E 185 7.76 -2.19 34.75
C VAL E 185 7.21 -2.61 33.39
N LEU E 186 6.47 -3.72 33.40
CA LEU E 186 5.97 -4.33 32.16
C LEU E 186 4.95 -3.46 31.46
N CYS E 187 3.99 -2.93 32.23
CA CYS E 187 2.93 -2.12 31.63
C CYS E 187 2.81 -0.78 32.34
N PRO E 188 3.54 0.22 31.84
CA PRO E 188 3.45 1.58 32.38
C PRO E 188 2.65 2.54 31.50
N TYR E 189 1.83 2.02 30.59
CA TYR E 189 1.18 2.89 29.62
C TYR E 189 -0.31 3.15 29.85
N THR E 190 -0.85 2.61 30.93
CA THR E 190 -2.25 2.91 31.29
C THR E 190 -2.27 4.06 32.29
N SER E 191 -3.43 4.72 32.41
CA SER E 191 -3.56 5.89 33.26
C SER E 191 -3.22 5.62 34.71
N THR E 192 -3.85 4.59 35.27
CA THR E 192 -3.62 4.22 36.67
C THR E 192 -2.16 3.88 36.92
N MET E 193 -1.53 3.30 35.90
CA MET E 193 -0.12 2.95 35.99
C MET E 193 0.76 4.18 36.04
N MET E 194 0.50 5.16 35.17
CA MET E 194 1.25 6.41 35.19
C MET E 194 1.04 7.14 36.51
N GLU E 195 -0.18 7.07 37.04
CA GLU E 195 -0.51 7.75 38.30
C GLU E 195 0.26 7.14 39.47
N THR E 196 0.20 5.82 39.58
CA THR E 196 0.88 5.12 40.67
C THR E 196 2.39 5.18 40.52
N LEU E 197 2.86 5.32 39.29
CA LEU E 197 4.30 5.43 39.05
C LEU E 197 4.79 6.84 39.40
N GLU E 198 3.93 7.82 39.17
CA GLU E 198 4.20 9.19 39.61
C GLU E 198 4.28 9.21 41.13
N ARG E 199 3.29 8.59 41.76
CA ARG E 199 3.22 8.52 43.21
C ARG E 199 4.45 7.83 43.80
N LEU E 200 4.87 6.74 43.16
CA LEU E 200 6.04 5.99 43.60
C LEU E 200 7.33 6.75 43.31
N GLN E 201 7.28 7.64 42.34
CA GLN E 201 8.45 8.46 42.03
C GLN E 201 8.50 9.65 42.96
N ARG E 202 7.38 9.90 43.65
CA ARG E 202 7.36 10.93 44.69
C ARG E 202 7.84 10.35 46.00
N ARG E 203 7.41 9.13 46.30
CA ARG E 203 7.81 8.48 47.56
C ARG E 203 9.28 8.08 47.53
N TYR E 204 9.66 7.36 46.48
CA TYR E 204 11.07 7.00 46.29
C TYR E 204 11.64 7.76 45.11
N GLY E 205 12.95 7.74 44.96
CA GLY E 205 13.60 8.45 43.87
C GLY E 205 13.46 7.73 42.54
N GLY E 206 14.38 8.02 41.62
CA GLY E 206 14.45 7.29 40.37
C GLY E 206 13.56 7.79 39.25
N GLY E 207 13.54 7.04 38.15
CA GLY E 207 12.76 7.40 36.99
C GLY E 207 12.73 6.25 35.99
N LEU E 208 11.87 6.37 34.98
CA LEU E 208 11.71 5.32 33.99
C LEU E 208 12.67 5.47 32.82
N VAL E 209 13.19 4.35 32.35
CA VAL E 209 14.11 4.34 31.21
C VAL E 209 13.77 3.21 30.24
N ARG E 210 13.54 3.54 28.98
CA ARG E 210 13.30 2.52 27.97
C ARG E 210 14.61 2.03 27.37
N VAL E 211 14.87 0.72 27.50
CA VAL E 211 16.08 0.13 26.97
C VAL E 211 15.86 -0.31 25.53
N PRO E 212 16.77 0.07 24.63
CA PRO E 212 16.65 -0.25 23.20
C PRO E 212 16.79 -1.74 22.92
N LEU E 213 17.34 -2.47 23.89
CA LEU E 213 17.48 -3.92 23.78
C LEU E 213 16.12 -4.60 23.92
N SER E 214 15.16 -3.88 24.51
CA SER E 214 13.80 -4.39 24.60
C SER E 214 13.20 -4.48 23.21
N ARG E 215 12.48 -5.56 22.95
CA ARG E 215 11.86 -5.76 21.66
C ARG E 215 10.61 -4.90 21.53
N ASN E 216 10.12 -4.76 20.31
CA ASN E 216 8.99 -3.89 20.03
C ASN E 216 7.67 -4.50 20.46
N SER E 217 7.69 -5.78 20.79
CA SER E 217 6.49 -6.49 21.20
C SER E 217 6.19 -6.27 22.68
N THR E 218 7.14 -5.69 23.40
CA THR E 218 6.94 -5.40 24.81
C THR E 218 7.13 -3.91 25.09
N HIS E 219 6.30 -3.36 25.97
CA HIS E 219 6.34 -1.94 26.29
C HIS E 219 7.07 -1.73 27.61
N GLU E 220 7.84 -2.73 28.01
CA GLU E 220 8.55 -2.73 29.29
C GLU E 220 9.52 -1.55 29.40
N MET E 221 9.50 -0.90 30.55
CA MET E 221 10.48 0.14 30.84
C MET E 221 11.10 -0.17 32.19
N TYR E 222 12.18 0.50 32.55
CA TYR E 222 12.85 0.17 33.79
C TYR E 222 12.98 1.36 34.74
N TRP E 223 12.32 1.24 35.88
CA TRP E 223 12.38 2.22 36.95
C TRP E 223 13.69 2.07 37.72
N VAL E 224 14.63 2.96 37.43
CA VAL E 224 15.97 2.89 37.99
C VAL E 224 16.28 4.14 38.82
N SER E 225 17.19 3.98 39.79
CA SER E 225 17.50 5.03 40.76
C SER E 225 18.24 6.21 40.15
N GLY E 226 19.39 5.95 39.53
CA GLY E 226 20.28 6.99 39.05
C GLY E 226 19.70 7.81 37.92
N ALA E 227 18.50 7.44 37.48
CA ALA E 227 17.82 8.24 36.48
C ALA E 227 16.81 9.19 37.12
N LYS E 228 16.92 10.46 36.78
CA LYS E 228 15.80 11.39 36.91
C LYS E 228 14.95 11.34 35.64
N SER E 229 13.68 11.73 35.76
CA SER E 229 12.73 11.82 34.65
C SER E 229 11.29 12.14 35.06
N ASN E 230 10.51 12.59 34.07
CA ASN E 230 9.07 12.71 34.18
C ASN E 230 8.47 11.43 33.65
N THR E 231 7.48 10.90 34.37
CA THR E 231 6.88 9.63 33.99
C THR E 231 6.16 9.71 32.64
N ILE E 232 5.11 10.53 32.58
CA ILE E 232 4.26 10.64 31.39
C ILE E 232 5.05 10.92 30.12
N LYS E 233 6.07 11.77 30.22
CA LYS E 233 6.85 12.16 29.05
C LYS E 233 7.64 10.97 28.48
N SER E 234 8.34 10.25 29.35
CA SER E 234 9.10 9.08 28.94
C SER E 234 8.18 7.98 28.40
N VAL E 235 7.09 7.70 29.11
CA VAL E 235 6.18 6.66 28.68
C VAL E 235 5.57 6.98 27.32
N SER E 236 5.15 8.23 27.13
CA SER E 236 4.53 8.65 25.89
C SER E 236 5.53 8.69 24.73
N THR E 237 6.79 9.03 25.01
CA THR E 237 7.79 9.02 23.95
C THR E 237 8.10 7.60 23.53
N THR E 238 8.17 6.71 24.51
CA THR E 238 8.34 5.28 24.24
C THR E 238 7.21 4.78 23.35
N SER E 239 5.98 5.10 23.76
CA SER E 239 4.80 4.71 23.01
C SER E 239 4.86 5.27 21.59
N GLN E 240 5.37 6.49 21.47
CA GLN E 240 5.50 7.13 20.16
C GLN E 240 6.46 6.36 19.27
N LEU E 241 7.58 5.94 19.84
CA LEU E 241 8.57 5.18 19.08
C LEU E 241 8.00 3.83 18.62
N LEU E 242 7.41 3.10 19.56
CA LEU E 242 6.83 1.80 19.23
C LEU E 242 5.73 1.93 18.19
N LEU E 243 4.93 2.97 18.29
CA LEU E 243 3.89 3.25 17.30
C LEU E 243 4.51 3.56 15.94
N GLY E 244 5.61 4.31 15.97
CA GLY E 244 6.30 4.72 14.76
C GLY E 244 6.84 3.55 13.98
N ARG E 245 7.44 2.60 14.68
CA ARG E 245 8.04 1.44 14.03
C ARG E 245 7.01 0.43 13.49
N MET E 246 5.74 0.84 13.43
CA MET E 246 4.69 -0.04 12.95
C MET E 246 4.21 0.36 11.55
N ASP E 247 4.74 1.45 11.04
CA ASP E 247 4.24 2.02 9.79
C ASP E 247 5.23 1.96 8.64
N GLY E 248 6.47 2.35 8.90
CA GLY E 248 7.47 2.40 7.85
C GLY E 248 7.91 1.03 7.37
N PRO E 249 9.00 0.98 6.61
CA PRO E 249 9.62 -0.30 6.26
C PRO E 249 10.36 -0.85 7.49
N ARG E 250 10.75 -2.11 7.44
CA ARG E 250 11.45 -2.68 8.58
C ARG E 250 12.83 -2.05 8.74
N ARG E 251 13.04 -1.37 9.86
CA ARG E 251 14.35 -0.82 10.19
C ARG E 251 15.28 -1.95 10.58
N PRO E 252 16.55 -1.88 10.16
CA PRO E 252 17.52 -2.94 10.44
C PRO E 252 17.94 -3.02 11.90
N VAL E 253 18.28 -4.22 12.35
CA VAL E 253 18.71 -4.44 13.72
C VAL E 253 20.16 -4.03 13.94
N LYS E 254 20.41 -3.29 15.02
CA LYS E 254 21.75 -2.87 15.37
C LYS E 254 22.43 -3.95 16.23
N TYR E 255 23.13 -4.86 15.57
CA TYR E 255 23.74 -6.00 16.26
C TYR E 255 24.92 -5.58 17.14
N GLU E 256 24.66 -5.54 18.44
CA GLU E 256 25.68 -5.22 19.42
C GLU E 256 26.39 -6.49 19.86
N GLU E 257 27.63 -6.35 20.32
CA GLU E 257 28.41 -7.48 20.80
C GLU E 257 27.86 -7.98 22.13
N ASP E 258 27.97 -9.28 22.37
CA ASP E 258 27.56 -9.82 23.65
C ASP E 258 28.58 -9.43 24.71
N VAL E 259 28.11 -9.32 25.95
CA VAL E 259 29.00 -8.93 27.04
C VAL E 259 29.80 -10.14 27.54
N ASN E 260 31.11 -9.96 27.68
CA ASN E 260 31.96 -10.98 28.25
C ASN E 260 32.25 -10.65 29.71
N LEU E 261 31.94 -11.57 30.60
CA LEU E 261 32.04 -11.30 32.04
C LEU E 261 33.32 -11.87 32.64
N GLY E 262 34.26 -12.25 31.79
CA GLY E 262 35.53 -12.79 32.24
C GLY E 262 35.38 -14.03 33.08
N SER E 263 36.37 -14.30 33.93
CA SER E 263 36.31 -15.45 34.82
C SER E 263 37.16 -15.20 36.05
N GLY E 264 37.11 -16.13 36.99
CA GLY E 264 37.89 -16.00 38.22
C GLY E 264 37.04 -15.61 39.42
N THR E 265 37.69 -15.51 40.57
CA THR E 265 37.02 -15.21 41.82
C THR E 265 37.39 -13.82 42.31
N ARG E 266 36.71 -13.37 43.37
CA ARG E 266 36.99 -12.06 43.95
C ARG E 266 37.32 -12.18 45.44
N GLU F 8 58.10 9.40 -1.99
CA GLU F 8 57.19 10.43 -1.49
C GLU F 8 56.55 11.19 -2.65
N THR F 9 55.23 11.23 -2.66
CA THR F 9 54.49 11.93 -3.71
C THR F 9 54.39 13.43 -3.41
N LEU F 10 53.91 14.20 -4.38
CA LEU F 10 53.77 15.64 -4.22
C LEU F 10 52.73 16.00 -3.16
N GLY F 11 51.64 15.23 -3.12
CA GLY F 11 50.58 15.45 -2.16
C GLY F 11 51.06 15.31 -0.73
N GLU F 12 51.94 14.33 -0.50
CA GLU F 12 52.50 14.10 0.81
C GLU F 12 53.38 15.27 1.24
N LYS F 13 54.13 15.81 0.30
CA LYS F 13 54.97 16.98 0.57
C LYS F 13 54.10 18.18 0.91
N TRP F 14 52.98 18.31 0.19
CA TRP F 14 51.99 19.33 0.50
C TRP F 14 51.46 19.16 1.92
N LYS F 15 51.22 17.92 2.30
CA LYS F 15 50.64 17.63 3.62
C LYS F 15 51.62 17.99 4.74
N ALA F 16 52.86 17.56 4.58
CA ALA F 16 53.90 17.86 5.57
C ALA F 16 54.13 19.35 5.69
N ARG F 17 54.26 20.02 4.55
CA ARG F 17 54.43 21.47 4.54
C ARG F 17 53.24 22.15 5.19
N LEU F 18 52.06 21.56 5.02
CA LEU F 18 50.82 22.09 5.60
C LEU F 18 50.90 22.00 7.12
N ASN F 19 51.33 20.85 7.62
CA ASN F 19 51.47 20.65 9.06
C ASN F 19 52.58 21.53 9.65
N GLN F 20 53.55 21.89 8.82
CA GLN F 20 54.65 22.76 9.25
C GLN F 20 54.20 24.19 9.48
N MET F 21 53.29 24.67 8.62
CA MET F 21 52.87 26.05 8.60
C MET F 21 52.37 26.57 9.94
N SER F 22 52.48 27.87 10.14
CA SER F 22 51.98 28.51 11.34
C SER F 22 50.47 28.68 11.24
N ALA F 23 49.86 29.09 12.34
CA ALA F 23 48.42 29.33 12.35
C ALA F 23 48.09 30.48 11.39
N LEU F 24 49.01 31.44 11.31
CA LEU F 24 48.82 32.60 10.44
C LEU F 24 48.83 32.19 8.96
N GLU F 25 49.94 31.58 8.54
CA GLU F 25 50.09 31.10 7.18
C GLU F 25 48.93 30.22 6.77
N PHE F 26 48.46 29.38 7.67
CA PHE F 26 47.35 28.49 7.39
C PHE F 26 46.06 29.28 7.19
N TYR F 27 45.77 30.19 8.12
CA TYR F 27 44.57 30.99 8.05
C TYR F 27 44.48 31.70 6.70
N SER F 28 45.63 32.15 6.20
CA SER F 28 45.63 32.83 4.90
C SER F 28 45.69 31.88 3.70
N TYR F 29 46.12 30.64 3.94
CA TYR F 29 46.33 29.70 2.84
C TYR F 29 45.07 28.92 2.49
N LYS F 30 44.26 28.60 3.50
CA LYS F 30 43.09 27.74 3.32
C LYS F 30 42.17 28.23 2.22
N LYS F 31 42.13 29.55 2.00
CA LYS F 31 41.23 30.11 0.99
C LYS F 31 41.95 30.89 -0.11
N SER F 32 43.27 30.87 -0.12
CA SER F 32 44.04 31.66 -1.08
C SER F 32 43.80 31.21 -2.51
N GLY F 33 43.05 32.01 -3.25
CA GLY F 33 42.85 31.79 -4.67
C GLY F 33 41.76 30.80 -5.00
N ILE F 34 41.10 30.29 -3.98
CA ILE F 34 40.01 29.34 -4.19
C ILE F 34 38.74 30.06 -4.58
N THR F 35 37.75 29.29 -5.03
CA THR F 35 36.43 29.82 -5.32
C THR F 35 35.54 29.56 -4.11
N GLU F 36 34.70 30.52 -3.75
CA GLU F 36 33.75 30.28 -2.67
C GLU F 36 32.46 31.04 -2.86
N VAL F 37 31.44 30.61 -2.14
CA VAL F 37 30.09 31.14 -2.27
C VAL F 37 29.72 32.03 -1.09
N CYS F 38 29.12 33.18 -1.37
CA CYS F 38 28.62 34.05 -0.31
C CYS F 38 27.41 33.37 0.34
N ARG F 39 27.53 33.05 1.62
CA ARG F 39 26.52 32.28 2.32
C ARG F 39 25.84 33.08 3.43
N GLU F 40 26.15 34.36 3.51
CA GLU F 40 25.64 35.22 4.58
C GLU F 40 24.12 35.24 4.63
N GLU F 41 23.51 35.64 3.52
CA GLU F 41 22.06 35.77 3.44
C GLU F 41 21.38 34.44 3.70
N ALA F 42 21.96 33.37 3.17
CA ALA F 42 21.43 32.03 3.35
C ALA F 42 21.46 31.64 4.82
N ARG F 43 22.56 31.95 5.49
CA ARG F 43 22.72 31.71 6.92
C ARG F 43 21.65 32.44 7.73
N ARG F 44 21.51 33.75 7.47
CA ARG F 44 20.52 34.55 8.18
C ARG F 44 19.10 34.00 7.97
N ALA F 45 18.78 33.68 6.72
CA ALA F 45 17.46 33.17 6.39
C ALA F 45 17.18 31.86 7.12
N LEU F 46 18.08 30.90 6.99
CA LEU F 46 17.93 29.60 7.63
C LEU F 46 17.85 29.71 9.15
N LYS F 47 18.62 30.64 9.72
CA LYS F 47 18.56 30.88 11.15
C LYS F 47 17.18 31.43 11.52
N ASP F 48 16.63 32.24 10.62
CA ASP F 48 15.33 32.86 10.86
C ASP F 48 14.19 31.85 10.71
N GLY F 49 14.46 30.76 10.02
CA GLY F 49 13.48 29.70 9.88
C GLY F 49 12.75 29.73 8.55
N VAL F 50 13.33 30.41 7.57
CA VAL F 50 12.72 30.54 6.26
C VAL F 50 12.90 29.26 5.44
N ALA F 51 11.82 28.52 5.24
CA ALA F 51 11.87 27.27 4.49
C ALA F 51 11.77 27.53 2.99
N THR F 52 11.45 28.76 2.61
CA THR F 52 11.37 29.11 1.19
C THR F 52 12.57 29.96 0.79
N GLY F 53 12.39 30.80 -0.22
CA GLY F 53 13.44 31.72 -0.64
C GLY F 53 14.43 31.11 -1.61
N GLY F 54 14.49 29.77 -1.63
CA GLY F 54 15.37 29.07 -2.55
C GLY F 54 16.79 28.92 -2.04
N HIS F 55 16.97 29.15 -0.73
CA HIS F 55 18.30 29.08 -0.13
C HIS F 55 18.83 27.65 -0.07
N ALA F 56 20.15 27.53 -0.20
CA ALA F 56 20.82 26.25 -0.02
C ALA F 56 21.09 26.02 1.47
N VAL F 57 21.00 24.77 1.92
CA VAL F 57 21.23 24.45 3.32
C VAL F 57 22.72 24.37 3.65
N SER F 58 23.54 24.16 2.63
CA SER F 58 24.98 24.07 2.81
C SER F 58 25.71 24.48 1.54
N ARG F 59 27.04 24.43 1.59
CA ARG F 59 27.86 24.79 0.43
C ARG F 59 27.96 23.65 -0.57
N GLY F 60 27.63 22.44 -0.13
CA GLY F 60 27.68 21.27 -0.99
C GLY F 60 26.88 21.45 -2.27
N SER F 61 25.73 22.12 -2.16
CA SER F 61 24.89 22.41 -3.32
C SER F 61 25.65 23.15 -4.41
N ALA F 62 26.53 24.06 -3.99
CA ALA F 62 27.37 24.81 -4.91
C ALA F 62 28.41 23.90 -5.56
N LYS F 63 28.94 22.97 -4.78
CA LYS F 63 29.90 21.99 -5.29
C LYS F 63 29.30 21.11 -6.37
N LEU F 64 28.29 20.34 -6.00
CA LEU F 64 27.59 19.45 -6.92
C LEU F 64 27.17 20.19 -8.19
N ARG F 65 26.56 21.35 -8.01
CA ARG F 65 26.21 22.24 -9.12
C ARG F 65 27.40 22.39 -10.07
N TRP F 66 28.52 22.87 -9.54
CA TRP F 66 29.75 23.04 -10.31
C TRP F 66 30.09 21.81 -11.14
N LEU F 67 29.90 20.63 -10.57
CA LEU F 67 30.12 19.38 -11.31
C LEU F 67 29.03 19.14 -12.35
N VAL F 68 27.78 19.17 -11.92
CA VAL F 68 26.66 18.85 -12.81
C VAL F 68 26.62 19.78 -14.03
N GLU F 69 26.93 21.06 -13.84
CA GLU F 69 26.90 22.02 -14.95
C GLU F 69 28.12 21.92 -15.86
N ARG F 70 28.94 20.88 -15.69
CA ARG F 70 30.12 20.68 -16.51
C ARG F 70 30.20 19.26 -17.05
N GLY F 71 29.10 18.53 -16.92
CA GLY F 71 28.99 17.20 -17.50
C GLY F 71 29.75 16.14 -16.75
N TYR F 72 30.31 16.51 -15.59
CA TYR F 72 31.07 15.58 -14.77
C TYR F 72 30.17 14.48 -14.20
N LEU F 73 28.88 14.76 -14.12
CA LEU F 73 27.88 13.72 -13.89
C LEU F 73 26.49 14.23 -14.21
N GLN F 74 25.61 13.32 -14.59
CA GLN F 74 24.26 13.66 -15.00
C GLN F 74 23.24 12.89 -14.18
N PRO F 75 22.89 13.42 -13.01
CA PRO F 75 21.95 12.80 -12.06
C PRO F 75 20.60 12.46 -12.68
N TYR F 76 20.11 11.25 -12.42
CA TYR F 76 18.84 10.80 -12.98
C TYR F 76 18.24 9.70 -12.11
N GLY F 77 16.92 9.58 -12.14
CA GLY F 77 16.21 8.51 -11.45
C GLY F 77 16.33 8.55 -9.94
N LYS F 78 16.54 7.38 -9.35
CA LYS F 78 16.67 7.23 -7.90
C LYS F 78 18.07 7.64 -7.44
N VAL F 79 18.12 8.57 -6.49
CA VAL F 79 19.38 9.10 -6.01
C VAL F 79 19.62 8.74 -4.54
N ILE F 80 20.85 8.36 -4.23
CA ILE F 80 21.22 8.07 -2.85
C ILE F 80 22.31 9.05 -2.39
N ASP F 81 22.10 9.71 -1.26
CA ASP F 81 23.10 10.64 -0.74
C ASP F 81 23.70 10.11 0.55
N LEU F 82 24.87 9.48 0.43
CA LEU F 82 25.57 8.95 1.60
C LEU F 82 26.28 10.06 2.36
N GLY F 83 26.02 10.15 3.66
CA GLY F 83 26.60 11.20 4.47
C GLY F 83 26.06 12.55 4.05
N CYS F 84 24.74 12.60 3.85
CA CYS F 84 24.08 13.77 3.30
C CYS F 84 24.16 15.01 4.20
N GLY F 85 24.44 14.81 5.48
CA GLY F 85 24.53 15.90 6.43
C GLY F 85 23.28 16.77 6.43
N ARG F 86 23.47 18.07 6.23
CA ARG F 86 22.35 18.99 6.14
C ARG F 86 21.50 18.72 4.91
N GLY F 87 22.14 18.20 3.86
CA GLY F 87 21.43 17.71 2.70
C GLY F 87 21.51 18.56 1.44
N GLY F 88 22.60 19.32 1.28
CA GLY F 88 22.76 20.20 0.13
C GLY F 88 22.70 19.47 -1.21
N TRP F 89 23.44 18.38 -1.30
CA TRP F 89 23.46 17.55 -2.49
C TRP F 89 22.08 17.01 -2.82
N SER F 90 21.36 16.59 -1.79
CA SER F 90 20.03 16.00 -1.97
C SER F 90 19.06 16.99 -2.59
N TYR F 91 18.98 18.18 -2.02
CA TYR F 91 18.06 19.19 -2.53
C TYR F 91 18.48 19.62 -3.93
N TYR F 92 19.77 19.85 -4.14
CA TYR F 92 20.21 20.25 -5.46
C TYR F 92 19.85 19.19 -6.50
N ALA F 93 20.07 17.94 -6.15
CA ALA F 93 19.77 16.83 -7.06
C ALA F 93 18.28 16.71 -7.29
N ALA F 94 17.50 17.13 -6.28
CA ALA F 94 16.05 17.13 -6.40
C ALA F 94 15.59 18.27 -7.31
N THR F 95 16.44 19.26 -7.53
CA THR F 95 16.10 20.32 -8.47
C THR F 95 16.40 19.97 -9.92
N ILE F 96 16.65 18.69 -10.19
CA ILE F 96 17.00 18.24 -11.54
C ILE F 96 15.84 17.47 -12.17
N ARG F 97 15.67 17.64 -13.47
CA ARG F 97 14.58 16.99 -14.21
C ARG F 97 14.65 15.47 -14.16
N LYS F 98 15.74 14.91 -14.67
CA LYS F 98 15.87 13.46 -14.81
C LYS F 98 15.78 12.73 -13.48
N VAL F 99 15.99 13.45 -12.37
CA VAL F 99 15.88 12.88 -11.04
C VAL F 99 14.43 12.64 -10.66
N GLN F 100 14.14 11.46 -10.14
CA GLN F 100 12.77 11.09 -9.79
C GLN F 100 12.60 10.87 -8.29
N GLU F 101 13.69 10.58 -7.60
CA GLU F 101 13.65 10.33 -6.16
C GLU F 101 15.03 10.52 -5.53
N VAL F 102 15.05 11.10 -4.33
CA VAL F 102 16.30 11.29 -3.61
C VAL F 102 16.19 10.78 -2.17
N LYS F 103 17.04 9.81 -1.84
CA LYS F 103 17.10 9.27 -0.48
C LYS F 103 18.46 9.57 0.14
N GLY F 104 18.49 10.38 1.19
CA GLY F 104 19.73 10.76 1.84
C GLY F 104 19.89 10.15 3.21
N TYR F 105 21.13 9.83 3.58
CA TYR F 105 21.41 9.24 4.87
C TYR F 105 22.62 9.90 5.51
N THR F 106 22.49 10.29 6.78
CA THR F 106 23.60 10.86 7.51
C THR F 106 23.71 10.25 8.90
N LYS F 107 24.81 10.54 9.57
CA LYS F 107 25.09 9.97 10.89
C LYS F 107 24.34 10.71 11.98
N GLY F 108 24.39 12.03 11.96
CA GLY F 108 23.72 12.84 12.95
C GLY F 108 24.35 12.73 14.32
N GLY F 109 23.62 13.17 15.34
CA GLY F 109 24.13 13.12 16.70
C GLY F 109 25.14 14.22 16.98
N PRO F 110 25.81 14.14 18.13
CA PRO F 110 26.77 15.17 18.57
C PRO F 110 27.97 15.29 17.65
N GLY F 111 28.23 16.49 17.15
CA GLY F 111 29.40 16.73 16.33
C GLY F 111 29.16 16.51 14.84
N HIS F 112 28.11 15.76 14.53
CA HIS F 112 27.76 15.51 13.13
C HIS F 112 26.52 16.30 12.74
N GLU F 113 26.44 16.68 11.47
CA GLU F 113 25.36 17.51 10.99
C GLU F 113 24.05 16.75 10.91
N GLU F 114 22.97 17.43 11.31
CA GLU F 114 21.63 16.90 11.14
C GLU F 114 21.01 17.51 9.88
N PRO F 115 20.14 16.75 9.20
CA PRO F 115 19.43 17.25 8.02
C PRO F 115 18.59 18.49 8.33
N VAL F 116 18.57 19.43 7.40
CA VAL F 116 17.79 20.65 7.55
C VAL F 116 16.56 20.59 6.65
N LEU F 117 15.41 20.93 7.19
CA LEU F 117 14.16 20.80 6.44
C LEU F 117 13.75 22.11 5.79
N VAL F 118 13.85 22.11 4.46
CA VAL F 118 13.58 23.29 3.65
C VAL F 118 12.61 22.91 2.53
N GLN F 119 11.80 23.86 2.08
CA GLN F 119 10.86 23.60 1.00
C GLN F 119 11.31 24.22 -0.33
N SER F 120 12.54 23.91 -0.72
CA SER F 120 13.06 24.30 -2.03
C SER F 120 12.47 23.42 -3.11
N TYR F 121 12.72 23.76 -4.38
CA TYR F 121 12.04 23.10 -5.48
C TYR F 121 12.28 21.59 -5.55
N GLY F 122 11.20 20.82 -5.42
CA GLY F 122 11.27 19.38 -5.46
C GLY F 122 11.61 18.77 -4.11
N TRP F 123 11.28 19.50 -3.05
CA TRP F 123 11.58 19.06 -1.68
C TRP F 123 10.82 17.80 -1.28
N ASN F 124 9.70 17.55 -1.96
CA ASN F 124 8.84 16.44 -1.61
C ASN F 124 9.44 15.09 -2.00
N ILE F 125 10.26 15.08 -3.06
CA ILE F 125 10.89 13.84 -3.49
C ILE F 125 12.17 13.58 -2.68
N VAL F 126 12.51 14.53 -1.81
CA VAL F 126 13.65 14.35 -0.94
C VAL F 126 13.24 13.58 0.31
N ARG F 127 14.15 12.74 0.79
CA ARG F 127 13.90 11.89 1.93
C ARG F 127 15.16 11.71 2.75
N LEU F 128 15.37 12.62 3.70
CA LEU F 128 16.58 12.60 4.52
C LEU F 128 16.37 11.80 5.81
N LYS F 129 17.34 10.96 6.13
CA LYS F 129 17.24 10.09 7.28
C LYS F 129 18.51 10.16 8.13
N SER F 130 18.38 10.64 9.36
CA SER F 130 19.53 10.77 10.24
C SER F 130 19.62 9.62 11.23
N GLY F 131 20.76 9.52 11.90
CA GLY F 131 21.00 8.45 12.85
C GLY F 131 21.32 7.16 12.13
N VAL F 132 22.01 7.28 11.00
CA VAL F 132 22.33 6.12 10.16
C VAL F 132 23.81 6.05 9.84
N ASP F 133 24.43 4.90 10.11
CA ASP F 133 25.81 4.66 9.73
C ASP F 133 25.83 3.86 8.44
N VAL F 134 26.37 4.46 7.39
CA VAL F 134 26.38 3.83 6.08
C VAL F 134 27.40 2.69 5.99
N PHE F 135 28.31 2.64 6.97
CA PHE F 135 29.29 1.57 7.04
C PHE F 135 28.68 0.30 7.61
N HIS F 136 27.50 0.43 8.18
CA HIS F 136 26.76 -0.72 8.68
C HIS F 136 25.40 -0.76 8.02
N MET F 137 25.34 -0.28 6.78
CA MET F 137 24.08 -0.20 6.06
C MET F 137 24.11 -1.03 4.79
N ALA F 138 23.04 -1.78 4.56
CA ALA F 138 22.93 -2.63 3.38
C ALA F 138 22.68 -1.81 2.13
N ALA F 139 23.48 -2.05 1.09
CA ALA F 139 23.34 -1.33 -0.16
C ALA F 139 22.04 -1.69 -0.86
N GLU F 140 21.50 -0.74 -1.61
CA GLU F 140 20.27 -0.96 -2.37
C GLU F 140 20.39 -0.36 -3.76
N PRO F 141 19.68 -0.93 -4.74
CA PRO F 141 19.80 -0.47 -6.13
C PRO F 141 19.41 1.00 -6.29
N CYS F 142 20.17 1.71 -7.11
CA CYS F 142 19.94 3.13 -7.35
C CYS F 142 20.56 3.56 -8.67
N ASP F 143 20.06 4.66 -9.22
CA ASP F 143 20.55 5.16 -10.50
C ASP F 143 21.70 6.13 -10.31
N THR F 144 21.64 6.89 -9.22
CA THR F 144 22.69 7.86 -8.93
C THR F 144 23.24 7.65 -7.52
N LEU F 145 24.55 7.44 -7.44
CA LEU F 145 25.21 7.19 -6.17
C LEU F 145 26.07 8.37 -5.76
N LEU F 146 25.64 9.09 -4.74
CA LEU F 146 26.40 10.21 -4.21
C LEU F 146 26.97 9.86 -2.84
N CYS F 147 28.18 10.34 -2.59
CA CYS F 147 28.83 10.10 -1.32
C CYS F 147 29.81 11.23 -1.02
N ASP F 148 29.68 11.84 0.15
CA ASP F 148 30.55 12.95 0.52
C ASP F 148 31.18 12.72 1.88
N ILE F 149 31.73 11.53 2.09
CA ILE F 149 32.32 11.17 3.37
C ILE F 149 33.85 11.27 3.32
N GLY F 150 34.43 11.97 4.29
CA GLY F 150 35.87 12.11 4.38
C GLY F 150 36.28 13.26 5.27
N GLU F 151 36.39 12.98 6.57
CA GLU F 151 36.80 13.99 7.55
C GLU F 151 38.33 14.17 7.56
N SER F 152 38.78 15.40 7.38
CA SER F 152 40.21 15.69 7.30
C SER F 152 40.96 15.35 8.57
N SER F 153 42.25 15.07 8.42
CA SER F 153 43.11 14.74 9.56
C SER F 153 44.51 15.31 9.36
N SER F 154 45.24 15.49 10.45
CA SER F 154 46.62 15.97 10.37
C SER F 154 47.54 14.83 9.96
N SER F 155 47.00 13.61 10.00
CA SER F 155 47.77 12.42 9.67
C SER F 155 47.42 11.90 8.29
N PRO F 156 48.38 11.93 7.36
CA PRO F 156 48.24 11.37 6.01
C PRO F 156 47.81 9.91 6.05
N GLU F 157 48.32 9.17 7.03
CA GLU F 157 47.98 7.77 7.19
C GLU F 157 46.49 7.63 7.47
N VAL F 158 46.00 8.43 8.42
CA VAL F 158 44.61 8.38 8.85
C VAL F 158 43.65 8.77 7.72
N GLU F 159 44.00 9.81 6.97
CA GLU F 159 43.21 10.20 5.81
C GLU F 159 43.22 9.09 4.77
N GLU F 160 44.36 8.40 4.65
CA GLU F 160 44.47 7.27 3.72
C GLU F 160 43.53 6.14 4.12
N ALA F 161 43.59 5.74 5.39
CA ALA F 161 42.77 4.64 5.91
C ALA F 161 41.29 4.98 5.80
N ARG F 162 40.93 6.18 6.22
CA ARG F 162 39.56 6.66 6.12
C ARG F 162 39.05 6.57 4.69
N THR F 163 39.81 7.15 3.77
CA THR F 163 39.44 7.14 2.36
C THR F 163 39.28 5.71 1.85
N LEU F 164 40.16 4.82 2.27
CA LEU F 164 40.09 3.41 1.88
C LEU F 164 38.78 2.79 2.35
N ARG F 165 38.45 3.01 3.62
CA ARG F 165 37.22 2.51 4.21
C ARG F 165 36.00 2.95 3.39
N VAL F 166 35.93 4.25 3.15
CA VAL F 166 34.87 4.83 2.33
C VAL F 166 34.81 4.17 0.95
N LEU F 167 35.98 3.92 0.37
CA LEU F 167 36.05 3.32 -0.96
C LEU F 167 35.51 1.90 -1.01
N SER F 168 35.82 1.09 0.00
CA SER F 168 35.25 -0.25 0.07
C SER F 168 33.74 -0.17 0.20
N MET F 169 33.30 0.66 1.14
CA MET F 169 31.88 0.84 1.40
C MET F 169 31.13 1.24 0.13
N VAL F 170 31.69 2.16 -0.66
CA VAL F 170 31.02 2.59 -1.89
C VAL F 170 31.22 1.55 -2.97
N GLY F 171 32.18 0.65 -2.77
CA GLY F 171 32.36 -0.46 -3.68
C GLY F 171 31.13 -1.34 -3.62
N ASP F 172 30.69 -1.62 -2.40
CA ASP F 172 29.47 -2.41 -2.20
C ASP F 172 28.27 -1.84 -2.95
N TRP F 173 28.21 -0.51 -3.06
CA TRP F 173 27.10 0.17 -3.70
C TRP F 173 27.25 0.23 -5.22
N LEU F 174 28.48 0.40 -5.68
CA LEU F 174 28.78 0.42 -7.10
C LEU F 174 28.60 -0.96 -7.73
N GLU F 175 28.66 -1.99 -6.88
CA GLU F 175 28.47 -3.35 -7.35
C GLU F 175 27.04 -3.59 -7.85
N LYS F 176 26.12 -2.75 -7.42
CA LYS F 176 24.73 -2.82 -7.90
C LYS F 176 24.61 -2.04 -9.21
N ARG F 177 25.69 -1.36 -9.55
CA ARG F 177 25.90 -0.78 -10.87
C ARG F 177 24.99 0.37 -11.24
N PRO F 178 25.30 1.57 -10.70
CA PRO F 178 24.96 2.83 -11.38
C PRO F 178 26.02 3.01 -12.47
N GLY F 179 25.80 3.83 -13.50
CA GLY F 179 24.71 4.78 -13.59
C GLY F 179 25.37 6.13 -13.62
N ALA F 180 25.02 6.97 -12.66
CA ALA F 180 25.79 8.18 -12.39
C ALA F 180 26.32 8.08 -10.98
N PHE F 181 27.51 8.61 -10.72
CA PHE F 181 28.00 8.67 -9.35
C PHE F 181 28.94 9.84 -9.11
N CYS F 182 29.00 10.25 -7.85
CA CYS F 182 29.93 11.29 -7.40
C CYS F 182 30.40 10.93 -6.00
N ILE F 183 31.67 10.57 -5.88
CA ILE F 183 32.20 10.07 -4.61
C ILE F 183 33.39 10.89 -4.13
N LYS F 184 33.32 11.35 -2.89
CA LYS F 184 34.40 12.14 -2.31
C LYS F 184 35.60 11.27 -1.98
N VAL F 185 36.77 11.73 -2.41
CA VAL F 185 38.04 11.07 -2.12
C VAL F 185 38.93 12.04 -1.37
N LEU F 186 38.98 11.87 -0.06
CA LEU F 186 39.69 12.78 0.84
C LEU F 186 41.19 12.76 0.61
N CYS F 187 41.78 11.57 0.62
CA CYS F 187 43.20 11.42 0.37
C CYS F 187 43.47 10.56 -0.85
N PRO F 188 43.66 11.21 -2.00
CA PRO F 188 44.02 10.51 -3.24
C PRO F 188 45.49 10.67 -3.61
N TYR F 189 46.33 11.09 -2.67
CA TYR F 189 47.69 11.49 -3.03
C TYR F 189 48.80 10.54 -2.59
N THR F 190 48.44 9.39 -2.03
CA THR F 190 49.46 8.40 -1.70
C THR F 190 49.48 7.33 -2.78
N SER F 191 50.57 6.56 -2.83
CA SER F 191 50.76 5.58 -3.90
C SER F 191 49.69 4.50 -3.91
N THR F 192 49.45 3.90 -2.75
CA THR F 192 48.43 2.86 -2.63
C THR F 192 47.06 3.39 -3.04
N MET F 193 46.82 4.66 -2.74
CA MET F 193 45.58 5.31 -3.13
C MET F 193 45.46 5.42 -4.64
N MET F 194 46.50 5.95 -5.30
CA MET F 194 46.48 6.07 -6.75
C MET F 194 46.35 4.71 -7.43
N GLU F 195 46.95 3.69 -6.81
CA GLU F 195 46.92 2.34 -7.34
C GLU F 195 45.50 1.76 -7.27
N THR F 196 44.91 1.84 -6.09
CA THR F 196 43.55 1.32 -5.89
C THR F 196 42.53 2.14 -6.66
N LEU F 197 42.87 3.39 -6.94
CA LEU F 197 42.00 4.28 -7.70
C LEU F 197 42.07 3.98 -9.18
N GLU F 198 43.27 3.62 -9.65
CA GLU F 198 43.42 3.12 -11.01
C GLU F 198 42.61 1.84 -11.15
N ARG F 199 42.76 0.96 -10.17
CA ARG F 199 42.07 -0.33 -10.15
C ARG F 199 40.57 -0.14 -10.23
N LEU F 200 40.04 0.71 -9.36
CA LEU F 200 38.62 1.02 -9.32
C LEU F 200 38.16 1.74 -10.58
N GLN F 201 39.07 2.48 -11.19
CA GLN F 201 38.76 3.21 -12.42
C GLN F 201 38.76 2.25 -13.60
N ARG F 202 39.32 1.07 -13.39
CA ARG F 202 39.28 0.05 -14.42
C ARG F 202 38.03 -0.81 -14.27
N ARG F 203 37.71 -1.18 -13.03
CA ARG F 203 36.55 -2.01 -12.76
C ARG F 203 35.24 -1.24 -13.04
N TYR F 204 35.18 -0.01 -12.55
CA TYR F 204 34.05 0.87 -12.85
C TYR F 204 34.51 2.03 -13.72
N GLY F 205 33.58 2.88 -14.12
CA GLY F 205 33.93 4.00 -14.98
C GLY F 205 34.51 5.17 -14.20
N GLY F 206 34.40 6.36 -14.78
CA GLY F 206 34.68 7.59 -14.05
C GLY F 206 36.10 8.08 -14.02
N GLY F 207 36.30 9.18 -13.30
CA GLY F 207 37.59 9.82 -13.14
C GLY F 207 37.53 10.86 -12.05
N LEU F 208 38.69 11.30 -11.58
CA LEU F 208 38.77 12.28 -10.50
C LEU F 208 38.68 13.69 -11.03
N VAL F 209 38.08 14.58 -10.24
CA VAL F 209 37.98 15.99 -10.58
C VAL F 209 38.20 16.84 -9.34
N ARG F 210 39.10 17.81 -9.44
CA ARG F 210 39.31 18.74 -8.33
C ARG F 210 38.40 19.96 -8.45
N VAL F 211 37.50 20.10 -7.48
CA VAL F 211 36.56 21.22 -7.46
C VAL F 211 37.20 22.44 -6.79
N PRO F 212 37.25 23.57 -7.51
CA PRO F 212 37.89 24.81 -7.06
C PRO F 212 37.24 25.39 -5.81
N LEU F 213 36.03 24.94 -5.50
CA LEU F 213 35.33 25.39 -4.32
C LEU F 213 35.99 24.84 -3.06
N SER F 214 36.64 23.68 -3.20
CA SER F 214 37.37 23.07 -2.10
C SER F 214 38.46 24.02 -1.59
N ARG F 215 38.75 23.93 -0.31
CA ARG F 215 39.76 24.79 0.28
C ARG F 215 41.14 24.19 0.10
N ASN F 216 42.17 25.01 0.23
CA ASN F 216 43.54 24.55 0.01
C ASN F 216 44.03 23.68 1.15
N SER F 217 43.33 23.73 2.29
CA SER F 217 43.72 22.97 3.46
C SER F 217 43.39 21.49 3.31
N THR F 218 42.63 21.15 2.27
CA THR F 218 42.24 19.77 2.00
C THR F 218 42.59 19.39 0.57
N HIS F 219 42.93 18.12 0.37
CA HIS F 219 43.36 17.65 -0.94
C HIS F 219 42.24 16.85 -1.61
N GLU F 220 41.02 17.07 -1.16
CA GLU F 220 39.87 16.28 -1.61
C GLU F 220 39.64 16.42 -3.11
N MET F 221 39.41 15.27 -3.75
CA MET F 221 39.05 15.26 -5.17
C MET F 221 37.84 14.35 -5.33
N TYR F 222 37.08 14.52 -6.41
CA TYR F 222 35.84 13.79 -6.54
C TYR F 222 35.85 12.81 -7.69
N TRP F 223 35.73 11.53 -7.34
CA TRP F 223 35.58 10.45 -8.32
C TRP F 223 34.17 10.45 -8.87
N VAL F 224 34.00 11.04 -10.05
CA VAL F 224 32.69 11.15 -10.66
C VAL F 224 32.62 10.32 -11.95
N SER F 225 31.42 9.94 -12.36
CA SER F 225 31.26 9.05 -13.51
C SER F 225 31.57 9.72 -14.84
N GLY F 226 30.98 10.89 -15.07
CA GLY F 226 31.05 11.55 -16.36
C GLY F 226 32.41 12.09 -16.74
N ALA F 227 33.38 11.94 -15.84
CA ALA F 227 34.73 12.38 -16.12
C ALA F 227 35.60 11.22 -16.59
N LYS F 228 36.40 11.47 -17.61
CA LYS F 228 37.42 10.55 -18.06
C LYS F 228 38.78 11.17 -17.82
N SER F 229 39.63 10.50 -17.06
CA SER F 229 40.93 11.09 -16.75
C SER F 229 41.95 10.09 -16.22
N ASN F 230 43.20 10.52 -16.22
CA ASN F 230 44.29 9.73 -15.63
C ASN F 230 44.46 10.10 -14.18
N THR F 231 44.40 9.09 -13.31
CA THR F 231 44.48 9.30 -11.87
C THR F 231 45.71 10.09 -11.45
N ILE F 232 46.88 9.52 -11.72
CA ILE F 232 48.15 10.11 -11.31
C ILE F 232 48.33 11.53 -11.83
N LYS F 233 47.95 11.76 -13.09
CA LYS F 233 48.08 13.08 -13.69
C LYS F 233 47.23 14.12 -12.96
N SER F 234 45.94 13.80 -12.78
CA SER F 234 45.03 14.72 -12.12
C SER F 234 45.45 15.01 -10.68
N VAL F 235 45.76 13.96 -9.93
CA VAL F 235 46.16 14.11 -8.54
C VAL F 235 47.44 14.94 -8.42
N SER F 236 48.41 14.65 -9.29
CA SER F 236 49.69 15.35 -9.23
C SER F 236 49.57 16.82 -9.67
N THR F 237 48.68 17.10 -10.62
CA THR F 237 48.46 18.49 -11.03
C THR F 237 47.80 19.25 -9.89
N THR F 238 46.83 18.61 -9.23
CA THR F 238 46.19 19.21 -8.06
C THR F 238 47.21 19.49 -6.97
N SER F 239 48.10 18.53 -6.76
CA SER F 239 49.17 18.68 -5.78
C SER F 239 50.05 19.85 -6.16
N GLN F 240 50.31 19.99 -7.46
CA GLN F 240 51.10 21.10 -7.98
C GLN F 240 50.45 22.43 -7.65
N LEU F 241 49.14 22.51 -7.85
CA LEU F 241 48.42 23.74 -7.58
C LEU F 241 48.46 24.10 -6.10
N LEU F 242 48.14 23.11 -5.25
CA LEU F 242 48.12 23.35 -3.82
C LEU F 242 49.50 23.74 -3.28
N LEU F 243 50.54 23.12 -3.81
CA LEU F 243 51.91 23.50 -3.45
C LEU F 243 52.23 24.91 -3.91
N GLY F 244 51.77 25.23 -5.11
CA GLY F 244 52.04 26.52 -5.72
C GLY F 244 51.39 27.68 -4.99
N ARG F 245 50.25 27.41 -4.35
CA ARG F 245 49.57 28.45 -3.60
C ARG F 245 50.17 28.67 -2.20
N MET F 246 51.26 27.97 -1.92
CA MET F 246 51.92 28.08 -0.62
C MET F 246 53.13 28.99 -0.62
N ASP F 247 53.49 29.52 -1.79
CA ASP F 247 54.74 30.25 -1.91
C ASP F 247 54.55 31.70 -2.32
N GLY F 248 53.66 31.95 -3.28
CA GLY F 248 53.45 33.30 -3.76
C GLY F 248 52.70 34.19 -2.78
N PRO F 249 52.16 35.31 -3.29
CA PRO F 249 51.29 36.14 -2.46
C PRO F 249 49.92 35.50 -2.32
N ARG F 250 49.09 36.00 -1.41
CA ARG F 250 47.75 35.47 -1.26
C ARG F 250 46.89 35.84 -2.45
N ARG F 251 46.46 34.84 -3.20
CA ARG F 251 45.61 35.07 -4.35
C ARG F 251 44.18 35.34 -3.90
N PRO F 252 43.55 36.39 -4.45
CA PRO F 252 42.19 36.77 -4.06
C PRO F 252 41.15 35.70 -4.34
N VAL F 253 40.16 35.58 -3.47
CA VAL F 253 39.09 34.61 -3.63
C VAL F 253 38.10 35.05 -4.70
N LYS F 254 37.75 34.14 -5.59
CA LYS F 254 36.76 34.41 -6.61
C LYS F 254 35.37 34.16 -6.06
N TYR F 255 34.74 35.20 -5.54
CA TYR F 255 33.43 35.06 -4.91
C TYR F 255 32.34 34.77 -5.94
N GLU F 256 31.76 33.58 -5.84
CA GLU F 256 30.69 33.16 -6.72
C GLU F 256 29.35 33.37 -6.04
N GLU F 257 28.27 33.40 -6.83
CA GLU F 257 26.93 33.54 -6.29
C GLU F 257 26.47 32.22 -5.66
N ASP F 258 25.67 32.32 -4.61
CA ASP F 258 25.09 31.13 -4.01
C ASP F 258 24.02 30.57 -4.93
N VAL F 259 23.85 29.25 -4.95
CA VAL F 259 22.85 28.65 -5.80
C VAL F 259 21.46 28.87 -5.22
N ASN F 260 20.51 29.22 -6.08
CA ASN F 260 19.11 29.34 -5.67
C ASN F 260 18.33 28.14 -6.15
N LEU F 261 17.79 27.38 -5.21
CA LEU F 261 17.10 26.13 -5.53
C LEU F 261 15.60 26.34 -5.71
N GLY F 262 15.17 27.59 -5.63
CA GLY F 262 13.78 27.93 -5.85
C GLY F 262 12.85 27.35 -4.81
N SER F 263 11.58 27.16 -5.18
CA SER F 263 10.59 26.59 -4.28
C SER F 263 9.50 25.87 -5.08
N GLY F 264 8.76 25.00 -4.41
CA GLY F 264 7.67 24.29 -5.05
C GLY F 264 7.93 22.80 -5.17
N THR F 265 6.86 22.07 -5.41
CA THR F 265 6.92 20.61 -5.45
C THR F 265 7.06 20.10 -6.88
N ARG F 266 7.15 18.78 -7.01
CA ARG F 266 7.24 18.13 -8.31
C ARG F 266 6.24 16.99 -8.39
N GLU G 8 -57.52 -22.85 -39.16
CA GLU G 8 -56.23 -22.72 -38.48
C GLU G 8 -55.69 -24.08 -38.08
N THR G 9 -54.43 -24.33 -38.39
CA THR G 9 -53.79 -25.59 -38.06
C THR G 9 -53.19 -25.55 -36.65
N LEU G 10 -52.78 -26.71 -36.15
CA LEU G 10 -52.22 -26.82 -34.81
C LEU G 10 -50.89 -26.09 -34.68
N GLY G 11 -50.07 -26.17 -35.73
CA GLY G 11 -48.78 -25.52 -35.75
C GLY G 11 -48.92 -24.01 -35.68
N GLU G 12 -49.95 -23.48 -36.33
CA GLU G 12 -50.22 -22.05 -36.33
C GLU G 12 -50.58 -21.60 -34.92
N LYS G 13 -51.37 -22.41 -34.23
CA LYS G 13 -51.70 -22.13 -32.85
C LYS G 13 -50.46 -22.15 -31.97
N TRP G 14 -49.58 -23.09 -32.25
CA TRP G 14 -48.29 -23.16 -31.59
C TRP G 14 -47.48 -21.89 -31.82
N LYS G 15 -47.54 -21.35 -33.03
CA LYS G 15 -46.75 -20.17 -33.35
C LYS G 15 -47.31 -18.94 -32.63
N ALA G 16 -48.63 -18.82 -32.63
CA ALA G 16 -49.28 -17.72 -31.93
C ALA G 16 -48.97 -17.77 -30.44
N ARG G 17 -49.08 -18.97 -29.86
CA ARG G 17 -48.79 -19.17 -28.45
C ARG G 17 -47.33 -18.84 -28.14
N LEU G 18 -46.44 -19.28 -29.02
CA LEU G 18 -45.02 -18.98 -28.92
C LEU G 18 -44.78 -17.48 -28.89
N ASN G 19 -45.46 -16.77 -29.77
CA ASN G 19 -45.37 -15.31 -29.83
C ASN G 19 -45.94 -14.64 -28.59
N GLN G 20 -46.88 -15.33 -27.94
CA GLN G 20 -47.51 -14.78 -26.75
C GLN G 20 -46.63 -14.87 -25.51
N MET G 21 -45.94 -16.00 -25.35
CA MET G 21 -45.16 -16.28 -24.15
C MET G 21 -44.14 -15.19 -23.81
N SER G 22 -43.91 -14.96 -22.52
CA SER G 22 -42.88 -14.02 -22.09
C SER G 22 -41.51 -14.60 -22.39
N ALA G 23 -40.48 -13.74 -22.43
CA ALA G 23 -39.14 -14.20 -22.72
C ALA G 23 -38.67 -15.17 -21.64
N LEU G 24 -39.27 -15.08 -20.46
CA LEU G 24 -39.05 -16.07 -19.42
C LEU G 24 -39.56 -17.44 -19.88
N GLU G 25 -40.85 -17.51 -20.16
CA GLU G 25 -41.48 -18.76 -20.61
C GLU G 25 -40.78 -19.31 -21.85
N PHE G 26 -40.32 -18.41 -22.71
CA PHE G 26 -39.62 -18.79 -23.92
C PHE G 26 -38.25 -19.41 -23.61
N TYR G 27 -37.53 -18.76 -22.70
CA TYR G 27 -36.22 -19.24 -22.28
C TYR G 27 -36.33 -20.64 -21.72
N SER G 28 -37.39 -20.90 -20.94
CA SER G 28 -37.59 -22.22 -20.37
C SER G 28 -38.10 -23.24 -21.39
N TYR G 29 -38.85 -22.77 -22.37
CA TYR G 29 -39.54 -23.67 -23.31
C TYR G 29 -38.63 -24.19 -24.41
N LYS G 30 -37.75 -23.33 -24.91
CA LYS G 30 -36.96 -23.62 -26.10
C LYS G 30 -36.19 -24.94 -26.03
N LYS G 31 -35.90 -25.42 -24.83
CA LYS G 31 -35.17 -26.67 -24.67
C LYS G 31 -35.91 -27.72 -23.83
N SER G 32 -37.12 -27.40 -23.41
CA SER G 32 -37.88 -28.30 -22.54
C SER G 32 -38.11 -29.65 -23.18
N GLY G 33 -37.44 -30.67 -22.67
CA GLY G 33 -37.68 -32.05 -23.08
C GLY G 33 -37.00 -32.47 -24.36
N ILE G 34 -36.29 -31.53 -24.99
CA ILE G 34 -35.60 -31.84 -26.24
C ILE G 34 -34.34 -32.63 -25.98
N THR G 35 -33.74 -33.12 -27.05
CA THR G 35 -32.44 -33.77 -26.99
C THR G 35 -31.39 -32.76 -27.44
N GLU G 36 -30.26 -32.72 -26.75
CA GLU G 36 -29.18 -31.83 -27.18
C GLU G 36 -27.80 -32.43 -26.91
N VAL G 37 -26.79 -31.81 -27.52
CA VAL G 37 -25.44 -32.34 -27.50
C VAL G 37 -24.49 -31.42 -26.74
N CYS G 38 -23.71 -32.01 -25.83
CA CYS G 38 -22.70 -31.27 -25.09
C CYS G 38 -21.58 -30.83 -26.03
N ARG G 39 -21.50 -29.52 -26.27
CA ARG G 39 -20.58 -28.99 -27.26
C ARG G 39 -19.42 -28.22 -26.63
N GLU G 40 -19.32 -28.29 -25.31
CA GLU G 40 -18.34 -27.52 -24.56
C GLU G 40 -16.91 -27.79 -25.02
N GLU G 41 -16.49 -29.05 -24.90
CA GLU G 41 -15.14 -29.45 -25.22
C GLU G 41 -14.81 -29.18 -26.69
N ALA G 42 -15.79 -29.44 -27.56
CA ALA G 42 -15.61 -29.19 -28.98
C ALA G 42 -15.43 -27.70 -29.26
N ARG G 43 -16.20 -26.88 -28.54
CA ARG G 43 -16.06 -25.42 -28.64
C ARG G 43 -14.66 -24.98 -28.24
N ARG G 44 -14.21 -25.43 -27.06
CA ARG G 44 -12.90 -25.07 -26.57
C ARG G 44 -11.79 -25.49 -27.54
N ALA G 45 -11.86 -26.74 -28.00
CA ALA G 45 -10.87 -27.28 -28.91
C ALA G 45 -10.83 -26.49 -30.22
N LEU G 46 -12.00 -26.21 -30.77
CA LEU G 46 -12.08 -25.45 -32.01
C LEU G 46 -11.56 -24.03 -31.84
N LYS G 47 -11.81 -23.45 -30.67
CA LYS G 47 -11.32 -22.11 -30.38
C LYS G 47 -9.80 -22.12 -30.24
N ASP G 48 -9.26 -23.24 -29.77
CA ASP G 48 -7.81 -23.35 -29.58
C ASP G 48 -7.08 -23.60 -30.90
N GLY G 49 -7.83 -24.03 -31.92
CA GLY G 49 -7.26 -24.25 -33.24
C GLY G 49 -6.87 -25.69 -33.50
N VAL G 50 -7.49 -26.62 -32.80
CA VAL G 50 -7.20 -28.04 -32.95
C VAL G 50 -7.94 -28.63 -34.14
N ALA G 51 -7.21 -28.96 -35.20
CA ALA G 51 -7.81 -29.51 -36.40
C ALA G 51 -8.11 -31.00 -36.27
N THR G 52 -7.50 -31.63 -35.27
CA THR G 52 -7.72 -33.06 -35.02
C THR G 52 -8.64 -33.26 -33.82
N GLY G 53 -8.59 -34.46 -33.24
CA GLY G 53 -9.44 -34.78 -32.10
C GLY G 53 -10.70 -35.51 -32.51
N GLY G 54 -11.26 -35.11 -33.66
CA GLY G 54 -12.48 -35.72 -34.18
C GLY G 54 -13.72 -34.92 -33.84
N HIS G 55 -13.50 -33.66 -33.43
CA HIS G 55 -14.58 -32.76 -33.04
C HIS G 55 -15.46 -32.38 -34.24
N ALA G 56 -16.72 -32.07 -33.96
CA ALA G 56 -17.62 -31.58 -35.00
C ALA G 56 -17.67 -30.05 -34.96
N VAL G 57 -17.76 -29.44 -36.14
CA VAL G 57 -17.72 -27.98 -36.25
C VAL G 57 -19.04 -27.34 -35.85
N SER G 58 -20.12 -28.13 -35.92
CA SER G 58 -21.44 -27.65 -35.56
C SER G 58 -22.31 -28.79 -35.05
N ARG G 59 -23.49 -28.46 -34.55
CA ARG G 59 -24.41 -29.45 -34.04
C ARG G 59 -25.08 -30.22 -35.18
N GLY G 60 -25.00 -29.67 -36.38
CA GLY G 60 -25.58 -30.30 -37.56
C GLY G 60 -25.19 -31.76 -37.71
N SER G 61 -23.92 -32.08 -37.47
CA SER G 61 -23.42 -33.45 -37.56
C SER G 61 -24.22 -34.41 -36.69
N ALA G 62 -24.60 -33.94 -35.50
CA ALA G 62 -25.43 -34.72 -34.58
C ALA G 62 -26.80 -35.00 -35.19
N LYS G 63 -27.41 -33.97 -35.79
CA LYS G 63 -28.70 -34.12 -36.46
C LYS G 63 -28.63 -35.18 -37.56
N LEU G 64 -27.77 -34.95 -38.55
CA LEU G 64 -27.61 -35.85 -39.69
C LEU G 64 -27.37 -37.28 -39.20
N ARG G 65 -26.44 -37.42 -38.25
CA ARG G 65 -26.20 -38.70 -37.59
C ARG G 65 -27.53 -39.34 -37.19
N TRP G 66 -28.28 -38.66 -36.34
CA TRP G 66 -29.58 -39.14 -35.87
C TRP G 66 -30.46 -39.66 -37.00
N LEU G 67 -30.44 -38.97 -38.14
CA LEU G 67 -31.22 -39.40 -39.30
C LEU G 67 -30.60 -40.64 -39.96
N VAL G 68 -29.32 -40.56 -40.30
CA VAL G 68 -28.66 -41.66 -41.00
C VAL G 68 -28.72 -42.96 -40.18
N GLU G 69 -28.50 -42.86 -38.87
CA GLU G 69 -28.53 -44.04 -38.01
C GLU G 69 -29.96 -44.53 -37.75
N ARG G 70 -30.91 -44.12 -38.59
CA ARG G 70 -32.27 -44.61 -38.48
C ARG G 70 -32.88 -44.93 -39.85
N GLY G 71 -32.04 -44.84 -40.89
CA GLY G 71 -32.43 -45.29 -42.21
C GLY G 71 -33.31 -44.31 -42.95
N TYR G 72 -33.39 -43.10 -42.43
CA TYR G 72 -34.18 -42.04 -43.05
C TYR G 72 -33.51 -41.55 -44.33
N LEU G 73 -32.22 -41.84 -44.46
CA LEU G 73 -31.47 -41.61 -45.70
C LEU G 73 -30.14 -42.34 -45.62
N GLN G 74 -29.61 -42.73 -46.76
CA GLN G 74 -28.34 -43.45 -46.81
C GLN G 74 -27.39 -42.79 -47.79
N PRO G 75 -26.51 -41.91 -47.27
CA PRO G 75 -25.59 -41.11 -48.07
C PRO G 75 -24.60 -41.96 -48.88
N TYR G 76 -24.58 -41.75 -50.19
CA TYR G 76 -23.70 -42.50 -51.09
C TYR G 76 -23.22 -41.62 -52.24
N GLY G 77 -21.98 -41.84 -52.68
CA GLY G 77 -21.43 -41.17 -53.84
C GLY G 77 -21.22 -39.66 -53.69
N LYS G 78 -21.51 -38.93 -54.77
CA LYS G 78 -21.34 -37.48 -54.79
C LYS G 78 -22.38 -36.81 -53.90
N VAL G 79 -21.90 -35.96 -53.00
CA VAL G 79 -22.78 -35.30 -52.05
C VAL G 79 -22.74 -33.78 -52.20
N ILE G 80 -23.91 -33.16 -52.16
CA ILE G 80 -24.02 -31.70 -52.20
C ILE G 80 -24.61 -31.16 -50.89
N ASP G 81 -23.90 -30.25 -50.26
CA ASP G 81 -24.39 -29.62 -49.04
C ASP G 81 -24.78 -28.16 -49.32
N LEU G 82 -26.07 -27.91 -49.48
CA LEU G 82 -26.58 -26.56 -49.71
C LEU G 82 -26.77 -25.83 -48.39
N GLY G 83 -26.11 -24.67 -48.26
CA GLY G 83 -26.14 -23.92 -47.02
C GLY G 83 -25.33 -24.64 -45.95
N CYS G 84 -24.15 -25.10 -46.32
CA CYS G 84 -23.35 -25.96 -45.45
C CYS G 84 -22.86 -25.23 -44.21
N GLY G 85 -22.84 -23.90 -44.26
CA GLY G 85 -22.38 -23.10 -43.13
C GLY G 85 -20.99 -23.50 -42.69
N ARG G 86 -20.86 -23.88 -41.43
CA ARG G 86 -19.58 -24.34 -40.89
C ARG G 86 -19.19 -25.70 -41.47
N GLY G 87 -20.18 -26.49 -41.86
CA GLY G 87 -19.94 -27.69 -42.64
C GLY G 87 -20.10 -29.03 -41.93
N GLY G 88 -20.78 -29.04 -40.79
CA GLY G 88 -20.99 -30.26 -40.02
C GLY G 88 -21.56 -31.42 -40.82
N TRP G 89 -22.63 -31.14 -41.55
CA TRP G 89 -23.26 -32.14 -42.41
C TRP G 89 -22.25 -32.71 -43.41
N SER G 90 -21.47 -31.82 -44.00
CA SER G 90 -20.49 -32.19 -45.00
C SER G 90 -19.47 -33.19 -44.44
N TYR G 91 -18.85 -32.82 -43.32
CA TYR G 91 -17.87 -33.67 -42.69
C TYR G 91 -18.46 -35.03 -42.29
N TYR G 92 -19.59 -35.00 -41.58
CA TYR G 92 -20.21 -36.26 -41.15
C TYR G 92 -20.52 -37.15 -42.35
N ALA G 93 -20.93 -36.54 -43.45
CA ALA G 93 -21.19 -37.29 -44.68
C ALA G 93 -19.89 -37.89 -45.21
N ALA G 94 -18.80 -37.13 -45.10
CA ALA G 94 -17.49 -37.58 -45.57
C ALA G 94 -17.00 -38.77 -44.76
N THR G 95 -17.48 -38.90 -43.52
CA THR G 95 -17.07 -40.05 -42.70
C THR G 95 -17.81 -41.34 -43.06
N ILE G 96 -18.59 -41.32 -44.13
CA ILE G 96 -19.39 -42.49 -44.52
C ILE G 96 -18.77 -43.22 -45.71
N ARG G 97 -18.80 -44.55 -45.65
CA ARG G 97 -18.20 -45.40 -46.67
C ARG G 97 -18.73 -45.15 -48.08
N LYS G 98 -20.03 -45.31 -48.28
CA LYS G 98 -20.63 -45.19 -49.60
C LYS G 98 -20.45 -43.80 -50.19
N VAL G 99 -20.22 -42.82 -49.31
CA VAL G 99 -19.97 -41.45 -49.74
C VAL G 99 -18.62 -41.33 -50.40
N GLN G 100 -18.59 -40.76 -51.61
CA GLN G 100 -17.35 -40.65 -52.37
C GLN G 100 -16.83 -39.21 -52.38
N GLU G 101 -17.71 -38.26 -52.67
CA GLU G 101 -17.31 -36.87 -52.76
C GLU G 101 -18.34 -35.94 -52.13
N VAL G 102 -17.87 -34.95 -51.39
CA VAL G 102 -18.75 -33.98 -50.75
C VAL G 102 -18.43 -32.55 -51.17
N LYS G 103 -19.41 -31.88 -51.78
CA LYS G 103 -19.28 -30.49 -52.17
C LYS G 103 -20.27 -29.62 -51.39
N GLY G 104 -19.75 -28.77 -50.51
CA GLY G 104 -20.59 -27.89 -49.71
C GLY G 104 -20.55 -26.45 -50.19
N TYR G 105 -21.68 -25.76 -50.06
CA TYR G 105 -21.78 -24.35 -50.43
C TYR G 105 -22.55 -23.55 -49.39
N THR G 106 -22.08 -22.34 -49.11
CA THR G 106 -22.76 -21.47 -48.17
C THR G 106 -22.63 -20.00 -48.60
N LYS G 107 -23.44 -19.15 -48.00
CA LYS G 107 -23.49 -17.74 -48.36
C LYS G 107 -22.32 -16.98 -47.74
N GLY G 108 -22.12 -17.16 -46.44
CA GLY G 108 -21.03 -16.51 -45.73
C GLY G 108 -21.21 -15.01 -45.63
N GLY G 109 -20.13 -14.32 -45.30
CA GLY G 109 -20.18 -12.88 -45.09
C GLY G 109 -20.63 -12.54 -43.68
N PRO G 110 -20.95 -11.27 -43.43
CA PRO G 110 -21.46 -10.87 -42.11
C PRO G 110 -22.80 -11.54 -41.81
N GLY G 111 -22.96 -12.03 -40.59
CA GLY G 111 -24.20 -12.65 -40.17
C GLY G 111 -24.29 -14.12 -40.52
N HIS G 112 -23.74 -14.49 -41.66
CA HIS G 112 -23.81 -15.87 -42.11
C HIS G 112 -22.53 -16.62 -41.76
N GLU G 113 -22.67 -17.91 -41.50
CA GLU G 113 -21.55 -18.74 -41.08
C GLU G 113 -20.55 -18.94 -42.21
N GLU G 114 -19.27 -18.87 -41.85
CA GLU G 114 -18.21 -19.23 -42.77
C GLU G 114 -17.75 -20.64 -42.45
N PRO G 115 -17.36 -21.40 -43.49
CA PRO G 115 -16.87 -22.76 -43.29
C PRO G 115 -15.72 -22.82 -42.29
N VAL G 116 -15.58 -23.97 -41.63
CA VAL G 116 -14.50 -24.18 -40.69
C VAL G 116 -13.59 -25.30 -41.19
N LEU G 117 -12.27 -25.06 -41.12
CA LEU G 117 -11.28 -26.02 -41.62
C LEU G 117 -10.81 -26.98 -40.53
N VAL G 118 -11.31 -28.22 -40.60
CA VAL G 118 -10.99 -29.26 -39.63
C VAL G 118 -10.58 -30.54 -40.35
N GLN G 119 -9.52 -31.19 -39.87
CA GLN G 119 -9.06 -32.41 -40.52
C GLN G 119 -9.66 -33.65 -39.86
N SER G 120 -10.97 -33.82 -39.99
CA SER G 120 -11.65 -35.01 -39.51
C SER G 120 -11.60 -36.10 -40.57
N TYR G 121 -12.05 -37.30 -40.23
CA TYR G 121 -11.88 -38.43 -41.13
C TYR G 121 -12.64 -38.24 -42.45
N GLY G 122 -11.89 -38.27 -43.56
CA GLY G 122 -12.46 -38.09 -44.89
C GLY G 122 -12.50 -36.62 -45.29
N TRP G 123 -11.74 -35.79 -44.58
CA TRP G 123 -11.76 -34.35 -44.84
C TRP G 123 -11.27 -33.98 -46.22
N ASN G 124 -10.45 -34.83 -46.84
CA ASN G 124 -9.88 -34.53 -48.14
C ASN G 124 -10.90 -34.57 -49.26
N ILE G 125 -11.99 -35.31 -49.04
CA ILE G 125 -13.03 -35.43 -50.05
C ILE G 125 -14.09 -34.35 -49.84
N VAL G 126 -13.95 -33.59 -48.76
CA VAL G 126 -14.79 -32.43 -48.52
C VAL G 126 -14.29 -31.22 -49.33
N ARG G 127 -15.23 -30.40 -49.79
CA ARG G 127 -14.89 -29.18 -50.50
C ARG G 127 -15.91 -28.09 -50.19
N LEU G 128 -15.59 -27.24 -49.21
CA LEU G 128 -16.50 -26.19 -48.78
C LEU G 128 -16.22 -24.88 -49.49
N LYS G 129 -17.26 -24.30 -50.08
CA LYS G 129 -17.12 -23.08 -50.87
C LYS G 129 -18.05 -21.99 -50.34
N SER G 130 -17.47 -20.91 -49.86
CA SER G 130 -18.23 -19.80 -49.29
C SER G 130 -18.46 -18.69 -50.30
N GLY G 131 -19.27 -17.72 -49.92
CA GLY G 131 -19.61 -16.62 -50.81
C GLY G 131 -20.45 -17.08 -51.99
N VAL G 132 -21.35 -18.02 -51.73
CA VAL G 132 -22.17 -18.59 -52.80
C VAL G 132 -23.65 -18.60 -52.43
N ASP G 133 -24.45 -17.88 -53.20
CA ASP G 133 -25.89 -17.93 -53.05
C ASP G 133 -26.44 -19.07 -53.91
N VAL G 134 -27.00 -20.08 -53.27
CA VAL G 134 -27.51 -21.24 -54.00
C VAL G 134 -28.76 -20.88 -54.80
N PHE G 135 -29.46 -19.84 -54.36
CA PHE G 135 -30.67 -19.41 -55.05
C PHE G 135 -30.36 -18.83 -56.42
N HIS G 136 -29.10 -18.49 -56.64
CA HIS G 136 -28.65 -18.03 -57.94
C HIS G 136 -27.58 -18.98 -58.47
N MET G 137 -27.73 -20.25 -58.13
CA MET G 137 -26.76 -21.26 -58.52
C MET G 137 -27.38 -22.31 -59.44
N ALA G 138 -26.67 -22.65 -60.50
CA ALA G 138 -27.14 -23.70 -61.40
C ALA G 138 -26.97 -25.07 -60.73
N ALA G 139 -28.00 -25.89 -60.84
CA ALA G 139 -27.97 -27.22 -60.25
C ALA G 139 -27.01 -28.13 -61.01
N GLU G 140 -26.38 -29.05 -60.29
CA GLU G 140 -25.51 -30.04 -60.92
C GLU G 140 -25.84 -31.42 -60.39
N PRO G 141 -25.77 -32.44 -61.28
CA PRO G 141 -26.12 -33.82 -60.94
C PRO G 141 -25.36 -34.35 -59.72
N CYS G 142 -26.06 -35.01 -58.84
CA CYS G 142 -25.48 -35.56 -57.63
C CYS G 142 -26.20 -36.84 -57.20
N ASP G 143 -25.62 -37.55 -56.25
CA ASP G 143 -26.23 -38.76 -55.70
C ASP G 143 -26.93 -38.47 -54.38
N THR G 144 -26.43 -37.48 -53.65
CA THR G 144 -27.00 -37.10 -52.36
C THR G 144 -27.22 -35.61 -52.27
N LEU G 145 -28.48 -35.22 -52.09
CA LEU G 145 -28.84 -33.80 -52.01
C LEU G 145 -29.21 -33.40 -50.58
N LEU G 146 -28.28 -32.71 -49.92
CA LEU G 146 -28.52 -32.17 -48.59
C LEU G 146 -28.76 -30.67 -48.67
N CYS G 147 -29.72 -30.19 -47.89
CA CYS G 147 -29.99 -28.76 -47.81
C CYS G 147 -30.53 -28.41 -46.43
N ASP G 148 -29.96 -27.38 -45.81
CA ASP G 148 -30.33 -27.03 -44.45
C ASP G 148 -30.63 -25.54 -44.30
N ILE G 149 -31.25 -24.96 -45.33
CA ILE G 149 -31.55 -23.53 -45.35
C ILE G 149 -32.94 -23.24 -44.84
N GLY G 150 -33.05 -22.30 -43.90
CA GLY G 150 -34.32 -21.94 -43.31
C GLY G 150 -34.15 -21.15 -42.03
N GLU G 151 -34.20 -19.82 -42.15
CA GLU G 151 -34.01 -18.95 -41.01
C GLU G 151 -35.34 -18.64 -40.33
N SER G 152 -35.39 -18.85 -39.02
CA SER G 152 -36.63 -18.68 -38.27
C SER G 152 -37.08 -17.23 -38.22
N SER G 153 -38.40 -17.03 -38.18
CA SER G 153 -38.97 -15.71 -38.00
C SER G 153 -40.15 -15.78 -37.05
N SER G 154 -40.55 -14.63 -36.54
CA SER G 154 -41.72 -14.53 -35.67
C SER G 154 -42.99 -14.56 -36.50
N SER G 155 -42.85 -14.24 -37.78
CA SER G 155 -43.97 -14.23 -38.71
C SER G 155 -44.10 -15.55 -39.45
N PRO G 156 -45.23 -16.24 -39.26
CA PRO G 156 -45.51 -17.50 -39.95
C PRO G 156 -45.52 -17.33 -41.46
N GLU G 157 -46.04 -16.19 -41.92
CA GLU G 157 -46.03 -15.84 -43.33
C GLU G 157 -44.61 -15.83 -43.89
N VAL G 158 -43.70 -15.23 -43.13
CA VAL G 158 -42.30 -15.13 -43.54
C VAL G 158 -41.65 -16.51 -43.64
N GLU G 159 -41.85 -17.31 -42.60
CA GLU G 159 -41.34 -18.67 -42.58
C GLU G 159 -41.88 -19.49 -43.75
N GLU G 160 -43.18 -19.34 -44.02
CA GLU G 160 -43.82 -20.01 -45.15
C GLU G 160 -43.18 -19.58 -46.46
N ALA G 161 -42.98 -18.28 -46.62
CA ALA G 161 -42.42 -17.72 -47.85
C ALA G 161 -41.01 -18.24 -48.11
N ARG G 162 -40.18 -18.16 -47.08
CA ARG G 162 -38.83 -18.69 -47.13
C ARG G 162 -38.84 -20.16 -47.51
N THR G 163 -39.62 -20.95 -46.77
CA THR G 163 -39.71 -22.39 -47.01
C THR G 163 -40.08 -22.68 -48.46
N LEU G 164 -41.10 -21.98 -48.97
CA LEU G 164 -41.53 -22.15 -50.35
C LEU G 164 -40.41 -21.88 -51.34
N ARG G 165 -39.73 -20.76 -51.17
CA ARG G 165 -38.60 -20.40 -52.03
C ARG G 165 -37.54 -21.51 -52.03
N VAL G 166 -37.23 -22.01 -50.83
CA VAL G 166 -36.29 -23.11 -50.68
C VAL G 166 -36.75 -24.33 -51.45
N LEU G 167 -38.03 -24.67 -51.32
CA LEU G 167 -38.58 -25.85 -51.98
C LEU G 167 -38.53 -25.74 -53.50
N SER G 168 -38.74 -24.54 -54.03
CA SER G 168 -38.54 -24.31 -55.47
C SER G 168 -37.09 -24.59 -55.84
N MET G 169 -36.19 -23.92 -55.12
CA MET G 169 -34.76 -24.01 -55.36
C MET G 169 -34.26 -25.46 -55.35
N VAL G 170 -34.68 -26.25 -54.37
CA VAL G 170 -34.26 -27.64 -54.27
C VAL G 170 -35.06 -28.54 -55.20
N GLY G 171 -36.18 -28.03 -55.70
CA GLY G 171 -36.97 -28.75 -56.69
C GLY G 171 -36.15 -28.79 -57.97
N ASP G 172 -35.48 -27.67 -58.25
CA ASP G 172 -34.54 -27.63 -59.37
C ASP G 172 -33.48 -28.73 -59.27
N TRP G 173 -32.96 -28.95 -58.07
CA TRP G 173 -31.92 -29.95 -57.84
C TRP G 173 -32.46 -31.36 -57.92
N LEU G 174 -33.64 -31.57 -57.33
CA LEU G 174 -34.28 -32.88 -57.33
C LEU G 174 -34.68 -33.30 -58.74
N GLU G 175 -34.83 -32.32 -59.62
CA GLU G 175 -35.17 -32.61 -61.01
C GLU G 175 -34.08 -33.41 -61.73
N LYS G 176 -32.87 -33.37 -61.20
CA LYS G 176 -31.77 -34.19 -61.73
C LYS G 176 -31.76 -35.56 -61.06
N ARG G 177 -32.73 -35.75 -60.18
CA ARG G 177 -33.10 -37.07 -59.67
C ARG G 177 -32.01 -37.80 -58.89
N PRO G 178 -31.80 -37.39 -57.62
CA PRO G 178 -31.25 -38.30 -56.61
C PRO G 178 -32.40 -39.21 -56.17
N GLY G 179 -32.17 -40.32 -55.49
CA GLY G 179 -30.89 -40.70 -54.92
C GLY G 179 -31.12 -40.77 -53.43
N ALA G 180 -30.24 -40.14 -52.66
CA ALA G 180 -30.50 -39.88 -51.25
C ALA G 180 -30.68 -38.37 -51.10
N PHE G 181 -31.55 -37.94 -50.20
CA PHE G 181 -31.69 -36.50 -49.96
C PHE G 181 -32.26 -36.18 -48.58
N CYS G 182 -31.86 -35.02 -48.07
CA CYS G 182 -32.33 -34.52 -46.79
C CYS G 182 -32.50 -33.01 -46.86
N ILE G 183 -33.75 -32.55 -46.86
CA ILE G 183 -34.06 -31.15 -47.09
C ILE G 183 -34.77 -30.54 -45.88
N LYS G 184 -34.26 -29.40 -45.41
CA LYS G 184 -34.86 -28.73 -44.26
C LYS G 184 -36.14 -28.03 -44.64
N VAL G 185 -37.21 -28.35 -43.93
CA VAL G 185 -38.50 -27.67 -44.11
C VAL G 185 -38.84 -26.90 -42.84
N LEU G 186 -38.57 -25.59 -42.87
CA LEU G 186 -38.72 -24.74 -41.70
C LEU G 186 -40.17 -24.64 -41.23
N CYS G 187 -41.08 -24.37 -42.15
CA CYS G 187 -42.48 -24.18 -41.80
C CYS G 187 -43.37 -25.12 -42.59
N PRO G 188 -43.71 -26.28 -42.01
CA PRO G 188 -44.58 -27.26 -42.64
C PRO G 188 -46.00 -27.26 -42.07
N TYR G 189 -46.34 -26.26 -41.27
CA TYR G 189 -47.58 -26.29 -40.51
C TYR G 189 -48.71 -25.41 -41.05
N THR G 190 -48.54 -24.83 -42.23
CA THR G 190 -49.64 -24.10 -42.85
C THR G 190 -50.28 -24.98 -43.92
N SER G 191 -51.51 -24.62 -44.32
CA SER G 191 -52.27 -25.42 -45.26
C SER G 191 -51.54 -25.60 -46.59
N THR G 192 -51.18 -24.47 -47.21
CA THR G 192 -50.48 -24.48 -48.49
C THR G 192 -49.17 -25.26 -48.43
N MET G 193 -48.56 -25.26 -47.26
CA MET G 193 -47.32 -26.00 -47.04
C MET G 193 -47.56 -27.50 -47.07
N MET G 194 -48.55 -27.97 -46.33
CA MET G 194 -48.91 -29.39 -46.33
C MET G 194 -49.34 -29.85 -47.71
N GLU G 195 -50.03 -28.96 -48.43
CA GLU G 195 -50.50 -29.24 -49.77
C GLU G 195 -49.32 -29.42 -50.74
N THR G 196 -48.44 -28.43 -50.78
CA THR G 196 -47.28 -28.49 -51.67
C THR G 196 -46.31 -29.60 -51.26
N LEU G 197 -46.34 -29.98 -50.00
CA LEU G 197 -45.49 -31.07 -49.52
C LEU G 197 -46.07 -32.43 -49.90
N GLU G 198 -47.39 -32.53 -49.90
CA GLU G 198 -48.04 -33.74 -50.39
C GLU G 198 -47.74 -33.88 -51.87
N ARG G 199 -47.80 -32.75 -52.55
CA ARG G 199 -47.47 -32.70 -53.98
C ARG G 199 -46.03 -33.14 -54.28
N LEU G 200 -45.09 -32.60 -53.51
CA LEU G 200 -43.69 -32.92 -53.70
C LEU G 200 -43.37 -34.34 -53.28
N GLN G 201 -44.19 -34.88 -52.38
CA GLN G 201 -43.99 -36.24 -51.90
C GLN G 201 -44.62 -37.21 -52.88
N ARG G 202 -45.46 -36.68 -53.76
CA ARG G 202 -46.02 -37.56 -54.78
C ARG G 202 -45.17 -37.47 -56.05
N ARG G 203 -44.56 -36.32 -56.28
CA ARG G 203 -43.64 -36.16 -57.41
C ARG G 203 -42.31 -36.84 -57.13
N TYR G 204 -41.70 -36.52 -56.00
CA TYR G 204 -40.50 -37.23 -55.55
C TYR G 204 -40.85 -38.10 -54.35
N GLY G 205 -39.94 -39.00 -53.98
CA GLY G 205 -40.21 -39.88 -52.86
C GLY G 205 -40.12 -39.18 -51.52
N GLY G 206 -39.77 -39.91 -50.49
CA GLY G 206 -39.44 -39.32 -49.21
C GLY G 206 -40.58 -39.08 -48.24
N GLY G 207 -40.27 -38.40 -47.15
CA GLY G 207 -41.25 -38.09 -46.11
C GLY G 207 -40.68 -37.13 -45.08
N LEU G 208 -41.56 -36.62 -44.22
CA LEU G 208 -41.15 -35.66 -43.21
C LEU G 208 -40.81 -36.31 -41.88
N VAL G 209 -39.70 -35.88 -41.28
CA VAL G 209 -39.25 -36.43 -40.01
C VAL G 209 -38.82 -35.34 -39.04
N ARG G 210 -39.45 -35.32 -37.88
CA ARG G 210 -39.02 -34.41 -36.82
C ARG G 210 -37.82 -35.00 -36.10
N VAL G 211 -36.73 -34.23 -36.03
CA VAL G 211 -35.56 -34.62 -35.25
C VAL G 211 -35.67 -34.01 -33.87
N PRO G 212 -35.65 -34.85 -32.82
CA PRO G 212 -35.77 -34.39 -31.44
C PRO G 212 -34.65 -33.44 -31.00
N LEU G 213 -33.58 -33.35 -31.79
CA LEU G 213 -32.50 -32.43 -31.50
C LEU G 213 -32.92 -30.98 -31.75
N SER G 214 -33.92 -30.81 -32.63
CA SER G 214 -34.45 -29.48 -32.91
C SER G 214 -35.07 -28.90 -31.64
N ARG G 215 -35.00 -27.58 -31.50
CA ARG G 215 -35.52 -26.95 -30.31
C ARG G 215 -37.02 -26.77 -30.40
N ASN G 216 -37.65 -26.47 -29.26
CA ASN G 216 -39.08 -26.27 -29.21
C ASN G 216 -39.50 -24.98 -29.89
N SER G 217 -38.55 -24.06 -29.99
CA SER G 217 -38.80 -22.74 -30.55
C SER G 217 -38.97 -22.79 -32.07
N THR G 218 -38.69 -23.95 -32.68
CA THR G 218 -38.83 -24.11 -34.12
C THR G 218 -39.73 -25.29 -34.47
N HIS G 219 -40.35 -25.23 -35.64
CA HIS G 219 -41.25 -26.29 -36.10
C HIS G 219 -40.63 -27.02 -37.29
N GLU G 220 -39.32 -26.86 -37.46
CA GLU G 220 -38.61 -27.45 -38.58
C GLU G 220 -38.73 -28.96 -38.60
N MET G 221 -38.96 -29.50 -39.79
CA MET G 221 -38.94 -30.95 -39.98
C MET G 221 -38.06 -31.24 -41.18
N TYR G 222 -37.70 -32.50 -41.37
CA TYR G 222 -36.75 -32.81 -42.43
C TYR G 222 -37.30 -33.81 -43.44
N TRP G 223 -37.38 -33.34 -44.68
CA TRP G 223 -37.83 -34.15 -45.80
C TRP G 223 -36.70 -35.05 -46.28
N VAL G 224 -36.74 -36.31 -45.88
CA VAL G 224 -35.68 -37.25 -46.22
C VAL G 224 -36.19 -38.39 -47.07
N SER G 225 -35.29 -39.00 -47.84
CA SER G 225 -35.65 -40.00 -48.84
C SER G 225 -36.10 -41.34 -48.26
N GLY G 226 -35.36 -41.86 -47.28
CA GLY G 226 -35.61 -43.18 -46.74
C GLY G 226 -36.87 -43.28 -45.91
N ALA G 227 -37.43 -42.12 -45.59
CA ALA G 227 -38.67 -42.09 -44.82
C ALA G 227 -39.89 -42.05 -45.71
N LYS G 228 -40.92 -42.74 -45.25
CA LYS G 228 -42.20 -42.69 -45.91
C LYS G 228 -43.26 -42.43 -44.87
N SER G 229 -44.07 -41.40 -45.10
CA SER G 229 -45.02 -40.99 -44.11
C SER G 229 -46.09 -40.11 -44.70
N ASN G 230 -47.21 -40.05 -44.00
CA ASN G 230 -48.27 -39.11 -44.34
C ASN G 230 -47.91 -37.74 -43.79
N THR G 231 -47.83 -36.75 -44.67
CA THR G 231 -47.41 -35.41 -44.31
C THR G 231 -48.24 -34.82 -43.18
N ILE G 232 -49.55 -34.77 -43.41
CA ILE G 232 -50.49 -34.20 -42.45
C ILE G 232 -50.38 -34.85 -41.06
N LYS G 233 -50.18 -36.17 -41.05
CA LYS G 233 -50.08 -36.92 -39.81
C LYS G 233 -48.82 -36.56 -39.02
N SER G 234 -47.67 -36.59 -39.68
CA SER G 234 -46.41 -36.28 -39.02
C SER G 234 -46.36 -34.83 -38.56
N VAL G 235 -46.76 -33.92 -39.44
CA VAL G 235 -46.80 -32.50 -39.11
C VAL G 235 -47.71 -32.23 -37.92
N SER G 236 -48.91 -32.81 -37.95
CA SER G 236 -49.87 -32.57 -36.87
C SER G 236 -49.44 -33.20 -35.55
N THR G 237 -48.75 -34.34 -35.60
CA THR G 237 -48.26 -34.95 -34.37
C THR G 237 -47.13 -34.14 -33.77
N THR G 238 -46.27 -33.60 -34.64
CA THR G 238 -45.20 -32.71 -34.19
C THR G 238 -45.81 -31.48 -33.54
N SER G 239 -46.82 -30.91 -34.20
CA SER G 239 -47.57 -29.78 -33.66
C SER G 239 -48.13 -30.12 -32.28
N GLN G 240 -48.67 -31.33 -32.15
CA GLN G 240 -49.21 -31.82 -30.89
C GLN G 240 -48.16 -31.81 -29.80
N LEU G 241 -46.98 -32.35 -30.12
CA LEU G 241 -45.89 -32.43 -29.16
C LEU G 241 -45.45 -31.04 -28.69
N LEU G 242 -45.17 -30.17 -29.65
CA LEU G 242 -44.71 -28.82 -29.35
C LEU G 242 -45.73 -28.06 -28.51
N LEU G 243 -47.01 -28.24 -28.84
CA LEU G 243 -48.08 -27.65 -28.04
C LEU G 243 -48.07 -28.21 -26.63
N GLY G 244 -47.84 -29.52 -26.52
CA GLY G 244 -47.86 -30.23 -25.25
C GLY G 244 -46.73 -29.83 -24.32
N ARG G 245 -45.61 -29.41 -24.89
CA ARG G 245 -44.49 -28.97 -24.07
C ARG G 245 -44.66 -27.51 -23.64
N MET G 246 -45.87 -26.97 -23.82
CA MET G 246 -46.15 -25.59 -23.45
C MET G 246 -47.08 -25.49 -22.24
N ASP G 247 -47.43 -26.62 -21.65
CA ASP G 247 -48.42 -26.62 -20.58
C ASP G 247 -47.92 -27.24 -19.28
N GLY G 248 -47.23 -28.37 -19.38
CA GLY G 248 -46.71 -29.03 -18.20
C GLY G 248 -45.51 -28.31 -17.61
N PRO G 249 -44.85 -28.95 -16.62
CA PRO G 249 -43.60 -28.44 -16.07
C PRO G 249 -42.46 -28.62 -17.05
N ARG G 250 -41.30 -28.01 -16.77
CA ARG G 250 -40.16 -28.14 -17.66
C ARG G 250 -39.62 -29.56 -17.66
N ARG G 251 -39.77 -30.25 -18.78
CA ARG G 251 -39.21 -31.57 -18.94
C ARG G 251 -37.70 -31.45 -19.11
N PRO G 252 -36.94 -32.32 -18.42
CA PRO G 252 -35.48 -32.26 -18.47
C PRO G 252 -34.91 -32.60 -19.84
N VAL G 253 -33.73 -32.07 -20.16
CA VAL G 253 -33.08 -32.34 -21.44
C VAL G 253 -32.29 -33.64 -21.40
N LYS G 254 -32.44 -34.43 -22.46
CA LYS G 254 -31.69 -35.67 -22.62
C LYS G 254 -30.34 -35.39 -23.26
N TYR G 255 -29.31 -35.18 -22.43
CA TYR G 255 -27.98 -34.83 -22.94
C TYR G 255 -27.30 -35.99 -23.61
N GLU G 256 -27.26 -35.95 -24.94
CA GLU G 256 -26.59 -36.96 -25.74
C GLU G 256 -25.11 -36.61 -25.87
N GLU G 257 -24.32 -37.60 -26.28
CA GLU G 257 -22.89 -37.37 -26.52
C GLU G 257 -22.67 -36.64 -27.84
N ASP G 258 -21.59 -35.88 -27.93
CA ASP G 258 -21.23 -35.23 -29.18
C ASP G 258 -20.61 -36.25 -30.13
N VAL G 259 -20.91 -36.13 -31.42
CA VAL G 259 -20.41 -37.08 -32.39
C VAL G 259 -18.92 -36.88 -32.65
N ASN G 260 -18.18 -37.98 -32.68
CA ASN G 260 -16.76 -37.93 -33.03
C ASN G 260 -16.54 -38.42 -34.46
N LEU G 261 -15.98 -37.55 -35.30
CA LEU G 261 -15.80 -37.88 -36.70
C LEU G 261 -14.39 -38.41 -37.00
N GLY G 262 -13.63 -38.65 -35.93
CA GLY G 262 -12.28 -39.16 -36.06
C GLY G 262 -11.39 -38.26 -36.89
N SER G 263 -10.29 -38.81 -37.39
CA SER G 263 -9.36 -38.06 -38.23
C SER G 263 -8.72 -38.96 -39.27
N GLY G 264 -8.04 -38.36 -40.24
CA GLY G 264 -7.38 -39.09 -41.30
C GLY G 264 -8.00 -38.81 -42.64
N THR G 265 -7.39 -39.37 -43.69
CA THR G 265 -7.90 -39.19 -45.04
C THR G 265 -8.52 -40.47 -45.58
N ARG G 266 -9.04 -40.42 -46.80
CA ARG G 266 -9.65 -41.59 -47.42
C ARG G 266 -9.12 -41.81 -48.82
N GLU H 8 -0.64 34.60 40.51
CA GLU H 8 0.61 34.80 41.23
C GLU H 8 1.19 33.46 41.67
N THR H 9 2.43 33.18 41.26
CA THR H 9 3.08 31.94 41.65
C THR H 9 3.57 32.01 43.09
N LEU H 10 4.11 30.89 43.58
CA LEU H 10 4.64 30.84 44.94
C LEU H 10 5.93 31.63 45.07
N GLY H 11 6.75 31.58 44.03
CA GLY H 11 8.02 32.29 44.00
C GLY H 11 7.87 33.79 44.01
N GLU H 12 6.81 34.26 43.36
CA GLU H 12 6.48 35.68 43.35
C GLU H 12 6.13 36.14 44.77
N LYS H 13 5.35 35.31 45.47
CA LYS H 13 5.02 35.61 46.86
C LYS H 13 6.26 35.62 47.73
N TRP H 14 7.17 34.69 47.44
CA TRP H 14 8.47 34.66 48.09
C TRP H 14 9.20 35.97 47.87
N LYS H 15 9.11 36.50 46.66
CA LYS H 15 9.82 37.73 46.34
C LYS H 15 9.22 38.91 47.08
N ALA H 16 7.89 39.03 47.04
CA ALA H 16 7.20 40.12 47.72
C ALA H 16 7.47 40.07 49.23
N ARG H 17 7.43 38.87 49.79
CA ARG H 17 7.70 38.68 51.20
C ARG H 17 9.14 39.08 51.52
N LEU H 18 10.04 38.72 50.61
CA LEU H 18 11.46 39.05 50.75
C LEU H 18 11.67 40.57 50.80
N ASN H 19 10.95 41.29 49.93
CA ASN H 19 11.03 42.74 49.90
C ASN H 19 10.30 43.36 51.09
N GLN H 20 9.44 42.57 51.74
CA GLN H 20 8.68 43.05 52.89
C GLN H 20 9.46 42.96 54.19
N MET H 21 10.41 42.04 54.26
CA MET H 21 11.17 41.83 55.49
C MET H 21 12.04 43.04 55.81
N SER H 22 12.38 43.21 57.09
CA SER H 22 13.32 44.25 57.49
C SER H 22 14.72 43.76 57.20
N ALA H 23 15.69 44.67 57.28
CA ALA H 23 17.07 44.31 57.02
C ALA H 23 17.57 43.25 58.01
N LEU H 24 17.04 43.28 59.22
CA LEU H 24 17.38 42.26 60.22
C LEU H 24 16.93 40.87 59.77
N GLU H 25 15.62 40.74 59.55
CA GLU H 25 15.01 39.49 59.10
C GLU H 25 15.72 38.97 57.85
N PHE H 26 16.10 39.89 56.96
CA PHE H 26 16.81 39.54 55.75
C PHE H 26 18.19 38.97 56.05
N TYR H 27 18.95 39.69 56.87
CA TYR H 27 20.30 39.28 57.27
C TYR H 27 20.29 37.86 57.83
N SER H 28 19.30 37.55 58.66
CA SER H 28 19.22 36.21 59.25
C SER H 28 18.67 35.16 58.27
N TYR H 29 17.86 35.59 57.32
CA TYR H 29 17.18 34.67 56.42
C TYR H 29 18.08 34.16 55.30
N LYS H 30 18.88 35.07 54.73
CA LYS H 30 19.67 34.79 53.53
C LYS H 30 20.48 33.50 53.62
N LYS H 31 20.86 33.09 54.83
CA LYS H 31 21.66 31.88 55.01
C LYS H 31 20.97 30.83 55.89
N SER H 32 19.73 31.08 56.27
CA SER H 32 19.02 30.17 57.16
C SER H 32 18.85 28.78 56.54
N GLY H 33 19.59 27.82 57.07
CA GLY H 33 19.43 26.43 56.68
C GLY H 33 20.24 26.00 55.46
N ILE H 34 20.77 26.97 54.72
CA ILE H 34 21.52 26.68 53.50
C ILE H 34 22.84 25.97 53.79
N THR H 35 23.47 25.48 52.73
CA THR H 35 24.78 24.87 52.82
C THR H 35 25.81 25.88 52.35
N GLU H 36 26.88 26.07 53.11
CA GLU H 36 27.93 26.99 52.67
C GLU H 36 29.33 26.45 52.96
N VAL H 37 30.32 27.10 52.35
CA VAL H 37 31.69 26.62 52.35
C VAL H 37 32.62 27.57 53.10
N CYS H 38 33.43 27.02 54.00
CA CYS H 38 34.42 27.81 54.74
C CYS H 38 35.50 28.29 53.79
N ARG H 39 35.54 29.59 53.54
CA ARG H 39 36.44 30.17 52.55
C ARG H 39 37.55 30.99 53.18
N GLU H 40 37.58 31.02 54.50
CA GLU H 40 38.50 31.87 55.24
C GLU H 40 39.96 31.67 54.82
N GLU H 41 40.41 30.43 54.91
CA GLU H 41 41.78 30.09 54.60
C GLU H 41 42.12 30.36 53.14
N ALA H 42 41.16 30.06 52.27
CA ALA H 42 41.33 30.31 50.84
C ALA H 42 41.47 31.81 50.59
N ARG H 43 40.65 32.59 51.28
CA ARG H 43 40.72 34.04 51.18
C ARG H 43 42.10 34.55 51.61
N ARG H 44 42.54 34.17 52.80
CA ARG H 44 43.84 34.60 53.31
C ARG H 44 44.98 34.21 52.37
N ALA H 45 44.95 32.97 51.90
CA ALA H 45 45.99 32.47 51.00
C ALA H 45 46.02 33.25 49.69
N LEU H 46 44.85 33.42 49.07
CA LEU H 46 44.76 34.14 47.82
C LEU H 46 45.22 35.58 48.00
N LYS H 47 44.94 36.14 49.17
CA LYS H 47 45.37 37.49 49.49
C LYS H 47 46.88 37.57 49.66
N ASP H 48 47.47 36.49 50.16
CA ASP H 48 48.92 36.42 50.34
C ASP H 48 49.66 36.15 49.04
N GLY H 49 48.91 35.81 48.00
CA GLY H 49 49.48 35.60 46.69
C GLY H 49 49.88 34.16 46.41
N VAL H 50 49.43 33.25 47.28
CA VAL H 50 49.73 31.84 47.11
C VAL H 50 48.98 31.26 45.91
N ALA H 51 49.70 30.89 44.87
CA ALA H 51 49.07 30.35 43.66
C ALA H 51 48.91 28.83 43.73
N THR H 52 49.58 28.22 44.70
CA THR H 52 49.44 26.78 44.92
C THR H 52 48.52 26.52 46.10
N GLY H 53 48.63 25.34 46.69
CA GLY H 53 47.85 25.00 47.86
C GLY H 53 46.51 24.35 47.52
N GLY H 54 46.03 24.60 46.31
CA GLY H 54 44.79 23.99 45.85
C GLY H 54 43.54 24.80 46.14
N HIS H 55 43.73 26.04 46.58
CA HIS H 55 42.62 26.90 46.94
C HIS H 55 41.71 27.21 45.74
N ALA H 56 40.42 27.35 46.00
CA ALA H 56 39.46 27.75 44.96
C ALA H 56 39.34 29.27 44.96
N VAL H 57 39.26 29.85 43.76
CA VAL H 57 39.22 31.30 43.63
C VAL H 57 37.86 31.88 44.00
N SER H 58 36.84 31.01 44.01
CA SER H 58 35.48 31.44 44.32
C SER H 58 34.65 30.27 44.81
N ARG H 59 33.49 30.57 45.39
CA ARG H 59 32.59 29.55 45.90
C ARG H 59 31.96 28.76 44.76
N GLY H 60 32.05 29.28 43.54
CA GLY H 60 31.51 28.63 42.37
C GLY H 60 31.96 27.19 42.23
N SER H 61 33.23 26.94 42.48
CA SER H 61 33.80 25.60 42.37
C SER H 61 33.12 24.59 43.30
N ALA H 62 32.59 25.09 44.42
CA ALA H 62 31.87 24.26 45.38
C ALA H 62 30.48 23.94 44.84
N LYS H 63 29.89 24.89 44.13
CA LYS H 63 28.59 24.68 43.47
C LYS H 63 28.69 23.63 42.39
N LEU H 64 29.53 23.91 41.39
CA LEU H 64 29.73 23.02 40.25
C LEU H 64 30.06 21.61 40.74
N ARG H 65 30.99 21.53 41.69
CA ARG H 65 31.31 20.28 42.36
C ARG H 65 30.02 19.56 42.76
N TRP H 66 29.24 20.20 43.62
CA TRP H 66 27.96 19.67 44.10
C TRP H 66 27.13 19.09 42.97
N LEU H 67 27.11 19.77 41.83
CA LEU H 67 26.36 19.28 40.66
C LEU H 67 27.05 18.10 39.99
N VAL H 68 28.33 18.27 39.66
CA VAL H 68 29.10 17.20 38.99
C VAL H 68 29.07 15.92 39.82
N GLU H 69 29.31 16.03 41.12
CA GLU H 69 29.30 14.87 42.01
C GLU H 69 27.89 14.37 42.31
N ARG H 70 26.94 14.66 41.42
CA ARG H 70 25.60 14.13 41.54
C ARG H 70 25.04 13.79 40.16
N GLY H 71 25.91 13.81 39.16
CA GLY H 71 25.57 13.33 37.83
C GLY H 71 24.55 14.18 37.09
N TYR H 72 24.41 15.43 37.52
CA TYR H 72 23.53 16.38 36.87
C TYR H 72 24.15 16.87 35.57
N LEU H 73 25.45 16.58 35.40
CA LEU H 73 26.19 16.82 34.16
C LEU H 73 27.58 16.22 34.28
N GLN H 74 28.15 15.79 33.16
CA GLN H 74 29.49 15.23 33.16
C GLN H 74 30.40 15.95 32.18
N PRO H 75 31.21 16.88 32.69
CA PRO H 75 32.08 17.73 31.86
C PRO H 75 33.10 16.94 31.06
N TYR H 76 33.25 17.30 29.79
CA TYR H 76 34.18 16.62 28.88
C TYR H 76 34.61 17.52 27.73
N GLY H 77 35.83 17.30 27.24
CA GLY H 77 36.33 17.98 26.06
C GLY H 77 36.51 19.48 26.18
N LYS H 78 36.07 20.20 25.15
CA LYS H 78 36.18 21.65 25.13
C LYS H 78 35.13 22.28 26.04
N VAL H 79 35.56 23.18 26.92
CA VAL H 79 34.67 23.77 27.90
C VAL H 79 34.61 25.30 27.77
N ILE H 80 33.39 25.83 27.74
CA ILE H 80 33.18 27.27 27.69
C ILE H 80 32.55 27.77 28.98
N ASP H 81 33.20 28.74 29.63
CA ASP H 81 32.67 29.29 30.86
C ASP H 81 32.22 30.74 30.64
N LEU H 82 30.93 30.91 30.37
CA LEU H 82 30.36 32.22 30.12
C LEU H 82 30.15 32.98 31.42
N GLY H 83 30.83 34.11 31.57
CA GLY H 83 30.79 34.85 32.81
C GLY H 83 31.57 34.13 33.87
N CYS H 84 32.80 33.76 33.55
CA CYS H 84 33.62 32.96 34.45
C CYS H 84 34.06 33.74 35.68
N GLY H 85 34.00 35.07 35.59
CA GLY H 85 34.40 35.93 36.68
C GLY H 85 35.81 35.63 37.16
N ARG H 86 35.93 35.24 38.43
CA ARG H 86 37.21 34.87 39.01
C ARG H 86 37.73 33.55 38.43
N GLY H 87 36.81 32.74 37.93
CA GLY H 87 37.16 31.54 37.20
C GLY H 87 37.02 30.21 37.92
N GLY H 88 36.27 30.20 39.01
CA GLY H 88 36.09 29.00 39.82
C GLY H 88 35.60 27.79 39.06
N TRP H 89 34.49 27.96 38.34
CA TRP H 89 33.95 26.90 37.50
C TRP H 89 34.97 26.38 36.52
N SER H 90 35.75 27.31 35.96
CA SER H 90 36.75 26.96 34.96
C SER H 90 37.82 26.06 35.54
N TYR H 91 38.41 26.46 36.66
CA TYR H 91 39.46 25.67 37.29
C TYR H 91 38.92 24.31 37.73
N TYR H 92 37.76 24.29 38.40
CA TYR H 92 37.20 23.02 38.85
C TYR H 92 36.96 22.10 37.65
N ALA H 93 36.52 22.69 36.54
CA ALA H 93 36.31 21.91 35.32
C ALA H 93 37.64 21.37 34.81
N ALA H 94 38.68 22.17 34.92
CA ALA H 94 40.01 21.78 34.47
C ALA H 94 40.58 20.68 35.36
N THR H 95 39.98 20.50 36.54
CA THR H 95 40.37 19.40 37.41
C THR H 95 39.59 18.12 37.13
N ILE H 96 39.13 17.95 35.89
CA ILE H 96 38.38 16.77 35.51
C ILE H 96 39.06 16.02 34.36
N ARG H 97 38.98 14.70 34.38
CA ARG H 97 39.67 13.86 33.40
C ARG H 97 39.20 14.08 31.97
N LYS H 98 37.90 13.91 31.73
CA LYS H 98 37.37 13.99 30.37
C LYS H 98 37.50 15.40 29.81
N VAL H 99 37.64 16.38 30.70
CA VAL H 99 37.81 17.77 30.29
C VAL H 99 39.18 17.99 29.66
N GLN H 100 39.16 18.47 28.42
CA GLN H 100 40.38 18.66 27.65
C GLN H 100 40.80 20.13 27.62
N GLU H 101 39.85 21.01 27.33
CA GLU H 101 40.14 22.44 27.20
C GLU H 101 39.07 23.29 27.88
N VAL H 102 39.51 24.36 28.54
CA VAL H 102 38.60 25.25 29.23
C VAL H 102 38.82 26.71 28.82
N LYS H 103 37.80 27.32 28.24
CA LYS H 103 37.88 28.73 27.85
C LYS H 103 36.84 29.54 28.62
N GLY H 104 37.31 30.43 29.50
CA GLY H 104 36.43 31.27 30.27
C GLY H 104 36.36 32.69 29.71
N TYR H 105 35.21 33.33 29.89
CA TYR H 105 35.03 34.71 29.43
C TYR H 105 34.19 35.51 30.42
N THR H 106 34.70 36.66 30.82
CA THR H 106 33.97 37.51 31.75
C THR H 106 34.03 38.98 31.29
N LYS H 107 33.17 39.79 31.87
CA LYS H 107 33.06 41.19 31.49
C LYS H 107 34.22 42.00 32.05
N GLY H 108 34.50 41.80 33.34
CA GLY H 108 35.56 42.54 34.00
C GLY H 108 35.22 44.02 34.10
N GLY H 109 36.19 44.82 34.53
CA GLY H 109 35.97 46.24 34.70
C GLY H 109 35.35 46.56 36.05
N PRO H 110 35.00 47.84 36.26
CA PRO H 110 34.44 48.31 37.53
C PRO H 110 33.09 47.67 37.87
N GLY H 111 33.04 46.97 39.00
CA GLY H 111 31.81 46.35 39.45
C GLY H 111 31.67 44.90 39.02
N HIS H 112 32.56 44.47 38.13
CA HIS H 112 32.55 43.08 37.67
C HIS H 112 33.86 42.39 38.06
N GLU H 113 33.81 41.07 38.21
CA GLU H 113 34.96 40.32 38.67
C GLU H 113 35.97 40.10 37.55
N GLU H 114 37.23 40.33 37.89
CA GLU H 114 38.34 39.98 37.01
C GLU H 114 38.76 38.56 37.32
N PRO H 115 39.28 37.85 36.31
CA PRO H 115 39.81 36.51 36.56
C PRO H 115 40.92 36.51 37.59
N VAL H 116 41.08 35.38 38.29
CA VAL H 116 42.17 35.25 39.24
C VAL H 116 43.14 34.18 38.74
N LEU H 117 44.42 34.56 38.67
CA LEU H 117 45.47 33.65 38.22
C LEU H 117 45.93 32.73 39.35
N VAL H 118 45.57 31.45 39.25
CA VAL H 118 45.89 30.44 40.25
C VAL H 118 46.43 29.15 39.61
N GLN H 119 47.40 28.51 40.27
CA GLN H 119 48.01 27.32 39.72
C GLN H 119 47.54 26.05 40.42
N SER H 120 46.24 25.78 40.29
CA SER H 120 45.63 24.54 40.76
C SER H 120 45.42 23.56 39.61
N TYR H 121 45.53 22.26 39.89
CA TYR H 121 45.66 21.21 38.89
C TYR H 121 44.83 21.39 37.61
N GLY H 122 45.50 21.39 36.46
CA GLY H 122 44.82 21.38 35.17
C GLY H 122 44.77 22.78 34.61
N TRP H 123 45.57 23.63 35.25
CA TRP H 123 45.34 25.06 35.19
C TRP H 123 46.02 25.68 33.99
N ASN H 124 46.87 24.91 33.32
CA ASN H 124 47.44 25.26 32.00
C ASN H 124 46.48 25.17 30.82
N ILE H 125 45.40 24.39 30.95
CA ILE H 125 44.43 24.27 29.88
C ILE H 125 43.33 25.32 30.02
N VAL H 126 43.39 26.03 31.15
CA VAL H 126 42.48 27.12 31.44
C VAL H 126 42.87 28.37 30.66
N ARG H 127 41.87 29.07 30.13
CA ARG H 127 42.11 30.28 29.36
C ARG H 127 41.04 31.32 29.67
N LEU H 128 41.30 32.14 30.68
CA LEU H 128 40.33 33.15 31.11
C LEU H 128 40.55 34.47 30.40
N LYS H 129 39.50 34.97 29.74
CA LYS H 129 39.58 36.18 28.94
C LYS H 129 38.63 37.25 29.45
N SER H 130 39.18 38.34 29.99
CA SER H 130 38.36 39.42 30.51
C SER H 130 38.02 40.46 29.45
N GLY H 131 37.21 41.44 29.82
CA GLY H 131 36.83 42.51 28.91
C GLY H 131 35.98 42.01 27.76
N VAL H 132 35.16 41.01 28.02
CA VAL H 132 34.36 40.39 26.98
C VAL H 132 32.88 40.35 27.34
N ASP H 133 32.05 40.93 26.48
CA ASP H 133 30.60 40.85 26.64
C ASP H 133 30.07 39.69 25.81
N VAL H 134 29.57 38.66 26.48
CA VAL H 134 29.11 37.47 25.79
C VAL H 134 27.81 37.73 25.03
N PHE H 135 27.10 38.79 25.41
CA PHE H 135 25.87 39.16 24.72
C PHE H 135 26.17 39.67 23.31
N HIS H 136 27.40 40.14 23.11
CA HIS H 136 27.82 40.61 21.80
C HIS H 136 28.92 39.70 21.24
N MET H 137 28.95 38.47 21.74
CA MET H 137 29.98 37.51 21.33
C MET H 137 29.40 36.42 20.44
N ALA H 138 30.10 36.14 19.33
CA ALA H 138 29.69 35.06 18.45
C ALA H 138 29.94 33.71 19.12
N ALA H 139 29.00 32.78 18.92
CA ALA H 139 29.10 31.46 19.53
C ALA H 139 30.08 30.58 18.77
N GLU H 140 30.75 29.69 19.49
CA GLU H 140 31.66 28.74 18.88
C GLU H 140 31.40 27.33 19.44
N PRO H 141 31.53 26.30 18.58
CA PRO H 141 31.25 24.91 18.94
C PRO H 141 32.02 24.42 20.16
N CYS H 142 31.33 23.75 21.08
CA CYS H 142 31.98 23.23 22.27
C CYS H 142 31.22 22.03 22.83
N ASP H 143 31.91 21.26 23.67
CA ASP H 143 31.32 20.07 24.27
C ASP H 143 30.61 20.37 25.58
N THR H 144 31.13 21.36 26.31
CA THR H 144 30.57 21.73 27.61
C THR H 144 30.22 23.21 27.66
N LEU H 145 28.94 23.49 27.84
CA LEU H 145 28.44 24.86 27.90
C LEU H 145 28.08 25.27 29.33
N LEU H 146 28.98 26.02 29.96
CA LEU H 146 28.75 26.54 31.29
C LEU H 146 28.39 28.01 31.22
N CYS H 147 27.42 28.43 32.02
CA CYS H 147 27.04 29.84 32.09
C CYS H 147 26.51 30.15 33.47
N ASP H 148 26.98 31.24 34.06
CA ASP H 148 26.57 31.59 35.42
C ASP H 148 26.22 33.07 35.51
N ILE H 149 25.47 33.56 34.54
CA ILE H 149 25.10 34.96 34.46
C ILE H 149 23.68 35.22 34.96
N GLY H 150 23.54 36.21 35.83
CA GLY H 150 22.24 36.56 36.40
C GLY H 150 22.36 37.35 37.69
N GLU H 151 22.23 38.66 37.58
CA GLU H 151 22.38 39.55 38.74
C GLU H 151 21.05 39.77 39.43
N SER H 152 21.01 39.54 40.74
CA SER H 152 19.77 39.64 41.50
C SER H 152 19.30 41.08 41.64
N SER H 153 17.98 41.24 41.67
CA SER H 153 17.36 42.55 41.82
C SER H 153 16.19 42.48 42.79
N SER H 154 15.75 43.63 43.26
CA SER H 154 14.56 43.71 44.09
C SER H 154 13.31 43.49 43.24
N SER H 155 13.40 43.84 41.97
CA SER H 155 12.26 43.74 41.07
C SER H 155 12.24 42.40 40.34
N PRO H 156 11.11 41.68 40.45
CA PRO H 156 10.91 40.40 39.78
C PRO H 156 10.88 40.57 38.27
N GLU H 157 10.33 41.69 37.80
CA GLU H 157 10.29 41.99 36.37
C GLU H 157 11.70 42.11 35.82
N VAL H 158 12.57 42.73 36.60
CA VAL H 158 13.98 42.87 36.22
C VAL H 158 14.66 41.51 36.09
N GLU H 159 14.56 40.70 37.14
CA GLU H 159 15.17 39.38 37.14
C GLU H 159 14.60 38.51 36.02
N GLU H 160 13.33 38.70 35.71
CA GLU H 160 12.69 37.98 34.62
C GLU H 160 13.31 38.40 33.29
N ALA H 161 13.41 39.70 33.08
CA ALA H 161 14.00 40.27 31.87
C ALA H 161 15.42 39.73 31.66
N ARG H 162 16.25 39.90 32.69
CA ARG H 162 17.62 39.43 32.67
C ARG H 162 17.70 37.95 32.33
N THR H 163 16.92 37.14 33.05
CA THR H 163 16.91 35.70 32.82
C THR H 163 16.58 35.39 31.36
N LEU H 164 15.57 36.08 30.82
CA LEU H 164 15.16 35.90 29.43
C LEU H 164 16.29 36.19 28.45
N ARG H 165 16.92 37.35 28.61
CA ARG H 165 18.04 37.76 27.76
C ARG H 165 19.15 36.71 27.78
N VAL H 166 19.51 36.29 28.99
CA VAL H 166 20.51 35.24 29.17
C VAL H 166 20.13 33.98 28.41
N LEU H 167 18.88 33.57 28.54
CA LEU H 167 18.39 32.35 27.91
C LEU H 167 18.47 32.43 26.39
N SER H 168 18.17 33.59 25.81
CA SER H 168 18.36 33.79 24.38
C SER H 168 19.82 33.59 24.01
N MET H 169 20.66 34.35 24.71
CA MET H 169 22.10 34.34 24.47
C MET H 169 22.70 32.93 24.48
N VAL H 170 22.32 32.13 25.48
CA VAL H 170 22.83 30.76 25.58
C VAL H 170 22.10 29.81 24.64
N GLY H 171 20.93 30.24 24.18
CA GLY H 171 20.20 29.46 23.18
C GLY H 171 21.02 29.44 21.91
N ASP H 172 21.61 30.58 21.59
CA ASP H 172 22.55 30.68 20.47
C ASP H 172 23.66 29.63 20.56
N TRP H 173 24.18 29.43 21.77
CA TRP H 173 25.27 28.49 22.00
C TRP H 173 24.80 27.04 21.97
N LEU H 174 23.62 26.80 22.50
CA LEU H 174 23.03 25.46 22.52
C LEU H 174 22.68 25.00 21.12
N GLU H 175 22.51 25.95 20.20
CA GLU H 175 22.20 25.63 18.82
C GLU H 175 23.34 24.85 18.14
N LYS H 176 24.55 24.99 18.66
CA LYS H 176 25.70 24.24 18.15
C LYS H 176 25.77 22.88 18.84
N ARG H 177 24.78 22.63 19.69
CA ARG H 177 24.50 21.31 20.22
C ARG H 177 25.63 20.65 21.02
N PRO H 178 25.80 21.06 22.28
CA PRO H 178 26.39 20.19 23.31
C PRO H 178 25.30 19.19 23.72
N GLY H 179 25.59 18.13 24.47
CA GLY H 179 26.86 17.90 25.13
C GLY H 179 26.57 17.85 26.62
N ALA H 180 27.45 18.46 27.40
CA ALA H 180 27.18 18.70 28.81
C ALA H 180 26.96 20.19 29.00
N PHE H 181 25.94 20.60 29.76
CA PHE H 181 25.75 22.03 29.98
C PHE H 181 25.14 22.35 31.35
N CYS H 182 25.53 23.51 31.88
CA CYS H 182 25.02 23.99 33.15
C CYS H 182 24.79 25.50 33.07
N ILE H 183 23.53 25.89 33.02
CA ILE H 183 23.17 27.29 32.81
C ILE H 183 22.41 27.86 34.00
N LYS H 184 22.87 29.00 34.50
CA LYS H 184 22.20 29.66 35.61
C LYS H 184 20.91 30.30 35.16
N VAL H 185 19.84 29.99 35.88
CA VAL H 185 18.54 30.61 35.65
C VAL H 185 18.16 31.37 36.91
N LEU H 186 18.34 32.68 36.85
CA LEU H 186 18.14 33.54 38.01
C LEU H 186 16.70 33.51 38.51
N CYS H 187 15.77 33.84 37.63
CA CYS H 187 14.36 33.91 37.98
C CYS H 187 13.54 32.92 37.17
N PRO H 188 13.28 31.74 37.74
CA PRO H 188 12.44 30.72 37.11
C PRO H 188 11.05 30.64 37.73
N TYR H 189 10.62 31.67 38.44
CA TYR H 189 9.39 31.56 39.22
C TYR H 189 8.22 32.40 38.71
N THR H 190 8.33 32.91 37.48
CA THR H 190 7.19 33.58 36.87
C THR H 190 6.57 32.67 35.81
N SER H 191 5.35 32.99 35.39
CA SER H 191 4.61 32.14 34.45
C SER H 191 5.34 32.01 33.11
N THR H 192 5.69 33.15 32.53
CA THR H 192 6.39 33.17 31.24
C THR H 192 7.73 32.44 31.31
N MET H 193 8.40 32.57 32.45
CA MET H 193 9.67 31.89 32.65
C MET H 193 9.50 30.37 32.63
N MET H 194 8.53 29.87 33.38
CA MET H 194 8.24 28.44 33.40
C MET H 194 7.81 27.94 32.02
N GLU H 195 7.07 28.76 31.30
CA GLU H 195 6.60 28.42 29.97
C GLU H 195 7.77 28.25 29.00
N THR H 196 8.61 29.29 28.91
CA THR H 196 9.76 29.27 28.02
C THR H 196 10.78 28.21 28.45
N LEU H 197 10.78 27.87 29.73
CA LEU H 197 11.68 26.84 30.22
C LEU H 197 11.17 25.45 29.88
N GLU H 198 9.85 25.28 29.86
CA GLU H 198 9.27 24.04 29.38
C GLU H 198 9.59 23.87 27.92
N ARG H 199 9.42 24.97 27.19
CA ARG H 199 9.74 25.02 25.76
C ARG H 199 11.20 24.64 25.48
N LEU H 200 12.10 25.27 26.22
CA LEU H 200 13.53 25.04 26.03
C LEU H 200 13.93 23.64 26.48
N GLN H 201 13.19 23.09 27.43
CA GLN H 201 13.45 21.73 27.87
C GLN H 201 12.86 20.73 26.90
N ARG H 202 11.98 21.20 26.02
CA ARG H 202 11.48 20.34 24.96
C ARG H 202 12.40 20.41 23.74
N ARG H 203 12.98 21.57 23.52
CA ARG H 203 13.90 21.76 22.39
C ARG H 203 15.26 21.15 22.70
N TYR H 204 15.79 21.45 23.87
CA TYR H 204 17.03 20.82 24.35
C TYR H 204 16.73 19.95 25.56
N GLY H 205 17.67 19.10 25.94
CA GLY H 205 17.45 18.21 27.06
C GLY H 205 17.51 18.93 28.40
N GLY H 206 17.87 18.19 29.44
CA GLY H 206 18.15 18.80 30.73
C GLY H 206 16.99 19.06 31.65
N GLY H 207 17.27 19.70 32.78
CA GLY H 207 16.27 20.03 33.78
C GLY H 207 16.81 20.98 34.83
N LEU H 208 15.91 21.53 35.64
CA LEU H 208 16.27 22.50 36.67
C LEU H 208 16.66 21.84 37.99
N VAL H 209 17.71 22.36 38.61
CA VAL H 209 18.21 21.83 39.87
C VAL H 209 18.57 22.93 40.86
N ARG H 210 17.95 22.90 42.03
CA ARG H 210 18.26 23.87 43.08
C ARG H 210 19.46 23.42 43.89
N VAL H 211 20.53 24.20 43.83
CA VAL H 211 21.72 23.90 44.62
C VAL H 211 21.59 24.53 46.00
N PRO H 212 21.64 23.70 47.05
CA PRO H 212 21.53 24.17 48.43
C PRO H 212 22.63 25.15 48.83
N LEU H 213 23.67 25.27 48.01
CA LEU H 213 24.75 26.22 48.27
C LEU H 213 24.29 27.64 47.97
N SER H 214 23.23 27.77 47.17
CA SER H 214 22.63 29.06 46.89
C SER H 214 21.96 29.60 48.14
N ARG H 215 21.95 30.92 48.28
CA ARG H 215 21.38 31.53 49.46
C ARG H 215 19.86 31.61 49.36
N ASN H 216 19.22 31.94 50.48
CA ASN H 216 17.76 32.05 50.51
C ASN H 216 17.28 33.33 49.86
N SER H 217 18.20 34.28 49.73
CA SER H 217 17.89 35.58 49.15
C SER H 217 17.66 35.47 47.64
N THR H 218 18.11 34.37 47.05
CA THR H 218 17.99 34.19 45.61
C THR H 218 17.19 32.92 45.27
N HIS H 219 16.55 32.94 44.11
CA HIS H 219 15.71 31.84 43.64
C HIS H 219 16.36 31.13 42.47
N GLU H 220 17.67 31.30 42.34
CA GLU H 220 18.43 30.77 41.22
C GLU H 220 18.37 29.25 41.15
N MET H 221 18.02 28.74 39.98
CA MET H 221 18.06 27.29 39.74
C MET H 221 18.96 27.03 38.56
N TYR H 222 19.50 25.82 38.47
CA TYR H 222 20.48 25.54 37.43
C TYR H 222 19.98 24.52 36.42
N TRP H 223 19.85 24.98 35.19
CA TRP H 223 19.45 24.14 34.06
C TRP H 223 20.64 23.31 33.60
N VAL H 224 20.67 22.03 34.00
CA VAL H 224 21.77 21.15 33.68
C VAL H 224 21.33 19.98 32.81
N SER H 225 22.26 19.36 32.10
CA SER H 225 21.93 18.34 31.10
C SER H 225 21.58 16.98 31.71
N GLY H 226 22.41 16.50 32.63
CA GLY H 226 22.26 15.18 33.20
C GLY H 226 21.08 15.05 34.14
N ALA H 227 20.36 16.16 34.29
CA ALA H 227 19.13 16.14 35.06
C ALA H 227 17.92 16.10 34.16
N LYS H 228 16.86 15.55 34.72
CA LYS H 228 15.62 15.40 33.96
C LYS H 228 14.45 15.52 34.91
N SER H 229 13.67 16.57 34.73
CA SER H 229 12.66 16.91 35.70
C SER H 229 11.56 17.78 35.12
N ASN H 230 10.47 17.84 35.85
CA ASN H 230 9.36 18.70 35.48
C ASN H 230 9.65 20.10 35.99
N THR H 231 9.60 21.08 35.10
CA THR H 231 9.97 22.46 35.44
C THR H 231 9.13 22.99 36.59
N ILE H 232 7.82 23.06 36.36
CA ILE H 232 6.87 23.57 37.34
C ILE H 232 7.01 22.92 38.71
N LYS H 233 7.25 21.61 38.74
CA LYS H 233 7.35 20.86 39.98
C LYS H 233 8.59 21.26 40.79
N SER H 234 9.74 21.25 40.13
CA SER H 234 11.01 21.58 40.80
C SER H 234 11.02 23.04 41.25
N VAL H 235 10.55 23.92 40.36
CA VAL H 235 10.44 25.33 40.69
C VAL H 235 9.55 25.54 41.92
N SER H 236 8.33 25.00 41.88
CA SER H 236 7.38 25.21 42.96
C SER H 236 7.83 24.58 44.27
N THR H 237 8.58 23.48 44.19
CA THR H 237 9.08 22.87 45.42
C THR H 237 10.17 23.74 46.01
N THR H 238 10.98 24.34 45.14
CA THR H 238 11.99 25.29 45.59
C THR H 238 11.32 26.48 46.28
N SER H 239 10.30 27.02 45.63
CA SER H 239 9.49 28.10 46.19
C SER H 239 8.95 27.71 47.56
N GLN H 240 8.45 26.48 47.66
CA GLN H 240 7.94 25.96 48.91
C GLN H 240 9.00 25.99 50.00
N LEU H 241 10.22 25.56 49.65
CA LEU H 241 11.32 25.54 50.61
C LEU H 241 11.69 26.94 51.09
N LEU H 242 11.92 27.84 50.14
CA LEU H 242 12.29 29.22 50.47
C LEU H 242 11.23 29.89 51.31
N LEU H 243 9.96 29.62 50.98
CA LEU H 243 8.84 30.16 51.75
C LEU H 243 8.84 29.59 53.17
N GLY H 244 9.15 28.31 53.27
CA GLY H 244 9.17 27.61 54.55
C GLY H 244 10.27 28.08 55.47
N ARG H 245 11.35 28.58 54.88
CA ARG H 245 12.45 29.11 55.69
C ARG H 245 12.22 30.56 56.10
N MET H 246 10.99 31.05 55.91
CA MET H 246 10.66 32.42 56.29
C MET H 246 9.68 32.49 57.48
N ASP H 247 9.39 31.34 58.08
CA ASP H 247 8.40 31.29 59.15
C ASP H 247 8.97 30.78 60.48
N GLY H 248 9.69 29.67 60.43
CA GLY H 248 10.21 29.06 61.63
C GLY H 248 11.37 29.83 62.24
N PRO H 249 12.11 29.18 63.15
CA PRO H 249 13.33 29.75 63.71
C PRO H 249 14.49 29.62 62.73
N ARG H 250 15.60 30.29 63.01
CA ARG H 250 16.74 30.23 62.11
C ARG H 250 17.37 28.85 62.11
N ARG H 251 17.21 28.13 61.00
CA ARG H 251 17.86 26.84 60.84
C ARG H 251 19.36 27.03 60.66
N PRO H 252 20.16 26.21 61.35
CA PRO H 252 21.62 26.35 61.32
C PRO H 252 22.21 25.99 59.95
N VAL H 253 23.34 26.60 59.62
CA VAL H 253 24.02 26.35 58.36
C VAL H 253 24.88 25.09 58.41
N LYS H 254 24.79 24.29 57.36
CA LYS H 254 25.60 23.08 57.22
C LYS H 254 26.96 23.42 56.60
N TYR H 255 27.95 23.71 57.44
CA TYR H 255 29.27 24.12 56.94
C TYR H 255 30.02 22.98 56.27
N GLU H 256 30.03 23.01 54.95
CA GLU H 256 30.75 22.03 54.15
C GLU H 256 32.20 22.49 53.99
N GLU H 257 33.09 21.55 53.67
CA GLU H 257 34.49 21.86 53.43
C GLU H 257 34.67 22.55 52.09
N ASP H 258 35.72 23.37 51.98
CA ASP H 258 36.05 24.00 50.72
C ASP H 258 36.77 23.02 49.81
N VAL H 259 36.42 23.01 48.54
CA VAL H 259 37.03 22.10 47.59
C VAL H 259 38.49 22.48 47.32
N ASN H 260 39.37 21.49 47.30
CA ASN H 260 40.76 21.69 46.95
C ASN H 260 41.07 21.11 45.57
N LEU H 261 41.49 21.97 44.65
CA LEU H 261 41.72 21.56 43.27
C LEU H 261 43.17 21.14 43.05
N GLY H 262 43.94 21.10 44.15
CA GLY H 262 45.31 20.64 44.09
C GLY H 262 46.23 21.58 43.32
N SER H 263 47.22 21.01 42.66
CA SER H 263 48.13 21.78 41.83
C SER H 263 48.79 20.88 40.80
N GLY H 264 49.50 21.48 39.85
CA GLY H 264 50.17 20.73 38.81
C GLY H 264 49.52 20.94 37.45
N THR H 265 50.20 20.50 36.40
CA THR H 265 49.67 20.65 35.05
C THR H 265 49.05 19.37 34.53
N ARG H 266 48.52 19.42 33.32
CA ARG H 266 47.97 18.23 32.68
C ARG H 266 48.52 18.05 31.28
N SAM I . 20.58 -16.71 -14.69
CA SAM I . 21.66 -15.83 -14.27
C SAM I . 22.32 -16.32 -12.98
O SAM I . 22.05 -17.42 -12.52
OXT SAM I . 23.13 -15.62 -12.37
CB SAM I . 21.16 -14.38 -14.15
CG SAM I . 19.65 -14.26 -14.07
SD SAM I . 19.03 -12.59 -13.82
CE SAM I . 17.38 -12.90 -13.13
C5' SAM I . 18.56 -12.08 -15.50
C4' SAM I . 19.56 -11.17 -16.18
O4' SAM I . 19.28 -11.10 -17.56
C3' SAM I . 19.53 -9.75 -15.66
O3' SAM I . 20.73 -9.50 -14.98
C2' SAM I . 19.49 -8.87 -16.88
O2' SAM I . 20.56 -7.96 -16.86
C1' SAM I . 19.66 -9.83 -18.04
N9 SAM I . 18.77 -9.47 -19.14
C8 SAM I . 17.48 -9.06 -19.05
N7 SAM I . 17.01 -8.82 -20.29
C5 SAM I . 17.99 -9.09 -21.17
C6 SAM I . 18.05 -9.02 -22.55
N6 SAM I . 16.99 -8.63 -23.25
N1 SAM I . 19.22 -9.35 -23.19
C2 SAM I . 20.33 -9.75 -22.47
N3 SAM I . 20.26 -9.82 -21.09
C4 SAM I . 19.11 -9.49 -20.46
N SAM J . -10.97 20.61 7.59
CA SAM J . -9.90 21.49 8.06
C SAM J . -9.28 20.98 9.36
O SAM J . -9.49 19.83 9.76
OXT SAM J . -8.56 21.69 10.05
CB SAM J . -10.41 22.92 8.19
CG SAM J . -11.93 23.03 8.17
SD SAM J . -12.55 24.72 8.34
CE SAM J . -14.21 24.43 9.02
C5' SAM J . -13.00 25.17 6.65
C4' SAM J . -12.02 26.11 5.98
O4' SAM J . -12.34 26.25 4.62
C3' SAM J . -12.01 27.51 6.55
O3' SAM J . -10.79 27.72 7.22
C2' SAM J . -12.05 28.44 5.37
O2' SAM J . -10.95 29.31 5.41
C1' SAM J . -11.93 27.53 4.17
N9 SAM J . -12.82 27.94 3.10
C8 SAM J . -14.10 28.40 3.21
N7 SAM J . -14.57 28.67 1.97
C5 SAM J . -13.60 28.38 1.09
C6 SAM J . -13.55 28.47 -0.30
N6 SAM J . -14.61 28.92 -0.97
N1 SAM J . -12.40 28.10 -0.96
C2 SAM J . -11.31 27.66 -0.25
N3 SAM J . -11.37 27.56 1.13
C4 SAM J . -12.49 27.93 1.78
N SAM K . -16.49 5.66 -25.83
CA SAM K . -17.12 6.30 -24.68
C SAM K . -17.63 7.70 -25.01
O SAM K . -17.82 8.04 -26.18
OXT SAM K . -17.85 8.52 -24.12
CB SAM K . -16.21 6.32 -23.45
CG SAM K . -14.75 5.99 -23.72
SD SAM K . -13.69 5.99 -22.26
CE SAM K . -12.06 6.33 -22.98
C5' SAM K . -13.50 4.22 -21.91
C4' SAM K . -14.33 3.73 -20.73
O4' SAM K . -14.28 2.33 -20.65
C3' SAM K . -13.83 4.27 -19.41
O3' SAM K . -14.75 5.22 -18.93
C2' SAM K . -13.79 3.09 -18.47
O2' SAM K . -14.60 3.31 -17.35
C1' SAM K . -14.37 1.95 -19.29
N9 SAM K . -13.57 0.74 -19.10
C8 SAM K . -12.22 0.65 -18.94
N7 SAM K . -11.89 -0.64 -18.81
C5 SAM K . -13.00 -1.39 -18.89
C6 SAM K . -13.23 -2.75 -18.82
N6 SAM K . -12.21 -3.59 -18.64
N1 SAM K . -14.50 -3.23 -18.94
C2 SAM K . -15.56 -2.36 -19.13
N3 SAM K . -15.34 -1.00 -19.20
C4 SAM K . -14.07 -0.52 -19.08
N SAM L . -26.14 -20.06 6.68
CA SAM L . -25.70 -21.41 6.31
C SAM L . -24.74 -21.38 5.12
O SAM L . -24.24 -20.33 4.71
OXT SAM L . -24.41 -22.42 4.53
CB SAM L . -26.89 -22.34 6.05
CG SAM L . -28.21 -21.62 5.79
SD SAM L . -29.63 -22.72 5.49
CE SAM L . -30.72 -21.63 4.55
C5' SAM L . -30.47 -22.73 7.08
C4' SAM L . -30.34 -24.07 7.81
O4' SAM L . -30.72 -23.95 9.17
C3' SAM L . -31.19 -25.18 7.22
O3' SAM L . -30.37 -26.06 6.50
C2' SAM L . -31.76 -25.92 8.42
O2' SAM L . -31.31 -27.25 8.41
C1' SAM L . -31.20 -25.20 9.61
N9 SAM L . -32.26 -24.96 10.57
C8 SAM L . -33.55 -24.63 10.27
N7 SAM L . -34.24 -24.48 11.42
C5 SAM L . -33.39 -24.70 12.45
C6 SAM L . -33.57 -24.67 13.82
N6 SAM L . -34.75 -24.40 14.33
N1 SAM L . -32.50 -24.95 14.66
C2 SAM L . -31.26 -25.24 14.11
N3 SAM L . -31.09 -25.27 12.74
C4 SAM L . -32.14 -25.00 11.93
N SAM M . 16.83 -10.81 35.04
CA SAM M . 17.13 -12.22 34.77
C SAM M . 18.24 -12.38 33.73
O SAM M . 19.05 -11.47 33.50
OXT SAM M . 18.36 -13.44 33.10
CB SAM M . 15.87 -13.00 34.35
CG SAM M . 14.66 -12.16 34.00
SD SAM M . 13.20 -13.12 33.53
CE SAM M . 12.28 -11.90 32.57
C5' SAM M . 12.20 -13.15 35.03
C4' SAM M . 12.23 -14.48 35.79
O4' SAM M . 11.62 -14.33 37.04
C3' SAM M . 11.48 -15.58 35.08
O3' SAM M . 12.40 -16.49 34.54
C2' SAM M . 10.66 -16.26 36.14
O2' SAM M . 11.02 -17.62 36.26
C1' SAM M . 11.01 -15.54 37.42
N9 SAM M . 9.81 -15.25 38.19
C8 SAM M . 8.58 -14.89 37.72
N7 SAM M . 7.75 -14.70 38.76
C5 SAM M . 8.43 -14.93 39.90
C6 SAM M . 8.08 -14.89 41.24
N6 SAM M . 6.84 -14.56 41.60
N1 SAM M . 9.02 -15.19 42.20
C2 SAM M . 10.31 -15.53 41.84
N3 SAM M . 10.66 -15.58 40.50
C4 SAM M . 9.73 -15.28 39.56
N SAM N . 27.27 16.46 1.11
CA SAM N . 26.50 17.09 2.18
C SAM N . 26.21 18.56 1.87
O SAM N . 26.46 19.02 0.76
OXT SAM N . 25.73 19.31 2.72
CB SAM N . 27.21 16.94 3.53
CG SAM N . 28.68 16.54 3.42
SD SAM N . 29.55 16.47 5.01
CE SAM N . 31.26 16.76 4.47
C5' SAM N . 29.63 14.70 5.36
C4' SAM N . 28.70 14.29 6.48
O4' SAM N . 28.53 12.88 6.51
C3' SAM N . 29.20 14.67 7.87
O3' SAM N . 28.45 15.76 8.36
C2' SAM N . 28.93 13.46 8.74
O2' SAM N . 28.03 13.82 9.77
C1' SAM N . 28.27 12.47 7.82
N9 SAM N . 28.88 11.16 7.99
C8 SAM N . 30.20 10.90 8.22
N7 SAM N . 30.37 9.57 8.30
C5 SAM N . 29.16 8.98 8.11
C6 SAM N . 28.78 7.65 8.08
N6 SAM N . 29.67 6.70 8.27
N1 SAM N . 27.45 7.34 7.86
C2 SAM N . 26.53 8.35 7.65
N3 SAM N . 26.93 9.68 7.69
C4 SAM N . 28.23 9.97 7.91
N SAM O . -26.18 -27.70 -42.25
CA SAM O . -25.02 -26.96 -41.78
C SAM O . -24.27 -27.71 -40.66
O SAM O . -24.58 -28.86 -40.36
OXT SAM O . -23.34 -27.19 -40.04
CB SAM O . -25.37 -25.53 -41.38
CG SAM O . -26.86 -25.22 -41.46
SD SAM O . -27.29 -23.50 -41.06
CE SAM O . -28.88 -23.75 -40.23
C5' SAM O . -27.85 -22.83 -42.65
C4' SAM O . -26.83 -21.93 -43.32
O4' SAM O . -27.17 -21.68 -44.67
C3' SAM O . -26.67 -20.55 -42.70
O3' SAM O . -25.48 -20.51 -41.95
C2' SAM O . -26.53 -19.59 -43.85
O2' SAM O . -25.29 -18.94 -43.77
C1' SAM O . -26.57 -20.48 -45.08
N9 SAM O . -27.39 -19.87 -46.12
C8 SAM O . -28.55 -19.17 -45.94
N7 SAM O . -29.02 -18.80 -47.14
C5 SAM O . -28.18 -19.26 -48.09
C6 SAM O . -28.18 -19.16 -49.47
N6 SAM O . -29.16 -18.52 -50.08
N1 SAM O . -27.17 -19.73 -50.19
C2 SAM O . -26.15 -20.40 -49.55
N3 SAM O . -26.15 -20.50 -48.17
C4 SAM O . -27.15 -19.94 -47.46
N SAM P . 30.79 30.97 37.62
CA SAM P . 31.91 31.83 38.02
C SAM P . 32.71 31.22 39.19
O SAM P . 32.63 30.02 39.46
OXT SAM P . 33.45 31.92 39.88
CB SAM P . 31.46 33.26 38.33
CG SAM P . 29.94 33.49 38.30
SD SAM P . 29.43 35.19 38.64
CE SAM P . 27.79 34.91 39.35
C5' SAM P . 28.98 35.86 37.02
C4' SAM P . 30.00 36.81 36.42
O4' SAM P . 29.75 37.06 35.05
C3' SAM P . 30.01 38.18 37.08
O3' SAM P . 31.16 38.32 37.87
C2' SAM P . 30.09 39.19 35.95
O2' SAM P . 31.25 39.98 36.09
C1' SAM P . 30.21 38.34 34.70
N9 SAM P . 29.30 38.87 33.68
C8 SAM P . 28.10 39.45 33.89
N7 SAM P . 27.56 39.80 32.69
C5 SAM P . 28.42 39.41 31.73
C6 SAM P . 28.38 39.52 30.35
N6 SAM P . 27.34 40.08 29.77
N1 SAM P . 29.43 39.04 29.60
C2 SAM P . 30.52 38.45 30.22
N3 SAM P . 30.56 38.35 31.60
C4 SAM P . 29.52 38.83 32.33
#